data_7L2C
#
_entry.id   7L2C
#
_cell.length_a   66.791
_cell.length_b   115.785
_cell.length_c   137.606
_cell.angle_alpha   90.00
_cell.angle_beta   99.97
_cell.angle_gamma   90.00
#
_symmetry.space_group_name_H-M   'P 1 21 1'
#
loop_
_entity.id
_entity.type
_entity.pdbx_description
1 polymer 'Spike glycoprotein'
2 polymer '2-51 heavy chain'
3 polymer '2-51 light chain'
4 branched 2-acetamido-2-deoxy-beta-D-glucopyranose-(1-4)-2-acetamido-2-deoxy-beta-D-glucopyranose
5 non-polymer 2-acetamido-2-deoxy-beta-D-glucopyranose
6 non-polymer 'CALCIUM ION'
7 non-polymer 'ACETATE ION'
8 non-polymer 'CACODYLATE ION'
9 non-polymer 'TRIETHYLENE GLYCOL'
10 water water
#
loop_
_entity_poly.entity_id
_entity_poly.type
_entity_poly.pdbx_seq_one_letter_code
_entity_poly.pdbx_strand_id
1 'polypeptide(L)'
;MFVFLVLLPLVSSQCVNLTTRTQLPPAYTNSFTRGVYYPDKVFRSSVLHSTQDLFLPFFSNVTWFHAIHVSGTNGTKRFD
NPVLPFNDGVYFASTEKSNIIRGWIFGTTLDSKTQSLLIVNNATNVVIKVCEFQFCNDPFLGVYYHKNNKSWMESEFRVY
SSANNCTFEYVSQPFLMDLEGKQGNFKNLREFVFKNIDGYFKIYSKHTPINLVRDLPQGFSALEPLVDLPIGINITRFQT
LLALHRSYLTPGDSSSGWTAGAAAYYVGYLQPRTFLLKYNENGTITDAVDCALDPLSETKCTLKSFTVEKGIYQTSNFRV
QPTESIVRFPNITNGSLEVLFQ
;
A,B
2 'polypeptide(L)'
;QVQLVQSGAEVKKPGASVKVSCKVSGYTLIELSMHWVRQAPGKGLEWMGGFDPEDVETIYAQQFQGRVTMTEDTSTDTAY
MELSSLRSEDTAVYYCATGWAYKSTWYFGYWGQGTLVTVSSASTKGPSVFPLAPSSKSTSGGTAALGCLVKDYFPEPVTV
SWNSGALTSGVHTFPAVLQSSGLYSLSSVVTVPSSSLGTQTYICNVNHKPSNTKVDKKVEPKSCDKT
;
H,C
3 'polypeptide(L)'
;QSALTQPPSASGSPGQSVTISCTGTSSDVGGYNYVSWYQQHPGKAPKLMIYEVSKRPSGVPDRFSGSKSGNTASLTVSGL
QAEDEADYYCSSYAGSRMGFGGGTKLTVLGQPKAAPSVTLFPPSSEELQANKATLVCLISDFYPGAVTVAWKADSSPVKA
GVETTTPSKQSNNKYAASSYLSLTPEQWKSHRSYSCQVTHEGSTVEKTVAPTECS
;
L,D
#
# COMPACT_ATOMS: atom_id res chain seq x y z
N GLN A 14 1.23 20.07 -8.36
CA GLN A 14 0.81 21.38 -7.88
C GLN A 14 1.78 22.45 -8.36
N CYS A 15 1.35 23.30 -9.29
CA CYS A 15 2.15 24.44 -9.71
C CYS A 15 1.24 25.65 -9.79
N VAL A 16 1.80 26.81 -9.44
CA VAL A 16 1.07 28.06 -9.39
C VAL A 16 1.72 28.98 -10.42
N ASN A 17 0.93 29.69 -11.20
CA ASN A 17 1.48 30.67 -12.12
C ASN A 17 1.50 32.03 -11.45
N LEU A 18 2.70 32.58 -11.27
CA LEU A 18 2.90 33.84 -10.54
C LEU A 18 3.89 34.70 -11.31
N THR A 19 3.38 35.68 -12.06
CA THR A 19 4.20 36.78 -12.59
C THR A 19 3.44 38.09 -12.47
N THR A 20 4.11 39.14 -12.94
CA THR A 20 3.48 40.39 -13.36
C THR A 20 3.94 40.66 -14.78
N ARG A 21 3.01 41.15 -15.61
CA ARG A 21 3.29 41.28 -17.05
C ARG A 21 4.42 42.26 -17.32
N THR A 22 4.32 43.46 -16.76
CA THR A 22 5.36 44.46 -16.93
C THR A 22 6.60 44.01 -16.18
N GLN A 23 7.71 44.02 -16.90
CA GLN A 23 8.94 43.37 -16.52
C GLN A 23 9.88 44.54 -16.23
N LEU A 24 10.42 44.60 -15.00
CA LEU A 24 11.06 45.81 -14.48
C LEU A 24 12.23 46.25 -15.36
N PRO A 25 12.54 47.54 -15.43
CA PRO A 25 13.70 47.97 -16.23
C PRO A 25 14.99 47.38 -15.69
N PRO A 26 15.91 46.99 -16.57
CA PRO A 26 17.15 46.35 -16.11
C PRO A 26 18.03 47.32 -15.35
N ALA A 27 18.10 47.13 -14.03
CA ALA A 27 18.82 48.06 -13.15
C ALA A 27 20.28 47.67 -13.07
N TYR A 28 21.16 48.66 -13.25
CA TYR A 28 22.60 48.46 -13.29
C TYR A 28 23.26 49.11 -12.08
N THR A 29 24.50 48.68 -11.81
CA THR A 29 25.40 49.31 -10.84
C THR A 29 26.82 48.86 -11.15
N ASN A 30 27.74 49.12 -10.22
CA ASN A 30 29.17 48.90 -10.43
C ASN A 30 29.74 47.95 -9.37
N SER A 31 30.69 47.12 -9.79
CA SER A 31 31.36 46.16 -8.90
C SER A 31 32.68 46.81 -8.50
N PHE A 32 32.78 47.34 -7.27
CA PHE A 32 33.98 48.11 -6.93
C PHE A 32 35.26 47.29 -6.92
N THR A 33 35.44 46.39 -5.96
CA THR A 33 36.62 45.53 -6.10
C THR A 33 36.21 44.14 -5.59
N ARG A 34 34.92 43.86 -5.66
CA ARG A 34 34.33 42.62 -5.17
C ARG A 34 34.62 41.53 -6.18
N GLY A 35 34.58 40.29 -5.73
CA GLY A 35 34.71 39.16 -6.64
C GLY A 35 36.08 38.53 -6.73
N VAL A 36 36.94 38.76 -5.74
CA VAL A 36 38.26 38.14 -5.69
C VAL A 36 38.13 36.89 -4.84
N TYR A 37 38.39 35.73 -5.43
CA TYR A 37 38.27 34.48 -4.70
C TYR A 37 39.63 33.83 -4.62
N TYR A 38 39.80 32.97 -3.63
CA TYR A 38 41.03 32.19 -3.54
C TYR A 38 41.04 31.20 -4.70
N PRO A 39 41.88 31.39 -5.73
CA PRO A 39 41.82 30.50 -6.89
C PRO A 39 42.45 29.15 -6.62
N ASP A 40 43.20 29.05 -5.54
CA ASP A 40 43.96 27.89 -5.11
C ASP A 40 43.54 27.63 -3.65
N LYS A 41 44.16 26.65 -3.02
CA LYS A 41 44.04 26.58 -1.56
C LYS A 41 45.34 26.18 -0.87
N VAL A 42 46.48 26.21 -1.55
CA VAL A 42 47.76 25.98 -0.89
C VAL A 42 48.30 27.31 -0.38
N PHE A 43 48.72 27.30 0.87
CA PHE A 43 49.03 28.51 1.63
C PHE A 43 50.32 29.18 1.15
N ARG A 44 50.26 30.50 0.94
CA ARG A 44 51.43 31.32 0.60
C ARG A 44 51.54 32.47 1.59
N SER A 45 52.78 32.85 1.91
CA SER A 45 53.03 33.87 2.93
C SER A 45 53.72 35.08 2.31
N SER A 46 53.00 36.22 2.31
CA SER A 46 53.48 37.53 1.84
C SER A 46 54.03 37.47 0.42
N VAL A 47 53.26 36.84 -0.47
CA VAL A 47 53.66 36.63 -1.86
C VAL A 47 52.68 37.36 -2.77
N LEU A 48 53.20 38.02 -3.80
CA LEU A 48 52.41 38.62 -4.86
C LEU A 48 52.50 37.72 -6.08
N HIS A 49 51.44 36.96 -6.35
CA HIS A 49 51.43 35.88 -7.33
C HIS A 49 50.35 36.11 -8.36
N SER A 50 50.64 35.79 -9.61
CA SER A 50 49.75 36.09 -10.73
C SER A 50 49.08 34.83 -11.24
N THR A 51 47.76 34.88 -11.39
CA THR A 51 46.98 33.75 -11.90
C THR A 51 45.97 34.24 -12.92
N GLN A 52 45.86 33.50 -14.03
CA GLN A 52 44.82 33.72 -15.02
C GLN A 52 43.66 32.78 -14.73
N ASP A 53 42.48 33.35 -14.50
CA ASP A 53 41.33 32.56 -14.06
C ASP A 53 40.06 33.32 -14.41
N LEU A 54 38.92 32.69 -14.13
CA LEU A 54 37.61 33.29 -14.35
C LEU A 54 37.30 34.21 -13.17
N PHE A 55 37.66 35.47 -13.32
CA PHE A 55 37.40 36.47 -12.28
C PHE A 55 36.24 37.37 -12.68
N LEU A 56 35.64 37.98 -11.67
CA LEU A 56 34.81 39.14 -11.94
C LEU A 56 35.76 40.27 -12.28
N PRO A 57 35.63 40.90 -13.48
CA PRO A 57 36.33 42.16 -13.78
C PRO A 57 36.32 43.13 -12.60
N PHE A 58 37.48 43.69 -12.18
CA PHE A 58 37.47 44.76 -11.17
C PHE A 58 36.45 45.88 -11.25
N PHE A 59 36.19 46.53 -12.36
CA PHE A 59 35.09 47.47 -12.31
C PHE A 59 34.16 47.07 -13.43
N SER A 60 32.95 46.64 -13.08
CA SER A 60 32.06 46.09 -14.09
C SER A 60 30.63 46.50 -13.84
N ASN A 61 29.78 46.16 -14.80
CA ASN A 61 28.38 46.58 -14.81
C ASN A 61 27.51 45.37 -14.44
N VAL A 62 27.32 45.18 -13.14
CA VAL A 62 26.48 44.10 -12.64
C VAL A 62 25.04 44.59 -12.53
N THR A 63 24.11 43.64 -12.51
CA THR A 63 22.69 43.93 -12.66
C THR A 63 21.93 43.65 -11.38
N TRP A 64 21.14 44.62 -10.94
CA TRP A 64 20.35 44.53 -9.72
C TRP A 64 18.95 44.04 -10.07
N PHE A 65 18.65 42.80 -9.70
CA PHE A 65 17.32 42.25 -9.91
C PHE A 65 16.48 42.47 -8.67
N HIS A 66 15.31 43.08 -8.84
CA HIS A 66 14.38 43.28 -7.74
C HIS A 66 13.30 42.22 -7.88
N ALA A 67 13.50 41.10 -7.17
CA ALA A 67 12.68 39.91 -7.39
C ALA A 67 11.24 40.13 -6.95
N ILE A 68 11.03 40.67 -5.75
CA ILE A 68 9.70 41.01 -5.25
C ILE A 68 9.70 42.50 -4.93
N HIS A 69 8.85 43.25 -5.63
CA HIS A 69 8.83 44.70 -5.56
C HIS A 69 7.51 45.17 -4.96
N VAL A 70 7.60 45.97 -3.89
CA VAL A 70 6.39 46.63 -3.39
C VAL A 70 6.06 47.80 -4.31
N SER A 71 4.83 47.82 -4.81
CA SER A 71 4.37 48.87 -5.71
C SER A 71 3.52 49.90 -4.96
N GLY A 72 4.12 50.49 -3.92
CA GLY A 72 3.34 51.20 -2.92
C GLY A 72 2.65 50.21 -2.01
N THR A 73 1.94 50.73 -1.00
CA THR A 73 1.07 49.83 -0.25
C THR A 73 -0.09 49.37 -1.15
N ASN A 74 -0.49 50.25 -2.07
CA ASN A 74 -1.60 50.01 -2.99
C ASN A 74 -1.34 48.77 -3.85
N GLY A 75 -0.20 48.75 -4.53
CA GLY A 75 0.22 47.59 -5.27
C GLY A 75 0.82 46.64 -4.26
N THR A 76 0.14 45.53 -4.00
CA THR A 76 0.54 44.63 -2.92
C THR A 76 2.00 44.20 -3.09
N LYS A 77 2.35 43.76 -4.29
CA LYS A 77 3.66 43.21 -4.64
C LYS A 77 3.73 42.85 -6.11
N ARG A 78 4.96 42.70 -6.60
CA ARG A 78 5.27 42.46 -8.01
C ARG A 78 6.23 41.28 -8.08
N PHE A 79 5.74 40.10 -8.46
CA PHE A 79 6.63 38.96 -8.56
C PHE A 79 7.30 38.97 -9.94
N ASP A 80 8.62 39.10 -9.94
CA ASP A 80 9.39 39.15 -11.18
C ASP A 80 10.81 38.64 -10.89
N ASN A 81 11.02 37.35 -11.10
CA ASN A 81 12.42 36.94 -11.15
C ASN A 81 12.67 36.23 -12.47
N PRO A 82 13.83 36.44 -13.09
CA PRO A 82 14.11 35.77 -14.36
C PRO A 82 14.94 34.51 -14.23
N VAL A 83 14.88 33.68 -15.27
CA VAL A 83 15.94 32.72 -15.53
C VAL A 83 17.07 33.44 -16.24
N LEU A 84 18.29 33.19 -15.83
CA LEU A 84 19.43 33.94 -16.35
C LEU A 84 20.47 33.00 -16.96
N PRO A 85 21.26 33.47 -17.92
CA PRO A 85 22.38 32.66 -18.40
C PRO A 85 23.45 32.49 -17.33
N PHE A 86 24.26 31.45 -17.50
CA PHE A 86 25.39 31.23 -16.60
C PHE A 86 26.65 31.92 -17.11
N ASN A 87 26.99 31.68 -18.38
CA ASN A 87 28.02 32.41 -19.13
C ASN A 87 29.37 32.40 -18.41
N ASP A 88 29.94 31.19 -18.32
CA ASP A 88 31.28 30.90 -17.84
C ASP A 88 31.49 31.15 -16.35
N GLY A 89 30.44 31.46 -15.60
CA GLY A 89 30.56 31.72 -14.18
C GLY A 89 29.77 32.94 -13.75
N VAL A 90 29.33 32.93 -12.50
CA VAL A 90 28.38 33.92 -11.99
C VAL A 90 28.87 34.44 -10.64
N TYR A 91 28.92 35.77 -10.50
CA TYR A 91 29.05 36.41 -9.20
C TYR A 91 27.65 36.78 -8.71
N PHE A 92 27.23 36.16 -7.61
CA PHE A 92 25.94 36.43 -6.99
C PHE A 92 26.15 37.24 -5.71
N ALA A 93 25.21 38.13 -5.43
CA ALA A 93 25.31 38.99 -4.26
C ALA A 93 23.92 39.43 -3.83
N SER A 94 23.69 39.45 -2.52
CA SER A 94 22.41 39.87 -1.98
C SER A 94 22.59 40.32 -0.52
N THR A 95 21.70 41.20 -0.09
CA THR A 95 21.60 41.64 1.30
C THR A 95 20.22 41.34 1.85
N GLU A 96 19.76 40.10 1.66
CA GLU A 96 18.44 39.71 2.11
C GLU A 96 18.37 39.68 3.64
N LYS A 97 17.15 39.58 4.12
CA LYS A 97 16.87 39.91 5.50
C LYS A 97 15.78 39.02 6.09
N SER A 98 14.91 38.49 5.22
CA SER A 98 13.73 37.72 5.59
C SER A 98 13.87 36.26 5.18
N ASN A 99 15.08 35.87 4.78
CA ASN A 99 15.40 34.51 4.33
C ASN A 99 14.52 34.12 3.14
N ILE A 100 14.34 35.05 2.20
CA ILE A 100 13.54 34.79 1.02
C ILE A 100 14.35 34.01 -0.01
N ILE A 101 15.57 34.47 -0.29
CA ILE A 101 16.47 33.82 -1.24
C ILE A 101 17.04 32.56 -0.59
N ARG A 102 16.46 31.41 -0.91
CA ARG A 102 16.89 30.15 -0.31
C ARG A 102 18.05 29.53 -1.07
N GLY A 103 17.95 29.46 -2.38
CA GLY A 103 18.98 28.82 -3.18
C GLY A 103 18.85 29.11 -4.66
N TRP A 104 19.22 28.14 -5.49
CA TRP A 104 19.29 28.35 -6.93
C TRP A 104 18.93 27.06 -7.64
N ILE A 105 18.60 27.19 -8.92
CA ILE A 105 18.36 26.04 -9.79
C ILE A 105 19.29 26.20 -11.00
N PHE A 106 20.33 25.38 -11.08
CA PHE A 106 21.25 25.41 -12.22
C PHE A 106 20.96 24.24 -13.14
N GLY A 107 20.98 24.50 -14.44
CA GLY A 107 20.68 23.44 -15.39
C GLY A 107 20.71 23.96 -16.82
N THR A 108 20.38 23.07 -17.75
CA THR A 108 20.42 23.39 -19.17
C THR A 108 19.05 23.68 -19.76
N THR A 109 18.14 22.71 -19.75
CA THR A 109 16.81 22.92 -20.30
C THR A 109 15.76 23.15 -19.22
N LEU A 110 16.12 22.92 -17.95
CA LEU A 110 15.24 23.10 -16.78
C LEU A 110 13.97 22.26 -16.91
N ASP A 111 14.09 21.08 -17.50
CA ASP A 111 12.96 20.16 -17.66
C ASP A 111 13.48 18.74 -17.52
N SER A 112 12.63 17.76 -17.83
CA SER A 112 13.01 16.36 -17.64
C SER A 112 14.02 15.87 -18.67
N LYS A 113 14.19 16.59 -19.79
CA LYS A 113 15.10 16.13 -20.84
C LYS A 113 16.56 16.17 -20.38
N THR A 114 16.92 17.18 -19.58
CA THR A 114 18.27 17.28 -19.03
C THR A 114 18.21 17.20 -17.52
N GLN A 115 19.25 16.63 -16.93
CA GLN A 115 19.42 16.72 -15.50
C GLN A 115 19.72 18.17 -15.12
N SER A 116 19.36 18.54 -13.89
CA SER A 116 19.58 19.91 -13.43
C SER A 116 19.89 19.91 -11.95
N LEU A 117 20.60 20.95 -11.52
CA LEU A 117 21.04 21.08 -10.12
C LEU A 117 20.03 21.91 -9.35
N LEU A 118 19.75 21.49 -8.12
CA LEU A 118 18.82 22.16 -7.21
C LEU A 118 19.49 22.38 -5.84
N ILE A 119 19.98 23.57 -5.53
CA ILE A 119 20.48 23.87 -4.19
C ILE A 119 19.39 24.59 -3.40
N VAL A 120 19.05 24.08 -2.22
CA VAL A 120 18.08 24.73 -1.34
C VAL A 120 18.62 24.73 0.09
N ASN A 121 18.51 25.88 0.76
CA ASN A 121 18.97 26.03 2.13
C ASN A 121 17.78 26.28 3.04
N ASN A 122 17.75 25.62 4.20
CA ASN A 122 16.75 25.89 5.22
C ASN A 122 17.47 26.01 6.56
N ALA A 123 16.76 26.52 7.59
CA ALA A 123 17.36 26.83 8.89
C ALA A 123 18.21 25.68 9.43
N THR A 124 17.84 24.44 9.11
CA THR A 124 18.60 23.27 9.55
C THR A 124 19.77 22.93 8.62
N ASN A 125 19.57 22.92 7.29
CA ASN A 125 20.55 22.29 6.40
C ASN A 125 20.58 22.97 5.03
N VAL A 126 21.46 22.46 4.17
CA VAL A 126 21.50 22.76 2.73
C VAL A 126 21.20 21.44 2.06
N VAL A 127 20.32 21.42 1.07
CA VAL A 127 20.19 20.22 0.25
C VAL A 127 20.62 20.55 -1.18
N ILE A 128 21.48 19.71 -1.73
CA ILE A 128 22.02 19.85 -3.07
C ILE A 128 21.71 18.59 -3.85
N LYS A 129 20.89 18.72 -4.89
CA LYS A 129 20.38 17.58 -5.64
C LYS A 129 20.67 17.75 -7.12
N VAL A 130 21.04 16.65 -7.78
CA VAL A 130 21.16 16.60 -9.23
C VAL A 130 20.19 15.51 -9.69
N CYS A 131 19.09 15.94 -10.30
CA CYS A 131 18.04 15.03 -10.74
C CYS A 131 17.54 15.51 -12.09
N GLU A 132 16.72 14.70 -12.71
CA GLU A 132 16.10 15.15 -13.95
C GLU A 132 14.93 15.92 -13.39
N PHE A 133 15.13 17.18 -13.06
CA PHE A 133 14.02 17.88 -12.39
C PHE A 133 13.03 18.37 -13.42
N GLN A 134 11.73 18.15 -13.20
CA GLN A 134 10.71 18.75 -14.10
C GLN A 134 10.18 19.99 -13.38
N PHE A 135 10.63 21.16 -13.80
CA PHE A 135 10.35 22.40 -13.05
C PHE A 135 9.06 23.08 -13.47
N CYS A 136 8.34 23.65 -12.50
CA CYS A 136 7.16 24.45 -12.83
C CYS A 136 7.62 25.73 -13.54
N ASN A 137 6.71 26.32 -14.32
CA ASN A 137 7.09 27.48 -15.13
C ASN A 137 7.43 28.69 -14.27
N ASP A 138 6.74 28.89 -13.16
CA ASP A 138 7.16 29.91 -12.19
C ASP A 138 7.40 29.23 -10.86
N PRO A 139 8.64 28.81 -10.58
CA PRO A 139 8.92 27.99 -9.40
C PRO A 139 9.23 28.82 -8.16
N PHE A 140 8.90 28.24 -7.01
CA PHE A 140 9.24 28.81 -5.72
C PHE A 140 9.15 27.72 -4.66
N LEU A 141 9.91 27.91 -3.58
CA LEU A 141 9.81 27.06 -2.41
C LEU A 141 8.65 27.59 -1.55
N GLY A 142 7.50 26.93 -1.66
CA GLY A 142 6.34 27.37 -0.90
C GLY A 142 6.35 26.79 0.51
N VAL A 143 5.98 27.62 1.47
CA VAL A 143 5.87 27.18 2.87
C VAL A 143 4.43 27.40 3.33
N TYR A 144 3.95 26.46 4.15
CA TYR A 144 2.55 26.37 4.54
C TYR A 144 2.51 26.01 6.02
N TYR A 145 1.31 25.89 6.57
CA TYR A 145 1.13 25.46 7.95
C TYR A 145 0.63 24.02 7.97
N HIS A 146 1.33 23.17 8.72
CA HIS A 146 0.96 21.77 8.92
C HIS A 146 0.24 21.66 10.26
N LYS A 147 -1.01 21.24 10.25
CA LYS A 147 -1.79 21.22 11.49
C LYS A 147 -1.31 20.10 12.38
N ASN A 148 -0.99 18.95 11.82
CA ASN A 148 -0.68 17.78 12.66
C ASN A 148 0.68 17.94 13.34
N ASN A 149 1.69 18.46 12.65
CA ASN A 149 3.05 18.56 13.23
C ASN A 149 3.21 19.94 13.86
N LYS A 150 2.16 20.75 13.82
CA LYS A 150 2.17 22.08 14.48
C LYS A 150 3.42 22.83 14.09
N SER A 151 3.68 22.98 12.81
CA SER A 151 4.81 23.81 12.41
C SER A 151 4.66 24.24 10.97
N TRP A 152 5.25 25.39 10.65
CA TRP A 152 5.30 25.86 9.28
C TRP A 152 6.34 25.04 8.51
N MET A 153 5.91 24.30 7.49
CA MET A 153 6.76 23.37 6.78
C MET A 153 6.90 23.79 5.30
N GLU A 154 7.87 23.19 4.61
CA GLU A 154 8.35 23.65 3.32
C GLU A 154 8.21 22.45 2.36
N SER A 155 7.45 22.64 1.29
CA SER A 155 7.34 21.61 0.28
C SER A 155 7.89 22.14 -1.03
N GLU A 156 8.86 21.42 -1.61
CA GLU A 156 9.47 21.82 -2.88
C GLU A 156 8.76 21.21 -4.09
N PHE A 157 7.49 20.84 -3.94
CA PHE A 157 6.65 20.47 -5.08
C PHE A 157 6.02 21.69 -5.75
N ARG A 158 6.07 22.85 -5.11
CA ARG A 158 5.80 24.09 -5.84
C ARG A 158 6.95 24.45 -6.77
N VAL A 159 8.15 23.93 -6.49
CA VAL A 159 9.29 24.14 -7.39
C VAL A 159 9.11 23.31 -8.65
N TYR A 160 9.05 22.00 -8.49
CA TYR A 160 9.01 21.07 -9.61
C TYR A 160 7.84 20.12 -9.47
N SER A 161 7.55 19.45 -10.59
CA SER A 161 6.42 18.54 -10.70
C SER A 161 6.83 17.15 -10.24
N SER A 162 7.81 16.59 -10.93
CA SER A 162 8.31 15.25 -10.72
C SER A 162 9.84 15.31 -10.69
N ALA A 163 10.43 14.36 -9.97
CA ALA A 163 11.88 14.25 -9.87
C ALA A 163 12.27 12.81 -10.17
N ASN A 164 13.19 12.63 -11.11
CA ASN A 164 13.64 11.31 -11.53
C ASN A 164 15.14 11.36 -11.78
N ASN A 165 15.78 10.18 -11.78
CA ASN A 165 17.16 9.97 -12.21
C ASN A 165 18.12 10.87 -11.41
N CYS A 166 18.19 10.58 -10.11
CA CYS A 166 18.90 11.42 -9.15
C CYS A 166 20.28 10.82 -8.88
N THR A 167 21.33 11.47 -9.43
CA THR A 167 22.69 10.97 -9.29
C THR A 167 23.44 11.57 -8.09
N PHE A 168 22.90 12.61 -7.45
CA PHE A 168 23.68 13.33 -6.45
C PHE A 168 22.77 13.90 -5.37
N GLU A 169 23.21 13.78 -4.12
CA GLU A 169 22.47 14.31 -2.97
C GLU A 169 23.47 14.64 -1.87
N TYR A 170 23.58 15.92 -1.51
CA TYR A 170 24.51 16.38 -0.49
C TYR A 170 23.77 17.26 0.52
N VAL A 171 23.88 16.91 1.80
CA VAL A 171 23.17 17.60 2.88
C VAL A 171 24.18 17.95 3.98
N SER A 172 24.25 19.23 4.35
CA SER A 172 25.17 19.69 5.40
C SER A 172 24.70 21.04 5.97
N GLN A 173 25.61 21.72 6.69
CA GLN A 173 25.29 22.95 7.41
C GLN A 173 24.88 24.08 6.47
N PRO A 174 23.79 24.80 6.74
CA PRO A 174 23.26 25.77 5.76
C PRO A 174 24.15 27.00 5.60
N PHE A 175 24.63 27.21 4.38
CA PHE A 175 25.01 28.57 4.05
C PHE A 175 23.75 29.36 3.72
N LEU A 176 23.89 30.69 3.67
CA LEU A 176 22.81 31.65 3.41
C LEU A 176 21.65 31.77 4.39
N MET A 177 21.59 31.04 5.50
CA MET A 177 20.37 31.17 6.28
C MET A 177 20.61 31.34 7.77
N ASP A 178 19.67 32.05 8.39
CA ASP A 178 19.68 32.36 9.81
C ASP A 178 18.76 31.40 10.55
N ASN A 185 22.48 50.32 9.95
CA ASN A 185 21.64 49.34 9.23
C ASN A 185 22.07 47.94 9.62
N PHE A 186 23.26 47.79 10.19
CA PHE A 186 23.70 46.47 10.67
C PHE A 186 23.23 45.39 9.70
N LYS A 187 23.61 45.48 8.43
CA LYS A 187 23.18 44.55 7.40
C LYS A 187 24.23 43.47 7.19
N ASN A 188 23.90 42.48 6.36
CA ASN A 188 24.81 41.37 6.09
C ASN A 188 24.90 41.07 4.58
N LEU A 189 25.96 41.55 3.95
CA LEU A 189 26.20 41.22 2.56
C LEU A 189 26.66 39.77 2.44
N ARG A 190 25.97 39.01 1.59
CA ARG A 190 26.32 37.62 1.30
C ARG A 190 26.73 37.54 -0.17
N GLU A 191 27.94 37.04 -0.41
CA GLU A 191 28.53 37.03 -1.74
C GLU A 191 28.84 35.61 -2.16
N PHE A 192 28.60 35.30 -3.44
CA PHE A 192 28.85 33.97 -3.97
C PHE A 192 29.51 34.06 -5.33
N VAL A 193 30.35 33.06 -5.62
CA VAL A 193 30.94 32.87 -6.93
C VAL A 193 30.74 31.41 -7.31
N PHE A 194 30.06 31.18 -8.43
CA PHE A 194 29.76 29.83 -8.90
C PHE A 194 30.54 29.54 -10.17
N LYS A 195 31.20 28.38 -10.20
CA LYS A 195 31.84 27.87 -11.40
C LYS A 195 31.44 26.41 -11.56
N ASN A 196 31.41 25.95 -12.81
CA ASN A 196 31.24 24.52 -13.12
C ASN A 196 32.28 24.17 -14.18
N ILE A 197 33.47 23.79 -13.71
CA ILE A 197 34.53 23.27 -14.54
C ILE A 197 34.82 21.84 -14.07
N ASP A 198 35.21 20.99 -15.03
CA ASP A 198 35.62 19.59 -14.81
C ASP A 198 34.51 18.69 -14.30
N GLY A 199 33.25 19.11 -14.42
CA GLY A 199 32.20 18.40 -13.73
C GLY A 199 32.22 18.61 -12.24
N TYR A 200 32.88 19.67 -11.79
CA TYR A 200 33.03 20.01 -10.39
C TYR A 200 32.40 21.38 -10.19
N PHE A 201 31.25 21.42 -9.54
CA PHE A 201 30.61 22.69 -9.22
C PHE A 201 31.34 23.33 -8.06
N LYS A 202 32.09 24.39 -8.34
CA LYS A 202 32.92 25.05 -7.34
C LYS A 202 32.21 26.30 -6.84
N ILE A 203 32.08 26.41 -5.52
CA ILE A 203 31.36 27.50 -4.88
C ILE A 203 32.31 28.24 -3.93
N TYR A 204 32.27 29.56 -3.97
CA TYR A 204 33.02 30.42 -3.08
C TYR A 204 32.06 31.39 -2.40
N SER A 205 32.25 31.62 -1.10
CA SER A 205 31.32 32.41 -0.32
C SER A 205 32.06 33.43 0.52
N LYS A 206 31.34 34.50 0.89
CA LYS A 206 31.88 35.53 1.78
C LYS A 206 30.72 36.28 2.43
N HIS A 207 30.51 36.06 3.72
CA HIS A 207 29.57 36.88 4.50
C HIS A 207 30.31 38.07 5.07
N THR A 208 29.73 39.26 4.91
CA THR A 208 30.34 40.50 5.35
C THR A 208 29.30 41.45 5.92
N PRO A 209 29.38 41.80 7.21
CA PRO A 209 28.42 42.75 7.77
C PRO A 209 28.72 44.17 7.33
N ILE A 210 27.65 44.91 6.98
CA ILE A 210 27.77 46.27 6.48
C ILE A 210 26.77 47.18 7.18
N ASN A 211 27.10 48.47 7.21
CA ASN A 211 26.18 49.51 7.65
C ASN A 211 25.74 50.42 6.52
N LEU A 212 26.44 50.40 5.40
CA LEU A 212 26.34 51.40 4.34
C LEU A 212 24.96 51.38 3.69
N VAL A 213 24.59 52.52 3.12
CA VAL A 213 23.45 52.54 2.19
C VAL A 213 23.74 51.60 1.03
N ARG A 214 24.99 51.57 0.58
CA ARG A 214 25.42 50.62 -0.43
C ARG A 214 25.38 49.20 0.09
N ASP A 215 25.03 48.29 -0.81
CA ASP A 215 25.21 46.86 -0.57
C ASP A 215 26.60 46.41 -0.99
N LEU A 216 27.20 47.08 -1.97
CA LEU A 216 28.50 46.69 -2.48
C LEU A 216 29.57 47.65 -1.96
N PRO A 217 30.44 47.20 -1.06
CA PRO A 217 31.43 48.09 -0.43
C PRO A 217 32.68 48.33 -1.26
N GLN A 218 33.69 48.93 -0.59
CA GLN A 218 34.91 49.42 -1.21
C GLN A 218 35.64 48.36 -2.03
N GLY A 219 35.57 47.10 -1.60
CA GLY A 219 36.32 46.02 -2.21
C GLY A 219 36.98 45.15 -1.16
N PHE A 220 38.22 44.72 -1.38
CA PHE A 220 39.14 44.33 -0.30
C PHE A 220 38.71 43.01 0.38
N SER A 221 37.57 42.43 0.01
CA SER A 221 37.06 41.21 0.63
C SER A 221 37.25 40.03 -0.31
N ALA A 222 38.06 39.06 0.12
CA ALA A 222 38.33 37.86 -0.66
C ALA A 222 37.35 36.75 -0.29
N LEU A 223 36.77 36.10 -1.30
CA LEU A 223 35.79 35.06 -1.08
C LEU A 223 36.47 33.73 -0.82
N GLU A 224 36.07 33.05 0.25
CA GLU A 224 36.71 31.79 0.59
C GLU A 224 35.99 30.62 -0.06
N PRO A 225 36.71 29.54 -0.37
CA PRO A 225 36.07 28.34 -0.94
C PRO A 225 35.04 27.74 0.01
N LEU A 226 33.96 27.21 -0.56
CA LEU A 226 32.92 26.58 0.24
C LEU A 226 32.89 25.08 0.03
N VAL A 227 32.56 24.63 -1.19
CA VAL A 227 32.61 23.21 -1.57
C VAL A 227 32.87 23.13 -3.06
N ASP A 228 33.51 22.03 -3.48
CA ASP A 228 33.54 21.62 -4.88
C ASP A 228 32.71 20.35 -5.00
N LEU A 229 31.55 20.46 -5.65
CA LEU A 229 30.63 19.33 -5.77
C LEU A 229 30.91 18.58 -7.06
N PRO A 230 31.22 17.29 -7.02
CA PRO A 230 31.54 16.54 -8.25
C PRO A 230 30.27 16.08 -8.98
N ILE A 231 29.59 17.03 -9.60
CA ILE A 231 28.28 16.72 -10.16
C ILE A 231 28.36 16.19 -11.60
N GLY A 232 29.30 16.68 -12.41
CA GLY A 232 29.47 16.15 -13.75
C GLY A 232 28.33 16.45 -14.71
N ILE A 233 27.82 17.69 -14.70
CA ILE A 233 26.62 18.04 -15.44
C ILE A 233 26.94 19.30 -16.26
N ASN A 234 26.08 19.58 -17.23
CA ASN A 234 26.18 20.82 -17.99
C ASN A 234 25.38 21.92 -17.31
N ILE A 235 26.04 23.07 -17.11
CA ILE A 235 25.41 24.25 -16.55
C ILE A 235 25.49 25.36 -17.59
N THR A 236 24.34 25.86 -18.03
CA THR A 236 24.30 27.02 -18.92
C THR A 236 23.29 28.09 -18.53
N ARG A 237 22.25 27.75 -17.76
CA ARG A 237 21.26 28.71 -17.28
C ARG A 237 21.14 28.58 -15.78
N PHE A 238 20.53 29.59 -15.14
CA PHE A 238 20.16 29.45 -13.74
C PHE A 238 19.02 30.40 -13.39
N GLN A 239 18.35 30.06 -12.30
CA GLN A 239 17.29 30.87 -11.71
C GLN A 239 17.34 30.68 -10.20
N THR A 240 17.13 31.77 -9.45
CA THR A 240 17.09 31.68 -8.00
C THR A 240 15.79 31.01 -7.54
N LEU A 241 15.83 30.34 -6.39
CA LEU A 241 14.62 30.00 -5.66
C LEU A 241 14.29 30.97 -4.56
N LEU A 242 13.06 31.47 -4.61
CA LEU A 242 12.54 32.40 -3.63
C LEU A 242 11.54 31.66 -2.77
N ALA A 243 11.48 31.99 -1.49
CA ALA A 243 10.59 31.34 -0.55
C ALA A 243 9.36 32.19 -0.32
N LEU A 244 8.18 31.60 -0.48
CA LEU A 244 6.92 32.32 -0.37
C LEU A 244 6.08 31.71 0.73
N HIS A 245 5.60 32.55 1.64
CA HIS A 245 4.73 32.10 2.71
C HIS A 245 3.29 32.04 2.22
N ARG A 246 2.58 30.99 2.64
CA ARG A 246 1.17 30.85 2.28
C ARG A 246 0.36 31.93 2.96
N SER A 247 -0.40 32.68 2.16
CA SER A 247 -1.32 33.67 2.68
C SER A 247 -2.67 32.98 2.85
N TYR A 248 -3.24 33.10 4.04
CA TYR A 248 -4.49 32.43 4.38
C TYR A 248 -5.60 33.46 4.32
N LEU A 249 -6.39 33.43 3.25
CA LEU A 249 -7.29 34.51 2.91
C LEU A 249 -8.61 34.41 3.66
N THR A 250 -9.17 35.58 4.00
CA THR A 250 -10.53 35.73 4.49
C THR A 250 -11.46 35.47 3.28
N PRO A 251 -12.81 35.31 3.47
CA PRO A 251 -13.67 35.03 2.29
C PRO A 251 -13.55 35.80 0.98
N GLY A 252 -13.26 37.10 0.90
CA GLY A 252 -13.22 37.66 -0.45
C GLY A 252 -11.93 38.32 -0.94
N ASP A 253 -10.79 38.01 -0.31
CA ASP A 253 -9.57 38.81 -0.48
C ASP A 253 -9.10 38.87 -1.92
N SER A 254 -9.15 37.73 -2.65
CA SER A 254 -8.70 37.64 -4.04
C SER A 254 -7.28 38.18 -4.20
N SER A 255 -6.43 37.90 -3.20
CA SER A 255 -5.03 38.29 -3.28
C SER A 255 -4.26 37.12 -3.89
N SER A 256 -2.93 37.19 -3.86
CA SER A 256 -2.10 36.19 -4.53
C SER A 256 -2.30 34.80 -3.94
N GLY A 257 -2.54 34.72 -2.63
CA GLY A 257 -2.46 33.48 -1.91
C GLY A 257 -1.07 33.16 -1.41
N TRP A 258 -0.07 33.86 -1.94
CA TRP A 258 1.32 33.71 -1.54
C TRP A 258 1.89 35.09 -1.30
N THR A 259 2.32 35.34 -0.06
CA THR A 259 2.88 36.61 0.36
C THR A 259 4.26 36.37 0.94
N ALA A 260 5.24 37.13 0.49
CA ALA A 260 6.59 37.05 1.03
C ALA A 260 7.16 38.45 1.13
N GLY A 261 8.07 38.63 2.08
CA GLY A 261 8.73 39.92 2.23
C GLY A 261 9.58 40.25 1.02
N ALA A 262 9.79 41.55 0.83
CA ALA A 262 10.53 42.04 -0.33
C ALA A 262 11.97 41.54 -0.32
N ALA A 263 12.52 41.31 -1.51
CA ALA A 263 13.88 40.83 -1.63
C ALA A 263 14.41 41.13 -3.02
N ALA A 264 15.74 41.27 -3.12
CA ALA A 264 16.39 41.65 -4.36
C ALA A 264 17.82 41.14 -4.35
N TYR A 265 18.41 41.01 -5.53
CA TYR A 265 19.76 40.44 -5.62
C TYR A 265 20.49 40.96 -6.86
N TYR A 266 21.82 40.90 -6.77
CA TYR A 266 22.73 41.30 -7.83
C TYR A 266 23.30 40.07 -8.53
N VAL A 267 23.44 40.14 -9.85
CA VAL A 267 24.06 39.08 -10.64
C VAL A 267 25.13 39.69 -11.54
N GLY A 268 26.34 39.14 -11.45
CA GLY A 268 27.42 39.49 -12.36
C GLY A 268 27.95 38.23 -13.04
N TYR A 269 28.84 38.44 -14.01
CA TYR A 269 29.33 37.34 -14.83
C TYR A 269 30.85 37.28 -14.79
N LEU A 270 31.38 36.09 -14.50
CA LEU A 270 32.81 35.85 -14.56
C LEU A 270 33.27 35.83 -16.02
N GLN A 271 34.56 36.08 -16.20
CA GLN A 271 35.14 36.25 -17.53
C GLN A 271 36.64 36.06 -17.37
N PRO A 272 37.33 35.39 -18.31
CA PRO A 272 38.75 35.12 -18.12
C PRO A 272 39.58 36.40 -18.05
N ARG A 273 40.36 36.52 -16.99
CA ARG A 273 41.19 37.67 -16.72
C ARG A 273 42.46 37.20 -16.05
N THR A 274 43.51 37.97 -16.18
CA THR A 274 44.76 37.70 -15.47
C THR A 274 44.87 38.69 -14.31
N PHE A 275 45.00 38.16 -13.10
CA PHE A 275 44.97 38.92 -11.86
C PHE A 275 46.29 38.75 -11.12
N LEU A 276 46.57 39.72 -10.24
CA LEU A 276 47.80 39.73 -9.43
C LEU A 276 47.36 39.95 -7.99
N LEU A 277 47.41 38.89 -7.19
CA LEU A 277 46.82 38.88 -5.85
C LEU A 277 47.91 38.96 -4.80
N LYS A 278 47.65 39.75 -3.74
CA LYS A 278 48.63 40.01 -2.70
C LYS A 278 48.25 39.23 -1.44
N TYR A 279 49.06 38.23 -1.11
CA TYR A 279 48.92 37.49 0.14
C TYR A 279 49.77 38.18 1.21
N ASN A 280 49.41 37.92 2.47
CA ASN A 280 50.10 38.57 3.61
C ASN A 280 50.78 37.51 4.49
N GLU A 281 51.18 37.90 5.70
CA GLU A 281 51.92 36.95 6.56
C GLU A 281 51.03 35.79 6.97
N ASN A 282 49.83 36.07 7.43
CA ASN A 282 48.97 34.97 7.94
C ASN A 282 48.54 34.05 6.79
N GLY A 283 48.41 34.59 5.58
CA GLY A 283 48.02 33.82 4.37
C GLY A 283 46.75 34.38 3.76
N THR A 284 46.43 35.63 4.05
CA THR A 284 45.18 36.26 3.65
C THR A 284 45.42 37.21 2.48
N ILE A 285 44.50 37.20 1.52
CA ILE A 285 44.62 38.04 0.33
C ILE A 285 44.14 39.44 0.71
N THR A 286 45.09 40.35 0.91
CA THR A 286 44.77 41.72 1.31
C THR A 286 44.45 42.61 0.12
N ASP A 287 45.15 42.45 -0.99
CA ASP A 287 44.98 43.30 -2.16
C ASP A 287 45.06 42.47 -3.43
N ALA A 288 44.52 43.02 -4.52
CA ALA A 288 44.58 42.41 -5.83
C ALA A 288 44.43 43.51 -6.87
N VAL A 289 44.92 43.23 -8.08
CA VAL A 289 44.84 44.18 -9.19
C VAL A 289 44.49 43.43 -10.47
N ASP A 290 43.59 44.02 -11.26
CA ASP A 290 43.20 43.50 -12.56
C ASP A 290 44.16 44.05 -13.61
N CYS A 291 44.83 43.16 -14.35
CA CYS A 291 45.83 43.59 -15.32
C CYS A 291 45.20 44.27 -16.53
N ALA A 292 44.00 43.84 -16.93
CA ALA A 292 43.34 44.34 -18.13
C ALA A 292 42.44 45.54 -17.85
N LEU A 293 42.45 46.07 -16.63
CA LEU A 293 41.63 47.25 -16.32
C LEU A 293 42.16 48.47 -17.04
N ASP A 294 43.38 48.87 -16.72
CA ASP A 294 44.01 50.11 -17.16
C ASP A 294 45.34 49.77 -17.80
N PRO A 295 45.88 50.66 -18.63
CA PRO A 295 47.32 50.59 -18.90
C PRO A 295 48.15 50.76 -17.64
N LEU A 296 47.67 51.59 -16.71
CA LEU A 296 48.35 51.79 -15.43
C LEU A 296 48.37 50.51 -14.60
N SER A 297 47.25 49.79 -14.56
CA SER A 297 47.20 48.54 -13.82
C SER A 297 47.96 47.44 -14.55
N GLU A 298 48.08 47.54 -15.87
CA GLU A 298 48.92 46.63 -16.63
C GLU A 298 50.39 46.79 -16.26
N THR A 299 50.81 48.02 -15.98
CA THR A 299 52.18 48.26 -15.55
C THR A 299 52.46 47.66 -14.17
N LYS A 300 51.46 47.65 -13.29
CA LYS A 300 51.62 46.98 -11.99
C LYS A 300 51.81 45.48 -12.16
N CYS A 301 51.12 44.89 -13.14
CA CYS A 301 51.17 43.45 -13.31
C CYS A 301 52.49 42.99 -13.91
N THR A 302 52.96 43.68 -14.95
CA THR A 302 54.12 43.24 -15.71
C THR A 302 55.39 43.29 -14.87
N LEU A 303 55.50 44.28 -13.99
CA LEU A 303 56.57 44.37 -13.00
C LEU A 303 55.89 44.47 -11.64
N LYS A 304 56.06 43.43 -10.80
CA LYS A 304 55.34 43.28 -9.54
C LYS A 304 55.42 44.53 -8.68
N SER A 305 54.27 45.15 -8.45
CA SER A 305 54.19 46.44 -7.77
C SER A 305 54.51 46.31 -6.28
N GLN B 14 19.71 -11.14 6.13
CA GLN B 14 20.64 -10.11 6.60
C GLN B 14 21.97 -10.71 7.07
N CYS B 15 22.51 -10.21 8.19
CA CYS B 15 23.89 -10.46 8.60
C CYS B 15 24.20 -11.95 8.73
N VAL B 16 25.30 -12.36 8.09
CA VAL B 16 25.75 -13.75 8.10
C VAL B 16 27.03 -13.82 8.91
N ASN B 17 27.16 -14.88 9.70
CA ASN B 17 28.09 -14.90 10.80
C ASN B 17 29.27 -15.78 10.35
N LEU B 18 30.07 -15.20 9.43
CA LEU B 18 31.03 -15.90 8.57
C LEU B 18 32.47 -15.82 9.10
N THR B 19 32.67 -16.31 10.31
CA THR B 19 33.95 -16.18 11.01
C THR B 19 34.75 -17.49 10.91
N THR B 20 36.06 -17.35 10.71
CA THR B 20 37.06 -18.42 10.79
C THR B 20 37.94 -18.10 12.01
N ARG B 21 38.67 -19.07 12.53
CA ARG B 21 39.40 -18.87 13.81
C ARG B 21 40.36 -17.67 13.82
N THR B 22 41.27 -17.54 12.85
CA THR B 22 42.25 -16.47 12.96
C THR B 22 42.86 -16.15 11.61
N GLN B 23 43.32 -14.90 11.49
CA GLN B 23 44.29 -14.50 10.47
C GLN B 23 45.65 -14.92 11.01
N LEU B 24 46.07 -16.11 10.65
CA LEU B 24 47.34 -16.58 11.23
C LEU B 24 48.55 -15.99 10.50
N PRO B 25 48.70 -16.02 9.16
CA PRO B 25 49.96 -15.54 8.56
C PRO B 25 49.90 -14.07 8.18
N PRO B 26 50.89 -13.27 8.63
CA PRO B 26 51.10 -11.93 8.04
C PRO B 26 51.94 -12.03 6.78
N ALA B 27 51.30 -11.77 5.63
CA ALA B 27 51.97 -11.88 4.35
C ALA B 27 52.46 -10.50 3.90
N TYR B 28 53.69 -10.46 3.39
CA TYR B 28 54.37 -9.23 3.04
C TYR B 28 54.92 -9.32 1.62
N THR B 29 55.24 -8.16 1.07
CA THR B 29 55.90 -7.98 -0.23
C THR B 29 56.50 -6.57 -0.29
N ASN B 30 57.00 -6.20 -1.47
CA ASN B 30 57.72 -4.95 -1.65
C ASN B 30 57.02 -4.09 -2.71
N SER B 31 56.92 -2.79 -2.44
CA SER B 31 56.34 -1.83 -3.38
C SER B 31 57.51 -1.18 -4.08
N PHE B 32 57.86 -1.68 -5.27
CA PHE B 32 59.10 -1.28 -5.90
C PHE B 32 59.13 0.23 -6.19
N THR B 33 58.20 0.71 -7.01
CA THR B 33 58.09 2.14 -7.32
C THR B 33 56.66 2.63 -7.55
N ARG B 34 55.64 1.99 -6.98
CA ARG B 34 54.29 2.05 -7.54
C ARG B 34 53.48 3.28 -7.15
N GLY B 35 53.52 3.74 -5.90
CA GLY B 35 52.53 4.72 -5.46
C GLY B 35 52.74 6.20 -5.73
N VAL B 36 52.75 6.61 -6.99
CA VAL B 36 53.10 7.97 -7.38
C VAL B 36 51.85 8.63 -7.94
N TYR B 37 51.26 9.58 -7.22
CA TYR B 37 49.99 10.17 -7.63
C TYR B 37 50.20 11.64 -7.96
N TYR B 38 49.58 12.12 -9.06
CA TYR B 38 49.58 13.55 -9.41
C TYR B 38 49.12 14.31 -8.18
N PRO B 39 50.02 15.02 -7.49
CA PRO B 39 49.65 15.60 -6.19
C PRO B 39 48.78 16.81 -6.35
N ASP B 40 48.81 17.44 -7.51
CA ASP B 40 47.96 18.56 -7.86
C ASP B 40 47.34 18.27 -9.21
N LYS B 41 46.23 18.93 -9.49
CA LYS B 41 45.61 18.82 -10.80
C LYS B 41 46.09 19.89 -11.76
N VAL B 42 47.00 20.76 -11.35
CA VAL B 42 47.46 21.84 -12.20
C VAL B 42 48.50 21.31 -13.19
N PHE B 43 48.21 21.51 -14.47
CA PHE B 43 49.09 21.13 -15.57
C PHE B 43 50.39 21.92 -15.52
N ARG B 44 51.52 21.22 -15.59
CA ARG B 44 52.84 21.81 -15.70
C ARG B 44 53.59 21.16 -16.85
N SER B 45 54.54 21.89 -17.45
CA SER B 45 55.24 21.38 -18.63
C SER B 45 56.75 21.48 -18.46
N SER B 46 57.43 20.34 -18.66
CA SER B 46 58.89 20.24 -18.73
C SER B 46 59.57 20.84 -17.50
N VAL B 47 59.15 20.37 -16.33
CA VAL B 47 59.48 21.00 -15.06
C VAL B 47 59.90 19.94 -14.06
N LEU B 48 60.58 20.36 -13.00
CA LEU B 48 61.02 19.50 -11.90
C LEU B 48 60.39 20.04 -10.62
N HIS B 49 59.19 19.58 -10.30
CA HIS B 49 58.42 20.09 -9.18
C HIS B 49 58.62 19.19 -7.96
N SER B 50 59.13 19.78 -6.87
CA SER B 50 59.37 19.07 -5.62
C SER B 50 58.23 19.36 -4.65
N THR B 51 57.67 18.30 -4.06
CA THR B 51 56.49 18.40 -3.21
C THR B 51 56.68 17.55 -1.97
N GLN B 52 56.27 18.07 -0.82
CA GLN B 52 56.10 17.27 0.38
C GLN B 52 54.62 16.89 0.51
N ASP B 53 54.34 15.59 0.46
CA ASP B 53 52.97 15.10 0.44
C ASP B 53 52.97 13.67 0.95
N LEU B 54 51.76 13.10 1.08
CA LEU B 54 51.58 11.74 1.60
C LEU B 54 51.72 10.73 0.46
N PHE B 55 52.95 10.36 0.17
CA PHE B 55 53.23 9.38 -0.87
C PHE B 55 53.37 7.98 -0.28
N LEU B 56 53.38 6.99 -1.16
CA LEU B 56 53.86 5.67 -0.79
C LEU B 56 55.37 5.66 -0.90
N PRO B 57 56.10 5.39 0.19
CA PRO B 57 57.57 5.35 0.11
C PRO B 57 58.06 4.27 -0.84
N PHE B 58 59.13 4.57 -1.55
CA PHE B 58 59.70 3.61 -2.48
C PHE B 58 60.34 2.46 -1.71
N PHE B 59 60.17 1.24 -2.25
CA PHE B 59 60.65 0.01 -1.63
C PHE B 59 60.11 -0.16 -0.21
N SER B 60 58.86 0.22 -0.02
CA SER B 60 58.17 -0.01 1.24
C SER B 60 57.64 -1.44 1.28
N ASN B 61 57.51 -1.97 2.49
CA ASN B 61 57.03 -3.33 2.70
C ASN B 61 55.51 -3.29 2.85
N VAL B 62 54.80 -3.74 1.81
CA VAL B 62 53.35 -3.74 1.81
C VAL B 62 52.86 -5.16 2.10
N THR B 63 51.57 -5.29 2.37
CA THR B 63 50.99 -6.53 2.89
C THR B 63 50.03 -7.16 1.89
N TRP B 64 50.26 -8.44 1.59
CA TRP B 64 49.42 -9.24 0.70
C TRP B 64 48.31 -9.86 1.54
N PHE B 65 47.07 -9.45 1.28
CA PHE B 65 45.93 -10.05 1.97
C PHE B 65 45.28 -11.09 1.07
N HIS B 66 45.08 -12.28 1.61
CA HIS B 66 44.27 -13.31 0.97
C HIS B 66 42.90 -13.25 1.63
N ALA B 67 41.93 -12.68 0.91
CA ALA B 67 40.57 -12.58 1.44
C ALA B 67 39.83 -13.90 1.27
N ILE B 68 39.80 -14.43 0.07
CA ILE B 68 39.20 -15.73 -0.19
C ILE B 68 40.29 -16.67 -0.67
N HIS B 69 40.70 -17.58 0.20
CA HIS B 69 41.87 -18.42 0.00
C HIS B 69 41.48 -19.88 0.16
N VAL B 70 41.54 -20.60 -0.99
CA VAL B 70 41.00 -21.95 -1.15
C VAL B 70 41.95 -22.97 -0.54
N SER B 71 41.42 -24.15 -0.22
CA SER B 71 42.16 -25.17 0.50
C SER B 71 42.45 -26.41 -0.35
N GLY B 72 42.58 -26.23 -1.67
CA GLY B 72 42.95 -27.30 -2.57
C GLY B 72 41.87 -28.38 -2.71
N THR B 73 42.31 -29.57 -3.10
CA THR B 73 41.44 -30.73 -3.08
C THR B 73 41.07 -31.11 -1.65
N ASN B 74 41.94 -30.81 -0.69
CA ASN B 74 41.75 -31.20 0.70
C ASN B 74 40.49 -30.60 1.30
N GLY B 75 40.32 -29.29 1.16
CA GLY B 75 39.21 -28.62 1.81
C GLY B 75 38.62 -27.53 0.93
N THR B 76 37.43 -27.08 1.32
CA THR B 76 36.84 -25.91 0.70
C THR B 76 37.47 -24.65 1.25
N LYS B 77 37.10 -23.52 0.63
CA LYS B 77 37.68 -22.22 0.92
C LYS B 77 37.28 -21.72 2.30
N ARG B 78 38.02 -20.71 2.78
CA ARG B 78 37.78 -20.06 4.06
C ARG B 78 37.98 -18.56 3.90
N PHE B 79 37.39 -17.80 4.83
CA PHE B 79 37.12 -16.37 4.68
C PHE B 79 37.90 -15.58 5.73
N ASP B 80 38.86 -14.77 5.29
CA ASP B 80 39.59 -13.85 6.17
C ASP B 80 39.65 -12.47 5.50
N ASN B 81 38.60 -11.67 5.72
CA ASN B 81 38.54 -10.29 5.28
C ASN B 81 38.67 -9.37 6.48
N PRO B 82 39.80 -8.69 6.66
CA PRO B 82 40.00 -7.93 7.90
C PRO B 82 39.66 -6.44 7.82
N VAL B 83 39.30 -5.87 8.96
CA VAL B 83 39.21 -4.41 9.11
C VAL B 83 40.61 -3.87 9.39
N LEU B 84 41.00 -2.83 8.67
CA LEU B 84 42.37 -2.35 8.68
C LEU B 84 42.43 -0.87 9.02
N PRO B 85 43.56 -0.37 9.60
CA PRO B 85 43.69 1.03 9.84
C PRO B 85 43.85 1.77 8.52
N PHE B 86 43.50 3.06 8.48
CA PHE B 86 43.67 3.90 7.26
C PHE B 86 44.81 4.82 7.59
N ASN B 87 45.00 5.00 8.88
CA ASN B 87 46.15 5.83 9.29
C ASN B 87 46.07 7.15 8.53
N ASP B 88 47.15 7.55 7.87
CA ASP B 88 47.18 8.87 7.21
C ASP B 88 46.85 8.72 5.72
N GLY B 89 46.95 7.50 5.18
CA GLY B 89 46.59 7.26 3.79
C GLY B 89 46.63 5.77 3.55
N VAL B 90 46.11 5.35 2.40
CA VAL B 90 46.10 3.95 1.92
C VAL B 90 46.29 3.76 0.42
N TYR B 91 47.36 3.04 0.07
CA TYR B 91 47.56 2.52 -1.28
C TYR B 91 46.92 1.14 -1.36
N PHE B 92 45.91 1.00 -2.22
CA PHE B 92 45.22 -0.26 -2.44
C PHE B 92 45.56 -0.79 -3.82
N ALA B 93 45.65 -2.11 -3.94
CA ALA B 93 46.04 -2.76 -5.19
C ALA B 93 45.45 -4.16 -5.24
N SER B 94 44.94 -4.54 -6.42
CA SER B 94 44.36 -5.87 -6.64
C SER B 94 44.09 -6.18 -8.09
N THR B 95 44.59 -7.34 -8.56
CA THR B 95 44.70 -7.65 -9.98
C THR B 95 43.61 -8.70 -10.11
N GLU B 96 42.38 -8.38 -10.53
CA GLU B 96 41.49 -9.54 -10.54
C GLU B 96 40.59 -9.59 -11.75
N LYS B 97 40.49 -10.80 -12.20
CA LYS B 97 39.64 -11.26 -13.32
C LYS B 97 38.14 -11.23 -13.01
N SER B 98 37.78 -11.48 -11.78
CA SER B 98 36.41 -11.69 -11.36
C SER B 98 36.03 -10.55 -10.43
N ASN B 99 34.81 -10.08 -10.62
CA ASN B 99 34.27 -8.98 -9.84
C ASN B 99 33.89 -9.52 -8.47
N ILE B 100 34.91 -9.70 -7.65
CA ILE B 100 34.74 -10.09 -6.24
C ILE B 100 34.93 -8.89 -5.33
N ILE B 101 36.02 -8.16 -5.48
CA ILE B 101 36.23 -6.91 -4.76
C ILE B 101 35.36 -5.84 -5.41
N ARG B 102 34.28 -5.44 -4.73
CA ARG B 102 33.37 -4.43 -5.25
C ARG B 102 33.69 -3.03 -4.75
N GLY B 103 34.29 -2.90 -3.58
CA GLY B 103 34.56 -1.58 -3.04
C GLY B 103 35.08 -1.66 -1.63
N TRP B 104 34.70 -0.67 -0.83
CA TRP B 104 35.27 -0.51 0.50
C TRP B 104 34.22 0.08 1.43
N ILE B 105 34.48 0.00 2.73
CA ILE B 105 33.78 0.83 3.70
C ILE B 105 34.84 1.55 4.52
N PHE B 106 34.71 2.87 4.63
CA PHE B 106 35.62 3.68 5.43
C PHE B 106 34.82 4.35 6.54
N GLY B 107 35.39 4.39 7.73
CA GLY B 107 34.69 5.00 8.85
C GLY B 107 35.47 4.89 10.13
N THR B 108 34.83 5.30 11.23
CA THR B 108 35.47 5.27 12.54
C THR B 108 35.02 4.11 13.41
N THR B 109 33.75 4.10 13.81
CA THR B 109 33.24 3.06 14.68
C THR B 109 32.74 1.86 13.91
N LEU B 110 32.32 2.09 12.67
CA LEU B 110 31.65 1.08 11.85
C LEU B 110 30.45 0.50 12.57
N ASP B 111 29.65 1.39 13.16
CA ASP B 111 28.30 1.06 13.63
C ASP B 111 27.47 2.34 13.54
N SER B 112 26.36 2.39 14.25
CA SER B 112 25.47 3.54 14.05
C SER B 112 25.99 4.80 14.71
N LYS B 113 26.64 4.68 15.89
CA LYS B 113 27.11 5.79 16.73
C LYS B 113 27.74 6.91 15.93
N THR B 114 28.51 6.55 14.90
CA THR B 114 29.08 7.50 13.97
C THR B 114 28.60 7.23 12.55
N GLN B 115 28.90 8.18 11.68
CA GLN B 115 28.69 8.01 10.26
C GLN B 115 29.86 7.25 9.65
N SER B 116 29.65 6.73 8.44
CA SER B 116 30.71 6.00 7.74
C SER B 116 30.48 6.09 6.24
N LEU B 117 31.54 5.85 5.49
CA LEU B 117 31.54 5.96 4.04
C LEU B 117 31.36 4.59 3.40
N LEU B 118 30.41 4.47 2.45
CA LEU B 118 30.20 3.19 1.71
C LEU B 118 30.41 3.40 0.23
N ILE B 119 31.29 2.64 -0.37
CA ILE B 119 31.72 2.66 -1.79
C ILE B 119 31.49 1.31 -2.43
N VAL B 120 30.42 1.18 -3.23
CA VAL B 120 30.09 -0.10 -3.85
C VAL B 120 29.95 0.11 -5.34
N ASN B 121 30.65 -0.71 -6.09
CA ASN B 121 30.72 -0.51 -7.56
C ASN B 121 30.01 -1.69 -8.20
N ASN B 122 29.04 -1.43 -9.05
CA ASN B 122 28.39 -2.56 -9.67
C ASN B 122 28.37 -2.34 -11.18
N ALA B 123 28.00 -3.41 -11.91
CA ALA B 123 28.18 -3.49 -13.37
C ALA B 123 27.64 -2.27 -14.11
N THR B 124 26.59 -1.64 -13.57
CA THR B 124 26.06 -0.40 -14.12
C THR B 124 26.71 0.84 -13.51
N ASN B 125 26.94 0.89 -12.20
CA ASN B 125 27.25 2.16 -11.55
C ASN B 125 28.15 1.99 -10.32
N VAL B 126 28.64 3.13 -9.81
CA VAL B 126 29.20 3.28 -8.47
C VAL B 126 28.10 3.87 -7.60
N VAL B 127 27.97 3.41 -6.36
CA VAL B 127 27.19 4.14 -5.38
C VAL B 127 28.08 4.46 -4.19
N ILE B 128 28.15 5.75 -3.85
CA ILE B 128 29.00 6.25 -2.77
C ILE B 128 28.08 6.92 -1.76
N LYS B 129 28.13 6.44 -0.51
CA LYS B 129 27.21 6.91 0.53
C LYS B 129 27.97 7.24 1.80
N VAL B 130 27.61 8.34 2.43
CA VAL B 130 28.13 8.74 3.75
C VAL B 130 26.94 8.80 4.68
N CYS B 131 26.81 7.82 5.56
CA CYS B 131 25.52 7.67 6.21
C CYS B 131 25.79 6.81 7.46
N GLU B 132 24.86 6.84 8.42
CA GLU B 132 25.02 6.03 9.63
C GLU B 132 24.56 4.60 9.33
N PHE B 133 25.51 3.67 9.22
CA PHE B 133 25.23 2.30 8.86
C PHE B 133 25.53 1.39 10.04
N GLN B 134 24.57 0.54 10.43
CA GLN B 134 24.86 -0.52 11.41
C GLN B 134 25.45 -1.70 10.63
N PHE B 135 26.76 -1.62 10.38
CA PHE B 135 27.42 -2.65 9.59
C PHE B 135 27.36 -3.99 10.31
N CYS B 136 26.99 -5.02 9.56
CA CYS B 136 27.02 -6.38 10.07
C CYS B 136 28.45 -6.74 10.44
N ASN B 137 28.62 -7.59 11.45
CA ASN B 137 29.96 -7.86 11.95
C ASN B 137 30.86 -8.49 10.88
N ASP B 138 30.29 -9.30 9.98
CA ASP B 138 31.00 -9.79 8.81
C ASP B 138 30.34 -9.28 7.53
N PRO B 139 30.96 -8.35 6.82
CA PRO B 139 30.23 -7.61 5.77
C PRO B 139 30.52 -8.10 4.35
N PHE B 140 29.48 -8.17 3.52
CA PHE B 140 29.62 -8.57 2.11
C PHE B 140 28.39 -8.12 1.36
N LEU B 141 28.47 -8.14 0.04
CA LEU B 141 27.35 -7.83 -0.85
C LEU B 141 26.88 -9.16 -1.43
N GLY B 142 25.62 -9.53 -1.21
CA GLY B 142 25.14 -10.84 -1.65
C GLY B 142 24.43 -10.76 -2.99
N VAL B 143 24.76 -11.69 -3.85
CA VAL B 143 24.24 -11.70 -5.22
C VAL B 143 23.32 -12.88 -5.22
N TYR B 144 22.06 -12.68 -5.67
CA TYR B 144 21.02 -13.75 -5.59
C TYR B 144 20.30 -13.84 -6.93
N TYR B 145 19.51 -14.89 -7.14
CA TYR B 145 18.81 -15.10 -8.42
C TYR B 145 17.38 -14.57 -8.31
N HIS B 146 17.04 -13.58 -9.13
CA HIS B 146 15.64 -13.15 -9.26
C HIS B 146 15.01 -14.01 -10.35
N LYS B 147 14.16 -14.96 -9.93
CA LYS B 147 13.60 -15.92 -10.88
C LYS B 147 12.79 -15.23 -11.95
N ASN B 148 12.04 -14.18 -11.57
CA ASN B 148 11.25 -13.43 -12.55
C ASN B 148 12.12 -12.76 -13.59
N ASN B 149 13.17 -12.05 -13.15
CA ASN B 149 14.00 -11.30 -14.10
C ASN B 149 14.84 -12.23 -14.96
N LYS B 150 15.15 -13.42 -14.47
CA LYS B 150 16.12 -14.37 -15.03
C LYS B 150 17.54 -13.79 -14.99
N SER B 151 17.81 -12.93 -14.01
CA SER B 151 19.13 -12.37 -13.80
C SER B 151 19.47 -12.38 -12.32
N TRP B 152 20.76 -12.46 -12.03
CA TRP B 152 21.24 -12.37 -10.66
C TRP B 152 21.25 -10.91 -10.23
N MET B 153 20.90 -10.66 -8.96
CA MET B 153 20.80 -9.30 -8.46
C MET B 153 21.47 -9.19 -7.10
N GLU B 154 21.82 -7.96 -6.73
CA GLU B 154 22.70 -7.71 -5.61
C GLU B 154 21.94 -7.07 -4.45
N SER B 155 22.22 -7.56 -3.24
CA SER B 155 21.57 -7.11 -2.03
C SER B 155 22.60 -6.42 -1.15
N GLU B 156 22.29 -5.19 -0.74
CA GLU B 156 23.18 -4.42 0.09
C GLU B 156 22.92 -4.64 1.57
N PHE B 157 21.82 -5.28 1.92
CA PHE B 157 21.46 -5.34 3.32
C PHE B 157 22.30 -6.35 4.09
N ARG B 158 23.09 -7.16 3.39
CA ARG B 158 24.13 -7.90 4.08
C ARG B 158 25.22 -6.96 4.61
N VAL B 159 25.43 -5.84 3.93
CA VAL B 159 26.50 -4.95 4.34
C VAL B 159 26.08 -4.19 5.57
N TYR B 160 25.03 -3.46 5.39
CA TYR B 160 24.37 -2.65 6.42
C TYR B 160 22.97 -3.19 6.73
N SER B 161 22.65 -3.38 8.01
CA SER B 161 21.30 -3.78 8.36
C SER B 161 20.38 -2.59 8.62
N SER B 162 20.92 -1.46 9.09
CA SER B 162 20.12 -0.25 9.26
C SER B 162 20.86 0.92 8.63
N ALA B 163 20.11 1.77 7.93
CA ALA B 163 20.66 2.96 7.29
C ALA B 163 19.95 4.19 7.85
N ASN B 164 20.75 5.16 8.33
CA ASN B 164 20.21 6.37 8.93
C ASN B 164 21.10 7.55 8.58
N ASN B 165 20.48 8.72 8.46
CA ASN B 165 21.16 10.02 8.57
C ASN B 165 22.08 10.23 7.37
N CYS B 166 21.55 9.95 6.17
CA CYS B 166 22.32 10.12 4.94
C CYS B 166 22.49 11.59 4.58
N THR B 167 23.75 12.00 4.54
CA THR B 167 24.21 13.28 4.06
C THR B 167 24.75 13.24 2.65
N PHE B 168 25.14 12.07 2.15
CA PHE B 168 25.82 12.00 0.88
C PHE B 168 25.38 10.78 0.09
N GLU B 169 25.07 11.00 -1.18
CA GLU B 169 24.78 9.94 -2.14
C GLU B 169 25.35 10.38 -3.47
N TYR B 170 26.30 9.61 -4.00
CA TYR B 170 26.91 9.91 -5.29
C TYR B 170 26.87 8.65 -6.15
N VAL B 171 26.17 8.75 -7.29
CA VAL B 171 26.02 7.63 -8.22
C VAL B 171 26.57 8.05 -9.58
N SER B 172 27.49 7.27 -10.13
CA SER B 172 28.15 7.59 -11.39
C SER B 172 28.62 6.31 -12.07
N GLN B 173 29.44 6.46 -13.12
CA GLN B 173 29.92 5.33 -13.92
C GLN B 173 30.96 4.51 -13.16
N PRO B 174 30.98 3.17 -13.35
CA PRO B 174 31.84 2.29 -12.54
C PRO B 174 33.32 2.51 -12.75
N PHE B 175 34.11 2.21 -11.72
CA PHE B 175 35.55 2.17 -11.92
C PHE B 175 36.14 0.76 -11.86
N LEU B 176 35.83 0.00 -10.83
CA LEU B 176 36.49 -1.27 -10.68
C LEU B 176 35.82 -2.33 -11.56
N MET B 177 34.56 -2.07 -11.98
CA MET B 177 33.69 -2.85 -12.83
C MET B 177 33.19 -4.08 -12.10
N PHE B 186 43.51 -9.96 -20.29
CA PHE B 186 43.27 -10.88 -19.18
C PHE B 186 43.27 -10.20 -17.81
N LYS B 187 44.11 -10.61 -16.85
CA LYS B 187 44.08 -10.00 -15.51
C LYS B 187 44.33 -8.50 -15.63
N ASN B 188 43.64 -7.71 -14.82
CA ASN B 188 43.67 -6.26 -15.00
C ASN B 188 44.00 -5.67 -13.64
N LEU B 189 45.27 -5.28 -13.47
CA LEU B 189 45.71 -4.67 -12.22
C LEU B 189 45.03 -3.34 -12.00
N ARG B 190 44.46 -3.17 -10.81
CA ARG B 190 43.83 -1.92 -10.40
C ARG B 190 44.60 -1.36 -9.21
N GLU B 191 45.02 -0.10 -9.33
CA GLU B 191 45.79 0.59 -8.31
C GLU B 191 44.99 1.78 -7.80
N PHE B 192 44.95 1.95 -6.47
CA PHE B 192 44.16 3.02 -5.87
C PHE B 192 44.95 3.70 -4.77
N VAL B 193 44.77 5.02 -4.65
CA VAL B 193 45.31 5.80 -3.54
C VAL B 193 44.17 6.57 -2.91
N PHE B 194 43.93 6.34 -1.62
CA PHE B 194 42.90 7.04 -0.87
C PHE B 194 43.53 8.01 0.11
N LYS B 195 42.97 9.22 0.16
CA LYS B 195 43.29 10.20 1.19
C LYS B 195 41.98 10.80 1.68
N ASN B 196 41.97 11.24 2.94
CA ASN B 196 40.86 12.01 3.49
C ASN B 196 41.46 13.22 4.19
N ILE B 197 41.63 14.30 3.44
CA ILE B 197 42.16 15.55 3.94
C ILE B 197 41.14 16.65 3.66
N ASP B 198 41.07 17.63 4.56
CA ASP B 198 40.16 18.78 4.48
C ASP B 198 38.68 18.39 4.46
N GLY B 199 38.32 17.20 4.91
CA GLY B 199 36.94 16.79 4.69
C GLY B 199 36.65 16.34 3.29
N TYR B 200 37.69 16.01 2.53
CA TYR B 200 37.56 15.73 1.11
C TYR B 200 38.20 14.37 0.85
N PHE B 201 37.37 13.39 0.52
CA PHE B 201 37.89 12.06 0.22
C PHE B 201 38.46 12.08 -1.20
N LYS B 202 39.78 12.04 -1.30
CA LYS B 202 40.48 12.15 -2.58
C LYS B 202 40.94 10.77 -3.02
N ILE B 203 40.56 10.39 -4.24
CA ILE B 203 40.82 9.05 -4.78
C ILE B 203 41.61 9.19 -6.07
N TYR B 204 42.67 8.39 -6.19
CA TYR B 204 43.51 8.34 -7.39
C TYR B 204 43.55 6.91 -7.89
N SER B 205 43.59 6.74 -9.22
CA SER B 205 43.42 5.41 -9.77
C SER B 205 44.13 5.25 -11.10
N LYS B 206 44.69 4.06 -11.31
CA LYS B 206 45.19 3.64 -12.62
C LYS B 206 44.93 2.15 -12.82
N HIS B 207 44.30 1.82 -13.94
CA HIS B 207 44.10 0.44 -14.36
C HIS B 207 45.20 0.02 -15.34
N THR B 208 45.59 -1.24 -15.29
CA THR B 208 46.65 -1.74 -16.15
C THR B 208 46.37 -3.18 -16.58
N PRO B 209 46.02 -3.40 -17.85
CA PRO B 209 45.78 -4.77 -18.32
C PRO B 209 47.08 -5.57 -18.35
N ILE B 210 47.00 -6.83 -17.93
CA ILE B 210 48.19 -7.65 -17.77
C ILE B 210 47.92 -9.11 -18.14
N PHE B 220 57.00 3.06 -16.34
CA PHE B 220 56.56 3.92 -15.25
C PHE B 220 55.22 4.52 -15.60
N SER B 221 54.34 4.55 -14.61
CA SER B 221 52.96 4.89 -14.92
C SER B 221 52.39 5.86 -13.92
N ALA B 222 51.87 6.95 -14.47
CA ALA B 222 51.15 7.96 -13.74
C ALA B 222 49.94 7.39 -13.01
N LEU B 223 49.73 7.80 -11.75
CA LEU B 223 48.45 7.61 -11.05
C LEU B 223 47.60 8.85 -11.17
N GLU B 224 46.47 8.72 -11.87
CA GLU B 224 45.69 9.87 -12.27
C GLU B 224 44.44 10.01 -11.42
N PRO B 225 44.13 11.23 -10.95
CA PRO B 225 43.04 11.41 -9.98
C PRO B 225 41.67 10.98 -10.49
N LEU B 226 40.88 10.40 -9.59
CA LEU B 226 39.51 10.01 -9.94
C LEU B 226 38.47 11.03 -9.52
N VAL B 227 38.26 11.19 -8.21
CA VAL B 227 37.30 12.16 -7.69
C VAL B 227 37.78 12.66 -6.32
N ASP B 228 37.37 13.89 -5.98
CA ASP B 228 37.46 14.43 -4.63
C ASP B 228 36.04 14.58 -4.10
N LEU B 229 35.64 13.67 -3.21
CA LEU B 229 34.29 13.69 -2.66
C LEU B 229 34.26 14.54 -1.39
N PRO B 230 33.43 15.59 -1.33
CA PRO B 230 33.30 16.41 -0.11
C PRO B 230 32.39 15.73 0.92
N ILE B 231 32.97 14.83 1.70
CA ILE B 231 32.17 14.01 2.60
C ILE B 231 32.27 14.57 4.02
N GLY B 232 33.41 15.15 4.37
CA GLY B 232 33.56 15.84 5.64
C GLY B 232 33.40 14.98 6.88
N ILE B 233 34.07 13.82 6.89
CA ILE B 233 33.88 12.82 7.92
C ILE B 233 35.27 12.41 8.43
N ASN B 234 35.29 11.78 9.60
CA ASN B 234 36.51 11.18 10.12
C ASN B 234 36.69 9.79 9.51
N ILE B 235 37.84 9.57 8.89
CA ILE B 235 38.24 8.25 8.40
C ILE B 235 39.46 7.81 9.20
N THR B 236 39.31 6.72 9.93
CA THR B 236 40.38 6.16 10.75
C THR B 236 40.68 4.70 10.44
N ARG B 237 39.70 3.94 10.00
CA ARG B 237 39.83 2.52 9.70
C ARG B 237 39.06 2.23 8.43
N PHE B 238 39.30 1.06 7.83
CA PHE B 238 38.50 0.65 6.70
C PHE B 238 38.46 -0.87 6.59
N GLN B 239 37.54 -1.34 5.75
CA GLN B 239 37.43 -2.75 5.40
C GLN B 239 37.02 -2.87 3.94
N THR B 240 37.61 -3.84 3.26
CA THR B 240 37.30 -4.12 1.86
C THR B 240 35.89 -4.70 1.74
N LEU B 241 35.23 -4.39 0.63
CA LEU B 241 33.90 -4.92 0.34
C LEU B 241 34.00 -6.01 -0.71
N LEU B 242 33.46 -7.19 -0.38
CA LEU B 242 33.56 -8.38 -1.22
C LEU B 242 32.17 -8.83 -1.63
N ALA B 243 32.07 -9.44 -2.81
CA ALA B 243 30.81 -9.95 -3.33
C ALA B 243 30.81 -11.48 -3.29
N LEU B 244 29.77 -12.05 -2.70
CA LEU B 244 29.69 -13.49 -2.48
C LEU B 244 28.39 -14.01 -3.09
N HIS B 245 28.49 -14.79 -4.17
N HIS B 245 28.53 -14.85 -4.12
CA HIS B 245 27.29 -15.32 -4.80
CA HIS B 245 27.40 -15.46 -4.78
C HIS B 245 26.69 -16.43 -3.95
C HIS B 245 26.68 -16.40 -3.81
N ARG B 246 25.36 -16.49 -3.94
CA ARG B 246 24.63 -17.43 -3.10
C ARG B 246 24.88 -18.86 -3.57
N SER B 247 25.13 -19.75 -2.62
CA SER B 247 25.33 -21.17 -2.91
C SER B 247 24.03 -21.90 -2.61
N TYR B 248 23.38 -22.38 -3.65
CA TYR B 248 22.09 -23.05 -3.51
C TYR B 248 22.38 -24.50 -3.19
N LEU B 249 22.50 -24.78 -1.90
CA LEU B 249 22.97 -26.06 -1.41
C LEU B 249 21.94 -27.17 -1.65
N THR B 250 22.45 -28.39 -1.86
CA THR B 250 21.68 -29.63 -1.92
C THR B 250 21.16 -29.94 -0.50
N PRO B 251 20.33 -31.00 -0.27
CA PRO B 251 19.75 -31.19 1.08
C PRO B 251 20.68 -31.26 2.28
N GLY B 252 21.81 -31.94 2.17
CA GLY B 252 22.53 -32.26 3.38
C GLY B 252 23.74 -31.41 3.70
N ASP B 253 24.20 -30.55 2.77
CA ASP B 253 25.39 -29.76 3.06
C ASP B 253 25.22 -28.87 4.27
N SER B 254 26.31 -28.82 5.02
CA SER B 254 26.55 -27.89 6.10
C SER B 254 27.34 -26.69 5.63
N SER B 255 27.41 -26.46 4.33
CA SER B 255 28.23 -25.36 3.85
C SER B 255 27.56 -24.03 4.16
N SER B 256 28.36 -22.97 4.06
CA SER B 256 27.91 -21.64 4.45
C SER B 256 26.71 -21.19 3.63
N GLY B 257 26.70 -21.51 2.34
CA GLY B 257 25.72 -20.99 1.42
C GLY B 257 26.14 -19.71 0.73
N TRP B 258 27.29 -19.14 1.12
CA TRP B 258 27.83 -17.94 0.49
C TRP B 258 29.29 -18.21 0.14
N THR B 259 29.56 -18.46 -1.15
CA THR B 259 30.91 -18.65 -1.67
C THR B 259 31.01 -17.98 -3.03
N ALA B 260 32.15 -17.35 -3.31
CA ALA B 260 32.38 -16.78 -4.63
C ALA B 260 33.88 -16.70 -4.91
N GLY B 261 34.37 -17.58 -5.79
CA GLY B 261 35.69 -17.58 -6.38
C GLY B 261 36.81 -17.51 -5.36
N ALA B 262 37.87 -16.82 -5.74
CA ALA B 262 38.97 -16.50 -4.84
C ALA B 262 39.38 -15.06 -5.08
N ALA B 263 39.95 -14.42 -4.07
CA ALA B 263 40.30 -13.01 -4.16
C ALA B 263 41.44 -12.69 -3.21
N ALA B 264 42.28 -11.74 -3.64
CA ALA B 264 43.41 -11.28 -2.85
C ALA B 264 43.73 -9.84 -3.20
N TYR B 265 44.30 -9.11 -2.25
CA TYR B 265 44.61 -7.70 -2.48
C TYR B 265 45.79 -7.25 -1.62
N TYR B 266 46.37 -6.11 -2.02
CA TYR B 266 47.59 -5.56 -1.44
C TYR B 266 47.27 -4.19 -0.85
N VAL B 267 47.67 -3.97 0.41
CA VAL B 267 47.40 -2.71 1.12
C VAL B 267 48.72 -2.12 1.59
N GLY B 268 48.93 -0.84 1.29
CA GLY B 268 50.06 -0.11 1.83
C GLY B 268 49.63 1.25 2.35
N TYR B 269 50.47 1.83 3.19
CA TYR B 269 50.13 3.04 3.94
C TYR B 269 50.97 4.22 3.50
N LEU B 270 50.31 5.31 3.16
CA LEU B 270 51.01 6.54 2.78
C LEU B 270 51.67 7.18 3.99
N GLN B 271 52.83 7.78 3.76
CA GLN B 271 53.58 8.48 4.78
C GLN B 271 54.05 9.83 4.22
N PRO B 272 54.25 10.82 5.09
CA PRO B 272 54.75 12.13 4.61
C PRO B 272 56.16 12.01 4.06
N ARG B 273 56.34 12.48 2.82
CA ARG B 273 57.59 12.30 2.10
C ARG B 273 57.78 13.47 1.13
N THR B 274 59.02 13.91 0.96
CA THR B 274 59.37 14.86 -0.09
C THR B 274 59.75 14.08 -1.35
N PHE B 275 59.09 14.39 -2.45
CA PHE B 275 59.32 13.74 -3.73
C PHE B 275 59.69 14.78 -4.78
N LEU B 276 60.56 14.38 -5.71
CA LEU B 276 60.90 15.19 -6.88
C LEU B 276 60.22 14.55 -8.08
N LEU B 277 59.21 15.23 -8.63
CA LEU B 277 58.44 14.69 -9.74
C LEU B 277 58.80 15.44 -11.01
N LYS B 278 59.07 14.68 -12.07
CA LYS B 278 59.48 15.23 -13.35
C LYS B 278 58.30 15.20 -14.32
N TYR B 279 57.83 16.38 -14.72
CA TYR B 279 56.71 16.49 -15.65
C TYR B 279 57.21 16.62 -17.08
N ASN B 280 56.46 16.03 -18.00
CA ASN B 280 56.82 15.99 -19.42
C ASN B 280 56.53 17.32 -20.09
N GLU B 281 56.92 17.43 -21.36
CA GLU B 281 56.41 18.51 -22.20
C GLU B 281 54.91 18.39 -22.39
N ASN B 282 54.42 17.16 -22.35
CA ASN B 282 52.97 16.95 -22.54
C ASN B 282 52.29 17.05 -21.17
N GLY B 283 53.07 17.16 -20.10
CA GLY B 283 52.54 17.26 -18.75
C GLY B 283 52.60 15.99 -17.95
N THR B 284 52.90 14.86 -18.59
CA THR B 284 52.91 13.57 -17.91
C THR B 284 54.08 13.46 -16.95
N ILE B 285 53.87 12.77 -15.83
CA ILE B 285 54.92 12.55 -14.85
C ILE B 285 55.75 11.36 -15.34
N THR B 286 56.86 11.66 -16.01
CA THR B 286 57.69 10.60 -16.59
C THR B 286 58.54 9.90 -15.54
N ASP B 287 59.01 10.62 -14.52
CA ASP B 287 59.86 10.05 -13.50
C ASP B 287 59.63 10.77 -12.18
N ALA B 288 59.76 10.03 -11.07
CA ALA B 288 59.73 10.59 -9.74
C ALA B 288 60.80 9.94 -8.89
N VAL B 289 61.26 10.66 -7.86
CA VAL B 289 62.33 10.20 -6.98
C VAL B 289 61.92 10.48 -5.53
N ASP B 290 62.05 9.47 -4.66
CA ASP B 290 61.93 9.65 -3.23
C ASP B 290 63.28 10.15 -2.70
N CYS B 291 63.29 11.35 -2.10
CA CYS B 291 64.55 11.97 -1.69
C CYS B 291 65.15 11.33 -0.44
N ALA B 292 64.37 10.61 0.36
CA ALA B 292 64.84 10.04 1.61
C ALA B 292 65.28 8.59 1.50
N LEU B 293 65.19 7.99 0.31
CA LEU B 293 65.44 6.56 0.16
C LEU B 293 66.92 6.22 0.33
N ASP B 294 67.80 6.90 -0.40
CA ASP B 294 69.22 6.59 -0.39
C ASP B 294 69.98 7.90 -0.57
N PRO B 295 71.28 7.94 -0.21
CA PRO B 295 72.05 9.19 -0.38
C PRO B 295 72.15 9.69 -1.81
N LEU B 296 72.16 8.80 -2.81
CA LEU B 296 72.14 9.25 -4.20
C LEU B 296 70.85 9.98 -4.54
N SER B 297 69.70 9.46 -4.07
CA SER B 297 68.44 10.12 -4.34
C SER B 297 68.36 11.48 -3.64
N GLU B 298 69.03 11.62 -2.49
CA GLU B 298 69.11 12.92 -1.83
C GLU B 298 70.00 13.89 -2.62
N THR B 299 71.07 13.37 -3.23
CA THR B 299 71.95 14.22 -4.03
C THR B 299 71.25 14.72 -5.29
N LYS B 300 70.46 13.86 -5.93
CA LYS B 300 69.64 14.29 -7.06
C LYS B 300 68.58 15.28 -6.60
N CYS B 301 68.08 15.13 -5.37
CA CYS B 301 67.04 16.02 -4.86
C CYS B 301 67.58 17.42 -4.60
N THR B 302 68.77 17.52 -3.99
CA THR B 302 69.30 18.83 -3.58
C THR B 302 69.71 19.66 -4.79
N LEU B 303 70.28 19.03 -5.82
CA LEU B 303 70.69 19.77 -7.01
C LEU B 303 69.50 20.03 -7.94
N GLN C 1 -10.45 30.80 -3.26
CA GLN C 1 -10.83 30.65 -1.86
C GLN C 1 -10.88 29.17 -1.51
N VAL C 2 -11.18 28.85 -0.26
CA VAL C 2 -11.55 27.47 0.07
C VAL C 2 -12.93 27.20 -0.51
N GLN C 3 -13.04 26.14 -1.30
N GLN C 3 -13.04 26.13 -1.28
CA GLN C 3 -14.30 25.70 -1.87
CA GLN C 3 -14.31 25.72 -1.85
C GLN C 3 -14.57 24.29 -1.38
C GLN C 3 -14.59 24.30 -1.40
N LEU C 4 -15.69 24.10 -0.67
CA LEU C 4 -16.04 22.82 -0.10
C LEU C 4 -17.32 22.31 -0.75
N VAL C 5 -17.26 21.09 -1.27
CA VAL C 5 -18.38 20.45 -1.94
C VAL C 5 -18.71 19.16 -1.21
N GLN C 6 -19.96 19.01 -0.80
CA GLN C 6 -20.37 17.90 0.04
C GLN C 6 -21.05 16.81 -0.78
N SER C 7 -21.21 15.65 -0.15
CA SER C 7 -21.91 14.53 -0.77
C SER C 7 -23.39 14.86 -0.96
N GLY C 8 -24.02 14.17 -1.92
CA GLY C 8 -25.41 14.41 -2.21
C GLY C 8 -26.33 13.98 -1.07
N ALA C 9 -27.56 14.50 -1.13
CA ALA C 9 -28.55 14.25 -0.10
C ALA C 9 -28.93 12.78 -0.05
N GLU C 10 -29.29 12.31 1.15
CA GLU C 10 -29.51 10.89 1.37
C GLU C 10 -30.77 10.68 2.21
N VAL C 11 -31.33 9.48 2.07
CA VAL C 11 -32.52 9.05 2.81
C VAL C 11 -32.16 7.83 3.65
N LYS C 12 -32.62 7.82 4.90
CA LYS C 12 -32.31 6.76 5.84
C LYS C 12 -33.55 6.41 6.65
N LYS C 13 -33.37 5.39 7.49
CA LYS C 13 -34.26 4.63 8.35
C LYS C 13 -33.72 4.68 9.78
N PRO C 14 -34.60 4.73 10.80
CA PRO C 14 -34.12 4.83 12.18
C PRO C 14 -33.25 3.66 12.60
N GLY C 15 -32.26 3.97 13.44
CA GLY C 15 -31.28 3.00 13.87
C GLY C 15 -30.12 2.80 12.93
N ALA C 16 -30.15 3.39 11.73
CA ALA C 16 -29.13 3.13 10.73
C ALA C 16 -27.96 4.08 10.89
N SER C 17 -27.05 4.06 9.91
CA SER C 17 -25.85 4.88 9.92
C SER C 17 -25.76 5.64 8.60
N VAL C 18 -25.21 6.84 8.65
CA VAL C 18 -25.09 7.72 7.48
C VAL C 18 -23.70 8.33 7.47
N LYS C 19 -23.13 8.50 6.28
CA LYS C 19 -21.83 9.10 6.10
C LYS C 19 -21.92 10.26 5.10
N VAL C 20 -21.34 11.40 5.47
CA VAL C 20 -21.35 12.59 4.65
C VAL C 20 -19.91 12.94 4.29
N SER C 21 -19.65 13.21 3.01
CA SER C 21 -18.33 13.58 2.53
C SER C 21 -18.27 15.09 2.27
N CYS C 22 -17.05 15.59 2.04
CA CYS C 22 -16.83 17.02 1.82
C CYS C 22 -15.47 17.20 1.13
N LYS C 23 -15.47 17.60 -0.13
CA LYS C 23 -14.26 17.72 -0.94
C LYS C 23 -13.75 19.16 -0.91
N VAL C 24 -12.44 19.31 -0.64
CA VAL C 24 -11.83 20.62 -0.41
C VAL C 24 -11.08 21.06 -1.66
N SER C 25 -11.26 22.33 -2.03
CA SER C 25 -10.62 22.93 -3.19
C SER C 25 -10.01 24.27 -2.81
N GLY C 26 -8.94 24.63 -3.51
CA GLY C 26 -8.25 25.91 -3.29
C GLY C 26 -7.11 25.89 -2.30
N TYR C 27 -7.37 25.35 -1.12
CA TYR C 27 -6.35 25.06 -0.12
C TYR C 27 -6.39 23.57 0.20
N THR C 28 -5.27 23.05 0.69
CA THR C 28 -5.25 21.65 1.08
C THR C 28 -5.89 21.46 2.46
N LEU C 29 -6.32 20.22 2.71
CA LEU C 29 -6.94 19.88 3.99
C LEU C 29 -5.96 19.98 5.16
N ILE C 30 -4.66 19.86 4.89
CA ILE C 30 -3.65 19.98 5.93
C ILE C 30 -3.56 21.42 6.45
N GLU C 31 -4.00 22.40 5.68
CA GLU C 31 -3.78 23.80 6.10
C GLU C 31 -4.98 24.38 6.83
N LEU C 32 -6.02 23.61 7.04
CA LEU C 32 -7.26 24.16 7.58
C LEU C 32 -7.98 23.15 8.46
N SER C 33 -8.57 23.65 9.55
CA SER C 33 -9.29 22.81 10.51
C SER C 33 -10.72 22.59 10.06
N MET C 34 -11.22 21.37 10.28
CA MET C 34 -12.49 20.92 9.73
C MET C 34 -13.56 20.79 10.83
N HIS C 35 -14.77 21.27 10.51
CA HIS C 35 -15.88 21.25 11.45
C HIS C 35 -17.15 20.82 10.73
N TRP C 36 -18.10 20.31 11.51
CA TRP C 36 -19.40 19.89 11.01
C TRP C 36 -20.51 20.46 11.89
N VAL C 37 -21.52 21.06 11.26
CA VAL C 37 -22.66 21.63 11.96
C VAL C 37 -23.94 21.18 11.26
N ARG C 38 -25.06 21.30 11.96
CA ARG C 38 -26.34 20.87 11.42
C ARG C 38 -27.43 21.90 11.64
N GLN C 39 -28.37 21.92 10.71
CA GLN C 39 -29.54 22.80 10.77
C GLN C 39 -30.79 21.97 10.55
N ALA C 40 -31.61 21.86 11.61
CA ALA C 40 -32.94 21.28 11.53
C ALA C 40 -33.78 22.05 10.51
N PRO C 41 -34.86 21.44 9.97
CA PRO C 41 -35.55 22.05 8.81
C PRO C 41 -36.02 23.49 9.00
N GLY C 42 -36.42 23.87 10.21
CA GLY C 42 -36.76 25.26 10.46
C GLY C 42 -36.08 25.89 11.66
N LYS C 43 -35.05 25.23 12.18
CA LYS C 43 -34.40 25.67 13.41
C LYS C 43 -32.97 26.14 13.14
N GLY C 44 -32.22 26.42 14.21
CA GLY C 44 -30.93 27.07 14.10
C GLY C 44 -29.78 26.10 13.89
N LEU C 45 -28.58 26.69 13.76
CA LEU C 45 -27.36 25.91 13.57
C LEU C 45 -26.94 25.27 14.88
N GLU C 46 -26.41 24.04 14.79
CA GLU C 46 -25.94 23.31 15.95
C GLU C 46 -24.59 22.68 15.63
N TRP C 47 -23.60 22.95 16.48
CA TRP C 47 -22.24 22.45 16.25
C TRP C 47 -22.16 20.98 16.63
N MET C 48 -21.86 20.14 15.64
CA MET C 48 -21.68 18.71 15.93
C MET C 48 -20.27 18.43 16.44
N GLY C 49 -19.26 18.92 15.74
CA GLY C 49 -17.89 18.74 16.19
C GLY C 49 -16.91 19.39 15.24
N GLY C 50 -15.65 19.36 15.64
CA GLY C 50 -14.59 19.94 14.84
C GLY C 50 -13.21 19.47 15.23
N PHE C 51 -12.22 20.31 14.91
CA PHE C 51 -10.81 20.02 15.17
C PHE C 51 -10.20 21.23 15.86
N ASP C 52 -9.50 20.99 16.97
CA ASP C 52 -8.81 22.05 17.70
C ASP C 52 -7.36 22.10 17.18
N PRO C 53 -6.89 23.23 16.66
CA PRO C 53 -5.53 23.25 16.09
C PRO C 53 -4.42 23.09 17.11
N GLU C 54 -4.43 23.91 18.17
CA GLU C 54 -3.36 23.89 19.16
C GLU C 54 -3.21 22.49 19.76
N ASP C 55 -4.25 22.01 20.43
CA ASP C 55 -4.29 20.65 20.93
C ASP C 55 -4.75 19.78 19.76
N VAL C 56 -3.83 19.06 19.11
CA VAL C 56 -4.24 18.24 17.96
C VAL C 56 -5.20 17.21 18.54
N GLU C 57 -6.48 17.36 18.18
CA GLU C 57 -7.56 16.57 18.77
C GLU C 57 -8.87 16.87 18.06
N THR C 58 -9.62 15.82 17.75
CA THR C 58 -10.96 15.94 17.19
C THR C 58 -11.94 16.11 18.35
N ILE C 59 -12.51 17.30 18.49
CA ILE C 59 -13.49 17.56 19.54
C ILE C 59 -14.87 17.15 19.06
N TYR C 60 -15.62 16.49 19.93
CA TYR C 60 -16.99 16.09 19.69
C TYR C 60 -17.89 16.76 20.74
N ALA C 61 -19.03 17.28 20.29
CA ALA C 61 -19.94 17.92 21.22
C ALA C 61 -20.64 16.88 22.09
N GLN C 62 -21.25 17.36 23.18
CA GLN C 62 -21.90 16.48 24.15
C GLN C 62 -23.07 15.71 23.54
N GLN C 63 -23.77 16.31 22.57
CA GLN C 63 -24.99 15.73 22.04
C GLN C 63 -24.73 14.43 21.29
N PHE C 64 -23.58 14.35 20.61
CA PHE C 64 -23.31 13.28 19.66
C PHE C 64 -22.15 12.40 20.11
N GLN C 65 -21.95 12.31 21.43
CA GLN C 65 -20.84 11.51 21.96
C GLN C 65 -21.10 10.03 21.75
N GLY C 66 -20.08 9.32 21.27
CA GLY C 66 -20.20 7.90 20.99
C GLY C 66 -21.15 7.55 19.87
N ARG C 67 -21.58 8.53 19.11
CA ARG C 67 -22.58 8.44 18.05
C ARG C 67 -22.05 8.98 16.72
N VAL C 68 -21.32 10.09 16.76
CA VAL C 68 -20.75 10.68 15.57
C VAL C 68 -19.27 10.30 15.54
N THR C 69 -18.71 10.24 14.33
CA THR C 69 -17.30 9.89 14.16
C THR C 69 -16.80 10.64 12.93
N MET C 70 -15.91 11.59 13.13
CA MET C 70 -15.39 12.43 12.06
C MET C 70 -13.97 12.01 11.71
N THR C 71 -13.73 11.77 10.42
CA THR C 71 -12.41 11.44 9.92
C THR C 71 -12.05 12.36 8.76
N GLU C 72 -10.75 12.45 8.50
CA GLU C 72 -10.20 13.25 7.42
C GLU C 72 -9.17 12.40 6.69
N ASP C 73 -9.20 12.41 5.36
CA ASP C 73 -8.16 11.77 4.56
C ASP C 73 -7.46 12.87 3.76
N THR C 74 -6.19 13.11 4.09
CA THR C 74 -5.45 14.22 3.49
C THR C 74 -5.17 13.99 2.01
N SER C 75 -5.04 12.73 1.60
CA SER C 75 -4.69 12.42 0.21
C SER C 75 -5.82 12.78 -0.74
N THR C 76 -7.05 12.37 -0.41
CA THR C 76 -8.20 12.67 -1.24
C THR C 76 -8.76 14.06 -1.01
N ASP C 77 -8.23 14.79 -0.03
CA ASP C 77 -8.71 16.12 0.38
C ASP C 77 -10.20 16.09 0.71
N THR C 78 -10.60 15.05 1.45
CA THR C 78 -12.01 14.83 1.77
C THR C 78 -12.18 14.71 3.27
N ALA C 79 -13.21 15.36 3.79
CA ALA C 79 -13.64 15.23 5.17
C ALA C 79 -14.83 14.28 5.25
N TYR C 80 -14.96 13.60 6.39
CA TYR C 80 -16.01 12.61 6.55
C TYR C 80 -16.67 12.75 7.91
N MET C 81 -17.97 12.53 7.95
CA MET C 81 -18.73 12.48 9.20
C MET C 81 -19.68 11.30 9.13
N GLU C 82 -19.54 10.37 10.07
CA GLU C 82 -20.44 9.22 10.18
C GLU C 82 -21.31 9.39 11.42
N LEU C 83 -22.63 9.25 11.23
CA LEU C 83 -23.58 9.31 12.34
C LEU C 83 -24.37 8.01 12.41
N SER C 84 -24.29 7.34 13.55
CA SER C 84 -24.97 6.08 13.77
C SER C 84 -26.20 6.28 14.64
N SER C 85 -27.01 5.22 14.75
CA SER C 85 -28.24 5.18 15.57
C SER C 85 -29.18 6.34 15.22
N LEU C 86 -29.45 6.48 13.92
CA LEU C 86 -30.18 7.62 13.40
C LEU C 86 -31.61 7.67 13.92
N ARG C 87 -32.09 8.88 14.13
CA ARG C 87 -33.46 9.11 14.58
C ARG C 87 -34.09 10.22 13.76
N SER C 88 -35.40 10.42 13.98
CA SER C 88 -36.13 11.50 13.34
C SER C 88 -35.60 12.88 13.73
N GLU C 89 -34.95 12.98 14.89
CA GLU C 89 -34.30 14.22 15.30
C GLU C 89 -33.22 14.63 14.30
N ASP C 90 -32.52 13.66 13.74
CA ASP C 90 -31.36 13.91 12.90
C ASP C 90 -31.72 14.33 11.49
N THR C 91 -33.01 14.38 11.15
CA THR C 91 -33.41 14.95 9.87
C THR C 91 -33.02 16.41 9.86
N ALA C 92 -32.06 16.77 9.01
CA ALA C 92 -31.46 18.10 9.01
C ALA C 92 -30.57 18.24 7.78
N VAL C 93 -30.15 19.47 7.53
CA VAL C 93 -29.12 19.76 6.55
C VAL C 93 -27.78 19.78 7.28
N TYR C 94 -26.85 18.95 6.83
CA TYR C 94 -25.53 18.82 7.45
C TYR C 94 -24.53 19.66 6.66
N TYR C 95 -23.90 20.62 7.32
CA TYR C 95 -22.95 21.51 6.67
C TYR C 95 -21.52 21.17 7.04
N CYS C 96 -20.66 21.23 6.03
CA CYS C 96 -19.21 21.13 6.18
C CYS C 96 -18.65 22.54 6.23
N ALA C 97 -18.05 22.91 7.37
CA ALA C 97 -17.48 24.24 7.55
C ALA C 97 -16.04 24.13 8.05
N THR C 98 -15.25 25.15 7.75
CA THR C 98 -13.80 25.11 7.93
C THR C 98 -13.27 26.39 8.56
N GLY C 99 -12.13 26.23 9.22
CA GLY C 99 -11.41 27.37 9.78
C GLY C 99 -9.92 27.15 9.70
N TRP C 100 -9.16 28.23 9.69
CA TRP C 100 -7.69 28.14 9.57
C TRP C 100 -7.10 27.64 10.88
N ALA C 101 -5.80 27.32 10.90
CA ALA C 101 -5.20 26.75 12.12
C ALA C 101 -4.03 27.58 12.64
N TYR C 102 -3.51 28.48 11.82
N TYR C 102 -3.51 28.49 11.82
CA TYR C 102 -2.33 29.27 12.24
CA TYR C 102 -2.33 29.28 12.24
C TYR C 102 -2.68 30.14 13.44
C TYR C 102 -2.70 30.08 13.47
N LYS C 103 -3.95 30.52 13.55
CA LYS C 103 -4.39 31.36 14.68
C LYS C 103 -5.44 30.65 15.54
N SER C 104 -6.32 29.86 14.93
CA SER C 104 -7.36 29.21 15.73
C SER C 104 -8.22 30.25 16.45
N THR C 105 -8.71 31.23 15.67
CA THR C 105 -9.62 32.24 16.19
C THR C 105 -11.08 31.79 16.19
N TRP C 106 -11.34 30.53 15.85
CA TRP C 106 -12.66 29.90 16.00
C TRP C 106 -13.71 30.62 15.16
N TYR C 107 -13.41 30.80 13.88
CA TYR C 107 -14.34 31.48 12.99
C TYR C 107 -14.55 30.53 11.82
N PHE C 108 -15.80 30.32 11.44
CA PHE C 108 -16.10 29.36 10.38
C PHE C 108 -16.13 30.14 9.07
N GLY C 109 -15.00 30.14 8.38
CA GLY C 109 -14.84 31.01 7.22
C GLY C 109 -15.60 30.55 5.99
N TYR C 110 -15.57 29.26 5.69
CA TYR C 110 -16.13 28.76 4.44
C TYR C 110 -17.01 27.55 4.71
N TRP C 111 -18.08 27.44 3.93
CA TRP C 111 -19.15 26.49 4.21
C TRP C 111 -19.48 25.70 2.97
N GLY C 112 -19.92 24.46 3.16
CA GLY C 112 -20.43 23.67 2.06
C GLY C 112 -21.87 24.05 1.74
N GLN C 113 -22.38 23.45 0.65
CA GLN C 113 -23.75 23.72 0.24
C GLN C 113 -24.77 23.03 1.13
N GLY C 114 -24.35 22.03 1.91
CA GLY C 114 -25.26 21.34 2.80
C GLY C 114 -25.78 20.04 2.24
N THR C 115 -25.86 19.02 3.09
CA THR C 115 -26.37 17.71 2.70
C THR C 115 -27.60 17.40 3.55
N LEU C 116 -28.74 17.18 2.88
CA LEU C 116 -29.98 16.89 3.56
C LEU C 116 -30.08 15.39 3.82
N VAL C 117 -30.09 15.02 5.09
CA VAL C 117 -30.36 13.65 5.52
C VAL C 117 -31.76 13.61 6.09
N THR C 118 -32.61 12.78 5.51
CA THR C 118 -33.99 12.60 5.96
C THR C 118 -34.12 11.22 6.57
N VAL C 119 -34.67 11.17 7.78
CA VAL C 119 -34.91 9.91 8.50
C VAL C 119 -36.41 9.70 8.57
N SER C 120 -36.90 8.59 8.01
CA SER C 120 -38.33 8.42 7.87
C SER C 120 -38.90 7.17 8.52
N SER C 121 -38.32 5.98 8.24
CA SER C 121 -38.80 4.61 8.46
C SER C 121 -39.84 4.14 7.45
N ALA C 122 -39.85 4.68 6.24
CA ALA C 122 -40.87 4.31 5.27
C ALA C 122 -40.27 4.14 3.89
N SER C 123 -41.09 3.67 2.96
CA SER C 123 -40.69 3.45 1.58
C SER C 123 -41.69 4.14 0.66
N THR C 124 -41.43 4.01 -0.65
CA THR C 124 -42.17 4.72 -1.69
C THR C 124 -43.66 4.40 -1.65
N LYS C 125 -44.48 5.43 -1.51
CA LYS C 125 -45.92 5.26 -1.41
C LYS C 125 -46.62 6.41 -2.14
N GLY C 126 -47.62 6.07 -2.92
CA GLY C 126 -48.36 7.05 -3.68
C GLY C 126 -49.22 7.93 -2.80
N PRO C 127 -49.67 9.05 -3.34
CA PRO C 127 -50.52 9.95 -2.56
C PRO C 127 -51.95 9.47 -2.55
N SER C 128 -52.56 9.62 -1.39
CA SER C 128 -54.01 9.57 -1.27
C SER C 128 -54.53 11.01 -1.29
N VAL C 129 -55.50 11.26 -2.15
CA VAL C 129 -55.91 12.61 -2.53
C VAL C 129 -57.36 12.82 -2.13
N PHE C 130 -57.63 13.91 -1.41
CA PHE C 130 -58.98 14.20 -0.96
C PHE C 130 -59.37 15.61 -1.39
N PRO C 131 -60.66 15.86 -1.61
CA PRO C 131 -61.08 17.21 -2.00
C PRO C 131 -61.21 18.14 -0.80
N LEU C 132 -60.85 19.40 -1.03
CA LEU C 132 -61.09 20.48 -0.07
C LEU C 132 -62.17 21.34 -0.73
N ALA C 133 -63.43 20.99 -0.49
CA ALA C 133 -64.57 21.58 -1.17
C ALA C 133 -64.91 22.97 -0.61
N PRO C 134 -65.48 23.85 -1.42
CA PRO C 134 -65.87 25.17 -0.92
C PRO C 134 -67.29 25.16 -0.37
N SER C 135 -67.60 26.22 0.37
CA SER C 135 -68.92 26.41 0.96
C SER C 135 -69.66 27.51 0.22
N SER C 136 -70.96 27.60 0.49
CA SER C 136 -71.79 28.68 -0.03
C SER C 136 -71.36 29.98 0.62
N LYS C 137 -70.75 30.87 -0.17
CA LYS C 137 -70.01 32.04 0.31
C LYS C 137 -68.96 31.63 1.34
N SER C 138 -68.00 30.86 0.84
CA SER C 138 -66.95 30.27 1.67
C SER C 138 -66.07 31.34 2.33
N THR C 139 -65.68 32.35 1.56
CA THR C 139 -64.92 33.48 2.06
C THR C 139 -65.55 34.75 1.49
N SER C 140 -65.57 35.82 2.29
CA SER C 140 -66.37 36.98 1.96
C SER C 140 -65.77 37.75 0.77
N GLY C 141 -66.62 38.56 0.14
CA GLY C 141 -66.26 39.26 -1.07
C GLY C 141 -66.66 38.57 -2.35
N GLY C 142 -67.52 37.55 -2.29
CA GLY C 142 -67.92 36.83 -3.48
C GLY C 142 -66.87 35.93 -4.08
N THR C 143 -65.89 35.50 -3.28
CA THR C 143 -64.78 34.69 -3.76
C THR C 143 -64.64 33.46 -2.87
N ALA C 144 -64.74 32.28 -3.46
CA ALA C 144 -64.66 31.03 -2.71
C ALA C 144 -63.24 30.46 -2.76
N ALA C 145 -62.99 29.48 -1.89
CA ALA C 145 -61.71 28.79 -1.80
C ALA C 145 -61.93 27.29 -1.82
N LEU C 146 -61.18 26.59 -2.66
CA LEU C 146 -61.32 25.15 -2.81
C LEU C 146 -59.96 24.54 -3.19
N GLY C 147 -59.81 23.25 -2.91
CA GLY C 147 -58.55 22.60 -3.19
C GLY C 147 -58.55 21.10 -3.02
N CYS C 148 -57.34 20.55 -2.99
CA CYS C 148 -57.09 19.10 -2.82
C CYS C 148 -55.87 18.72 -2.01
N LEU C 149 -56.10 17.89 -0.98
CA LEU C 149 -55.05 17.54 0.01
C LEU C 149 -54.28 16.35 -0.50
N VAL C 150 -53.03 16.53 -0.88
CA VAL C 150 -52.19 15.42 -1.29
C VAL C 150 -51.51 14.89 -0.03
N LYS C 151 -51.90 13.69 0.42
CA LYS C 151 -51.53 13.19 1.73
C LYS C 151 -50.78 11.86 1.62
N ASP C 152 -49.88 11.61 2.59
CA ASP C 152 -49.25 10.31 2.76
C ASP C 152 -48.51 9.91 1.50
N TYR C 153 -47.67 10.83 1.02
CA TYR C 153 -46.84 10.57 -0.15
C TYR C 153 -45.38 10.52 0.29
N PHE C 154 -44.65 9.51 -0.22
CA PHE C 154 -43.22 9.39 0.02
C PHE C 154 -42.70 8.69 -1.23
N PRO C 155 -41.52 9.07 -1.75
CA PRO C 155 -40.71 10.24 -1.43
C PRO C 155 -41.13 11.45 -2.26
N GLU C 156 -40.70 12.63 -1.83
CA GLU C 156 -40.95 13.82 -2.65
C GLU C 156 -40.10 13.60 -3.87
N PRO C 157 -40.32 14.19 -5.04
CA PRO C 157 -41.33 15.24 -5.24
C PRO C 157 -42.71 15.08 -5.88
N VAL C 158 -43.69 15.92 -5.47
CA VAL C 158 -45.06 15.91 -6.04
C VAL C 158 -45.35 17.20 -6.79
N THR C 159 -46.07 17.14 -7.91
CA THR C 159 -46.42 18.28 -8.75
C THR C 159 -47.93 18.27 -8.93
N VAL C 160 -48.61 19.29 -8.40
CA VAL C 160 -50.07 19.38 -8.50
C VAL C 160 -50.37 20.45 -9.54
N SER C 161 -51.28 20.15 -10.51
CA SER C 161 -51.70 21.20 -11.42
C SER C 161 -53.23 21.20 -11.41
N TRP C 162 -53.83 22.24 -11.96
CA TRP C 162 -55.27 22.36 -11.94
C TRP C 162 -55.77 22.59 -13.35
N ASN C 163 -56.88 21.93 -13.70
CA ASN C 163 -57.54 22.04 -15.00
C ASN C 163 -56.54 22.03 -16.15
N SER C 164 -55.60 21.09 -16.07
CA SER C 164 -54.66 20.78 -17.16
C SER C 164 -53.82 21.99 -17.57
N GLY C 165 -53.42 22.80 -16.59
CA GLY C 165 -52.60 23.97 -16.86
C GLY C 165 -53.36 25.20 -17.29
N ALA C 166 -54.68 25.08 -17.49
CA ALA C 166 -55.49 26.24 -17.84
C ALA C 166 -55.64 27.19 -16.66
N LEU C 167 -55.81 26.63 -15.46
CA LEU C 167 -56.04 27.44 -14.26
C LEU C 167 -54.67 27.72 -13.65
N THR C 168 -54.16 28.93 -13.84
CA THR C 168 -52.93 29.41 -13.23
C THR C 168 -53.11 30.64 -12.38
N SER C 169 -54.34 31.03 -12.10
CA SER C 169 -54.66 32.32 -11.53
C SER C 169 -55.13 32.08 -10.10
N GLY C 170 -54.33 32.48 -9.11
CA GLY C 170 -54.75 32.34 -7.73
C GLY C 170 -54.56 30.97 -7.12
N VAL C 171 -53.82 30.10 -7.81
CA VAL C 171 -53.59 28.72 -7.38
C VAL C 171 -52.29 28.68 -6.59
N HIS C 172 -52.36 28.35 -5.31
CA HIS C 172 -51.14 28.16 -4.54
C HIS C 172 -51.04 26.71 -4.12
N THR C 173 -49.97 26.06 -4.54
CA THR C 173 -49.69 24.69 -4.15
C THR C 173 -48.73 24.79 -2.97
N PHE C 174 -49.24 24.50 -1.77
CA PHE C 174 -48.48 24.70 -0.54
C PHE C 174 -47.34 23.67 -0.41
N PRO C 175 -46.38 23.87 0.55
CA PRO C 175 -45.20 22.97 0.65
C PRO C 175 -45.41 21.69 1.42
N ALA C 176 -44.28 21.04 1.72
CA ALA C 176 -44.24 19.71 2.32
C ALA C 176 -44.18 19.74 3.85
N VAL C 177 -45.04 18.95 4.50
CA VAL C 177 -44.95 18.70 5.93
C VAL C 177 -44.52 17.26 6.10
N LEU C 178 -43.48 17.03 6.88
CA LEU C 178 -43.07 15.64 7.00
C LEU C 178 -43.70 15.23 8.32
N GLN C 179 -44.71 14.37 8.24
CA GLN C 179 -45.48 14.01 9.42
C GLN C 179 -44.59 13.18 10.35
N SER C 180 -45.10 12.83 11.54
CA SER C 180 -44.29 11.98 12.42
C SER C 180 -43.98 10.66 11.77
N SER C 181 -45.00 10.04 11.17
CA SER C 181 -44.76 8.98 10.21
C SER C 181 -43.94 9.54 9.06
N GLY C 182 -43.06 8.71 8.50
CA GLY C 182 -42.13 9.20 7.48
C GLY C 182 -42.79 9.96 6.35
N LEU C 183 -44.05 9.63 6.07
CA LEU C 183 -44.81 10.17 4.95
C LEU C 183 -44.99 11.69 5.05
N TYR C 184 -44.98 12.33 3.87
CA TYR C 184 -45.15 13.77 3.70
C TYR C 184 -46.62 14.09 3.44
N SER C 185 -46.95 15.39 3.30
CA SER C 185 -48.29 15.80 2.87
C SER C 185 -48.22 17.23 2.31
N LEU C 186 -49.19 17.59 1.43
CA LEU C 186 -49.21 18.99 0.97
C LEU C 186 -50.68 19.25 0.61
N SER C 187 -50.98 20.52 0.33
CA SER C 187 -52.31 20.92 -0.12
C SER C 187 -52.21 21.97 -1.21
N SER C 188 -53.16 21.97 -2.15
CA SER C 188 -53.22 23.02 -3.16
C SER C 188 -54.61 23.61 -3.22
N VAL C 189 -54.72 24.92 -3.09
CA VAL C 189 -55.99 25.63 -3.13
C VAL C 189 -56.03 26.65 -4.23
N VAL C 190 -57.22 26.79 -4.83
CA VAL C 190 -57.50 27.82 -5.82
C VAL C 190 -58.59 28.74 -5.29
N THR C 191 -58.31 30.04 -5.33
CA THR C 191 -59.28 31.11 -5.07
C THR C 191 -60.08 31.40 -6.32
N VAL C 192 -61.35 31.05 -6.31
CA VAL C 192 -62.22 31.21 -7.46
C VAL C 192 -63.47 32.03 -7.23
N PRO C 193 -64.01 32.67 -8.28
CA PRO C 193 -65.26 33.43 -8.16
C PRO C 193 -66.35 32.53 -7.61
N SER C 194 -67.12 33.05 -6.64
CA SER C 194 -68.17 32.23 -6.03
C SER C 194 -69.20 31.80 -7.05
N SER C 195 -69.57 32.71 -7.96
CA SER C 195 -70.55 32.40 -8.99
C SER C 195 -70.06 31.31 -9.92
N SER C 196 -68.74 31.29 -10.19
CA SER C 196 -68.15 30.38 -11.18
C SER C 196 -68.28 28.91 -10.78
N LEU C 197 -68.19 28.63 -9.47
CA LEU C 197 -68.41 27.29 -8.93
C LEU C 197 -69.48 26.50 -9.60
N GLY C 198 -70.64 27.14 -9.76
CA GLY C 198 -71.75 26.48 -10.42
C GLY C 198 -71.47 26.02 -11.86
N THR C 199 -70.73 26.82 -12.62
CA THR C 199 -70.59 26.57 -14.06
C THR C 199 -69.21 26.10 -14.49
N GLN C 200 -68.26 25.85 -13.59
CA GLN C 200 -66.93 25.53 -14.06
C GLN C 200 -66.45 24.20 -13.51
N THR C 201 -65.54 23.57 -14.26
CA THR C 201 -65.07 22.22 -14.01
C THR C 201 -63.69 22.40 -13.40
N TYR C 202 -63.51 21.97 -12.15
CA TYR C 202 -62.26 22.18 -11.44
C TYR C 202 -61.68 20.81 -11.10
N ILE C 203 -60.47 20.53 -11.60
CA ILE C 203 -59.90 19.19 -11.50
C ILE C 203 -58.50 19.30 -10.91
N CYS C 204 -58.24 18.63 -9.78
CA CYS C 204 -56.83 18.50 -9.37
C CYS C 204 -56.07 17.59 -10.35
N ASN C 205 -54.78 17.86 -10.57
CA ASN C 205 -54.02 16.88 -11.34
C ASN C 205 -52.76 16.49 -10.58
N VAL C 206 -52.87 15.55 -9.65
CA VAL C 206 -51.73 15.15 -8.84
C VAL C 206 -50.88 14.15 -9.61
N ASN C 207 -49.57 14.37 -9.63
CA ASN C 207 -48.62 13.46 -10.26
C ASN C 207 -47.44 13.24 -9.32
N HIS C 208 -47.34 12.04 -8.77
CA HIS C 208 -46.24 11.64 -7.89
C HIS C 208 -45.42 10.61 -8.64
N LYS C 209 -44.38 11.09 -9.33
CA LYS C 209 -43.53 10.22 -10.15
C LYS C 209 -42.83 9.06 -9.42
N PRO C 210 -42.27 9.21 -8.20
CA PRO C 210 -41.54 8.05 -7.61
C PRO C 210 -42.39 6.80 -7.41
N SER C 211 -43.64 6.95 -7.00
CA SER C 211 -44.54 5.81 -6.94
C SER C 211 -45.19 5.51 -8.27
N ASN C 212 -44.94 6.33 -9.29
CA ASN C 212 -45.55 6.24 -10.62
C ASN C 212 -47.08 6.29 -10.52
N THR C 213 -47.58 7.39 -9.99
CA THR C 213 -49.00 7.57 -9.72
C THR C 213 -49.47 8.90 -10.29
N LYS C 214 -50.55 8.85 -11.06
CA LYS C 214 -51.26 10.04 -11.53
C LYS C 214 -52.70 9.97 -11.04
N VAL C 215 -53.14 11.01 -10.36
CA VAL C 215 -54.48 11.08 -9.79
C VAL C 215 -55.16 12.36 -10.27
N ASP C 216 -56.38 12.24 -10.79
CA ASP C 216 -57.18 13.39 -11.19
C ASP C 216 -58.48 13.36 -10.41
N LYS C 217 -58.64 14.29 -9.47
CA LYS C 217 -59.82 14.37 -8.62
C LYS C 217 -60.54 15.68 -8.89
N LYS C 218 -61.84 15.59 -9.17
CA LYS C 218 -62.67 16.76 -9.41
C LYS C 218 -63.27 17.24 -8.10
N VAL C 219 -63.07 18.52 -7.79
CA VAL C 219 -63.59 19.13 -6.57
C VAL C 219 -64.88 19.85 -6.92
N GLU C 220 -65.95 19.53 -6.19
CA GLU C 220 -67.27 20.11 -6.38
C GLU C 220 -67.89 20.41 -5.03
N PRO C 221 -68.61 21.54 -4.90
CA PRO C 221 -69.22 21.96 -3.63
C PRO C 221 -70.26 20.99 -3.09
N GLN D 1 -20.99 29.54 29.18
CA GLN D 1 -20.86 28.10 29.03
C GLN D 1 -21.98 27.51 28.18
N SER D 2 -23.22 27.87 28.53
CA SER D 2 -24.39 27.33 27.85
C SER D 2 -24.58 28.00 26.49
N ALA D 3 -25.69 27.65 25.84
CA ALA D 3 -25.98 28.18 24.51
C ALA D 3 -26.27 29.68 24.58
N LEU D 4 -25.85 30.39 23.54
CA LEU D 4 -25.93 31.84 23.53
C LEU D 4 -27.36 32.30 23.26
N THR D 5 -27.75 33.38 23.93
CA THR D 5 -29.11 33.90 23.86
C THR D 5 -29.17 35.08 22.90
N GLN D 6 -30.11 35.03 21.96
CA GLN D 6 -30.33 36.04 20.95
C GLN D 6 -31.81 36.42 20.94
N PRO D 7 -32.14 37.66 20.57
CA PRO D 7 -33.55 38.02 20.42
C PRO D 7 -34.16 37.27 19.26
N PRO D 8 -35.47 37.01 19.29
CA PRO D 8 -36.08 36.22 18.20
C PRO D 8 -36.19 37.00 16.90
N SER D 9 -36.48 38.29 16.96
CA SER D 9 -36.73 39.08 15.77
C SER D 9 -36.06 40.44 15.90
N ALA D 10 -35.69 41.00 14.76
CA ALA D 10 -35.25 42.38 14.65
C ALA D 10 -35.92 42.97 13.42
N SER D 11 -36.39 44.20 13.54
CA SER D 11 -37.18 44.81 12.48
C SER D 11 -36.70 46.22 12.24
N GLY D 12 -36.63 46.62 10.97
CA GLY D 12 -36.18 47.94 10.63
C GLY D 12 -36.77 48.39 9.32
N SER D 13 -37.08 49.67 9.22
CA SER D 13 -37.47 50.25 7.95
C SER D 13 -36.19 50.38 7.12
N PRO D 14 -36.30 50.44 5.73
CA PRO D 14 -35.09 50.39 4.88
C PRO D 14 -33.87 51.23 5.25
N GLY D 15 -33.98 52.52 5.59
CA GLY D 15 -32.77 53.26 5.94
C GLY D 15 -32.11 52.71 7.20
N GLN D 16 -32.87 52.61 8.28
CA GLN D 16 -32.43 52.60 9.68
C GLN D 16 -31.38 51.59 10.10
N SER D 17 -30.78 51.86 11.27
CA SER D 17 -29.72 51.07 11.87
C SER D 17 -30.30 50.12 12.91
N VAL D 18 -29.90 48.84 12.85
CA VAL D 18 -30.41 47.81 13.75
C VAL D 18 -29.23 47.12 14.44
N THR D 19 -29.45 46.72 15.69
CA THR D 19 -28.45 46.02 16.50
C THR D 19 -29.02 44.73 17.06
N ILE D 20 -28.38 43.60 16.77
CA ILE D 20 -28.70 42.30 17.36
C ILE D 20 -27.65 41.99 18.42
N SER D 21 -28.10 41.61 19.61
CA SER D 21 -27.22 41.33 20.73
C SER D 21 -27.07 39.82 20.93
N CYS D 22 -25.84 39.39 21.18
CA CYS D 22 -25.53 38.00 21.50
C CYS D 22 -25.00 37.98 22.93
N THR D 23 -25.84 37.58 23.87
CA THR D 23 -25.48 37.61 25.28
C THR D 23 -25.17 36.21 25.78
N GLY D 24 -24.14 36.11 26.62
CA GLY D 24 -23.71 34.83 27.17
C GLY D 24 -23.13 35.02 28.55
N THR D 25 -22.01 34.34 28.83
CA THR D 25 -21.38 34.37 30.13
C THR D 25 -19.91 34.72 29.98
N SER D 26 -19.22 34.79 31.13
CA SER D 26 -17.77 34.93 31.12
C SER D 26 -17.06 33.69 30.61
N SER D 27 -17.73 32.54 30.67
CA SER D 27 -17.12 31.29 30.22
C SER D 27 -16.93 31.27 28.71
N ASP D 28 -17.89 31.81 27.95
CA ASP D 28 -17.91 31.61 26.50
C ASP D 28 -17.70 32.89 25.70
N VAL D 29 -18.56 33.90 25.83
CA VAL D 29 -18.34 35.13 25.07
C VAL D 29 -17.49 36.13 25.85
N GLY D 30 -17.59 36.12 27.19
CA GLY D 30 -16.88 37.12 27.97
C GLY D 30 -15.39 36.87 28.04
N GLY D 31 -14.99 35.62 28.28
CA GLY D 31 -13.59 35.31 28.50
C GLY D 31 -12.73 35.47 27.26
N TYR D 32 -13.26 35.08 26.11
CA TYR D 32 -12.48 35.03 24.88
C TYR D 32 -12.97 36.06 23.87
N ASN D 33 -12.05 36.49 23.01
CA ASN D 33 -12.36 37.36 21.88
C ASN D 33 -12.64 36.56 20.62
N TYR D 34 -13.17 35.34 20.76
CA TYR D 34 -13.41 34.45 19.63
C TYR D 34 -14.87 34.44 19.18
N VAL D 35 -15.53 35.58 19.35
CA VAL D 35 -16.97 35.67 18.97
C VAL D 35 -17.03 35.94 17.47
N SER D 36 -18.13 35.60 16.82
CA SER D 36 -18.24 35.69 15.37
C SER D 36 -19.70 35.82 14.99
N TRP D 37 -19.95 36.13 13.73
CA TRP D 37 -21.30 36.48 13.28
C TRP D 37 -21.52 35.97 11.85
N TYR D 38 -22.74 35.46 11.59
CA TYR D 38 -23.03 34.80 10.32
C TYR D 38 -24.43 35.18 9.82
N GLN D 39 -24.55 35.33 8.50
CA GLN D 39 -25.80 35.60 7.81
C GLN D 39 -26.33 34.34 7.16
N GLN D 40 -27.66 34.17 7.14
CA GLN D 40 -28.27 33.04 6.47
C GLN D 40 -29.55 33.46 5.76
N HIS D 41 -29.49 33.54 4.44
CA HIS D 41 -30.68 33.69 3.61
C HIS D 41 -31.47 32.38 3.58
N PRO D 42 -32.79 32.43 3.33
CA PRO D 42 -33.63 31.24 3.58
C PRO D 42 -33.34 30.12 2.60
N GLY D 43 -33.11 28.92 3.14
CA GLY D 43 -32.74 27.77 2.34
C GLY D 43 -31.33 27.81 1.78
N LYS D 44 -30.54 28.81 2.15
CA LYS D 44 -29.17 28.97 1.68
C LYS D 44 -28.22 28.78 2.85
N ALA D 45 -27.03 28.26 2.55
CA ALA D 45 -26.02 27.98 3.56
C ALA D 45 -25.51 29.29 4.19
N PRO D 46 -24.99 29.23 5.42
CA PRO D 46 -24.55 30.47 6.08
C PRO D 46 -23.33 31.11 5.41
N LYS D 47 -23.15 32.39 5.73
CA LYS D 47 -22.05 33.21 5.23
C LYS D 47 -21.45 34.00 6.37
N LEU D 48 -20.13 34.06 6.42
CA LEU D 48 -19.45 34.79 7.49
C LEU D 48 -19.63 36.30 7.31
N MET D 49 -19.91 36.99 8.43
CA MET D 49 -20.12 38.43 8.43
C MET D 49 -19.11 39.18 9.29
N ILE D 50 -18.96 38.80 10.56
CA ILE D 50 -18.01 39.43 11.48
C ILE D 50 -17.24 38.33 12.17
N TYR D 51 -15.92 38.48 12.24
CA TYR D 51 -15.05 37.55 12.94
C TYR D 51 -14.22 38.32 13.95
N GLU D 52 -13.84 37.64 15.02
CA GLU D 52 -13.02 38.24 16.11
C GLU D 52 -13.69 39.44 16.73
N VAL D 53 -14.98 39.39 17.05
CA VAL D 53 -15.72 40.49 17.76
C VAL D 53 -15.85 41.71 16.87
N SER D 54 -14.74 42.22 16.36
CA SER D 54 -14.79 43.48 15.59
C SER D 54 -14.38 43.32 14.14
N LYS D 55 -13.55 42.35 13.82
CA LYS D 55 -12.99 42.32 12.45
C LYS D 55 -14.01 41.94 11.40
N ARG D 56 -13.80 42.39 10.17
CA ARG D 56 -14.74 42.17 9.09
C ARG D 56 -14.01 41.63 7.86
N PRO D 57 -14.48 40.53 7.28
CA PRO D 57 -13.89 40.05 6.04
C PRO D 57 -14.14 41.02 4.90
N SER D 58 -13.21 41.05 3.95
CA SER D 58 -13.45 41.74 2.69
C SER D 58 -14.54 41.00 1.93
N GLY D 59 -15.31 41.75 1.14
CA GLY D 59 -16.52 41.24 0.54
C GLY D 59 -17.74 41.36 1.43
N VAL D 60 -17.56 41.73 2.69
CA VAL D 60 -18.65 42.13 3.57
C VAL D 60 -18.63 43.65 3.66
N PRO D 61 -19.71 44.34 3.31
CA PRO D 61 -19.65 45.81 3.20
C PRO D 61 -19.52 46.49 4.55
N ASP D 62 -19.34 47.81 4.49
CA ASP D 62 -18.94 48.60 5.66
C ASP D 62 -19.99 48.55 6.76
N ARG D 63 -21.27 48.51 6.39
CA ARG D 63 -22.36 48.76 7.32
C ARG D 63 -22.48 47.70 8.41
N PHE D 64 -21.97 46.50 8.18
CA PHE D 64 -21.92 45.48 9.23
C PHE D 64 -20.70 45.74 10.12
N SER D 65 -20.91 45.70 11.43
CA SER D 65 -19.83 45.94 12.38
C SER D 65 -20.21 45.38 13.74
N GLY D 66 -19.26 44.71 14.40
CA GLY D 66 -19.48 44.09 15.68
C GLY D 66 -18.69 44.75 16.80
N SER D 67 -19.07 44.37 18.03
CA SER D 67 -18.41 44.82 19.26
C SER D 67 -18.89 43.93 20.40
N LYS D 68 -18.16 43.99 21.53
CA LYS D 68 -18.54 43.31 22.75
C LYS D 68 -18.40 44.26 23.93
N SER D 69 -19.08 43.91 25.02
CA SER D 69 -18.89 44.57 26.31
C SER D 69 -19.22 43.55 27.39
N GLY D 70 -18.23 43.21 28.21
CA GLY D 70 -18.41 42.24 29.26
C GLY D 70 -18.76 40.86 28.76
N ASN D 71 -19.99 40.42 29.01
CA ASN D 71 -20.48 39.11 28.60
C ASN D 71 -21.54 39.19 27.50
N THR D 72 -21.56 40.28 26.73
CA THR D 72 -22.54 40.42 25.67
C THR D 72 -21.90 41.08 24.46
N ALA D 73 -22.03 40.44 23.29
CA ALA D 73 -21.58 40.99 22.03
C ALA D 73 -22.77 41.53 21.24
N SER D 74 -22.46 42.27 20.18
CA SER D 74 -23.51 42.89 19.38
C SER D 74 -23.04 43.11 17.94
N LEU D 75 -23.89 42.74 16.99
CA LEU D 75 -23.68 43.05 15.58
C LEU D 75 -24.58 44.22 15.20
N THR D 76 -24.02 45.17 14.43
CA THR D 76 -24.70 46.42 14.13
C THR D 76 -24.69 46.67 12.63
N VAL D 77 -25.89 46.80 12.05
CA VAL D 77 -26.08 47.13 10.65
C VAL D 77 -26.51 48.59 10.58
N SER D 78 -25.82 49.38 9.76
CA SER D 78 -26.09 50.82 9.68
C SER D 78 -26.35 51.20 8.23
N GLY D 79 -27.60 51.50 7.89
CA GLY D 79 -27.93 51.67 6.50
C GLY D 79 -28.48 50.40 5.90
N LEU D 80 -29.58 49.90 6.48
CA LEU D 80 -30.21 48.66 6.05
C LEU D 80 -30.54 48.66 4.56
N GLN D 81 -30.57 47.46 4.00
CA GLN D 81 -31.01 47.24 2.61
C GLN D 81 -31.72 45.90 2.60
N ALA D 82 -32.49 45.65 1.53
CA ALA D 82 -33.22 44.40 1.41
C ALA D 82 -32.29 43.19 1.30
N GLU D 83 -31.03 43.41 0.93
CA GLU D 83 -30.02 42.36 0.94
C GLU D 83 -29.73 41.84 2.35
N ASP D 84 -30.04 42.63 3.38
CA ASP D 84 -29.72 42.26 4.76
C ASP D 84 -30.82 41.44 5.44
N GLU D 85 -31.95 41.23 4.78
CA GLU D 85 -33.07 40.50 5.37
C GLU D 85 -32.75 39.02 5.39
N ALA D 86 -32.33 38.51 6.55
CA ALA D 86 -31.91 37.12 6.69
C ALA D 86 -31.91 36.75 8.17
N ASP D 87 -31.52 35.50 8.45
CA ASP D 87 -31.28 35.02 9.80
C ASP D 87 -29.82 35.29 10.17
N TYR D 88 -29.59 35.72 11.41
CA TYR D 88 -28.26 36.03 11.88
C TYR D 88 -27.95 35.24 13.14
N TYR D 89 -26.82 34.52 13.12
CA TYR D 89 -26.37 33.72 14.25
C TYR D 89 -25.00 34.21 14.71
N CYS D 90 -24.79 34.20 16.03
CA CYS D 90 -23.48 34.43 16.62
C CYS D 90 -22.86 33.11 17.06
N SER D 91 -21.55 33.09 17.18
CA SER D 91 -20.86 31.89 17.65
C SER D 91 -19.61 32.28 18.42
N SER D 92 -19.32 31.56 19.50
CA SER D 92 -18.18 31.84 20.34
C SER D 92 -17.62 30.54 20.92
N TYR D 93 -16.35 30.61 21.31
CA TYR D 93 -15.64 29.46 21.87
C TYR D 93 -15.92 29.35 23.36
N ALA D 94 -16.46 28.21 23.78
CA ALA D 94 -16.80 27.98 25.18
C ALA D 94 -15.69 27.29 25.96
N GLY D 95 -14.49 27.22 25.40
CA GLY D 95 -13.35 26.59 26.05
C GLY D 95 -13.18 25.13 25.71
N SER D 96 -14.27 24.37 25.70
CA SER D 96 -14.27 22.98 25.29
C SER D 96 -15.04 22.75 24.01
N ARG D 97 -15.84 23.72 23.57
CA ARG D 97 -16.85 23.53 22.54
C ARG D 97 -16.98 24.79 21.70
N MET D 98 -17.53 24.61 20.51
CA MET D 98 -18.01 25.72 19.70
C MET D 98 -19.52 25.81 19.89
N GLY D 99 -19.99 26.99 20.28
CA GLY D 99 -21.41 27.18 20.57
C GLY D 99 -22.01 28.24 19.66
N PHE D 100 -23.30 28.08 19.37
CA PHE D 100 -24.03 29.00 18.50
C PHE D 100 -25.18 29.64 19.27
N GLY D 101 -25.61 30.81 18.78
CA GLY D 101 -26.79 31.45 19.31
C GLY D 101 -28.07 30.92 18.67
N GLY D 102 -29.20 31.31 19.25
CA GLY D 102 -30.49 30.87 18.75
C GLY D 102 -30.89 31.50 17.43
N GLY D 103 -30.31 32.64 17.09
CA GLY D 103 -30.61 33.30 15.84
C GLY D 103 -31.56 34.47 15.99
N THR D 104 -31.55 35.34 15.00
CA THR D 104 -32.45 36.50 14.96
C THR D 104 -32.80 36.79 13.50
N LYS D 105 -34.10 36.88 13.24
CA LYS D 105 -34.64 37.10 11.88
C LYS D 105 -34.78 38.60 11.69
N LEU D 106 -33.79 39.20 11.03
CA LEU D 106 -33.81 40.63 10.69
C LEU D 106 -34.72 40.84 9.50
N THR D 107 -35.76 41.66 9.69
CA THR D 107 -36.78 41.90 8.69
C THR D 107 -36.75 43.37 8.31
N VAL D 108 -36.32 43.66 7.09
CA VAL D 108 -36.33 45.04 6.57
C VAL D 108 -37.73 45.33 6.06
N LEU D 109 -38.44 46.22 6.76
CA LEU D 109 -39.86 46.45 6.48
C LEU D 109 -40.07 47.23 5.20
N GLY D 110 -40.19 46.52 4.08
CA GLY D 110 -40.30 47.13 2.78
C GLY D 110 -41.68 47.38 2.23
N GLN D 111 -42.73 46.94 2.91
CA GLN D 111 -44.09 47.07 2.39
C GLN D 111 -45.05 47.13 3.56
N PRO D 112 -46.28 47.66 3.36
CA PRO D 112 -47.18 47.87 4.50
C PRO D 112 -47.59 46.58 5.19
N LYS D 113 -48.07 46.74 6.43
CA LYS D 113 -48.49 45.61 7.24
C LYS D 113 -49.71 44.94 6.62
N ALA D 114 -49.63 43.63 6.44
CA ALA D 114 -50.72 42.85 5.88
C ALA D 114 -51.15 41.80 6.90
N ALA D 115 -52.42 41.85 7.29
CA ALA D 115 -53.00 40.86 8.18
C ALA D 115 -53.33 39.59 7.40
N PRO D 116 -53.22 38.43 8.03
CA PRO D 116 -53.44 37.17 7.29
C PRO D 116 -54.90 36.93 6.96
N SER D 117 -55.11 36.15 5.90
CA SER D 117 -56.44 35.67 5.51
C SER D 117 -56.47 34.16 5.69
N VAL D 118 -57.46 33.69 6.46
CA VAL D 118 -57.51 32.31 6.93
C VAL D 118 -58.72 31.61 6.35
N THR D 119 -58.53 30.36 5.92
CA THR D 119 -59.62 29.44 5.61
C THR D 119 -59.32 28.10 6.29
N LEU D 120 -60.33 27.51 6.94
CA LEU D 120 -60.20 26.20 7.57
C LEU D 120 -61.07 25.20 6.82
N PHE D 121 -60.47 24.07 6.46
CA PHE D 121 -61.28 23.01 5.89
C PHE D 121 -61.51 21.89 6.90
N PRO D 122 -62.74 21.39 7.00
CA PRO D 122 -62.98 20.18 7.79
C PRO D 122 -62.42 18.96 7.08
N PRO D 123 -62.35 17.79 7.74
CA PRO D 123 -62.06 16.57 7.00
C PRO D 123 -63.18 16.30 6.00
N SER D 124 -62.80 15.92 4.79
CA SER D 124 -63.79 15.58 3.78
C SER D 124 -64.51 14.30 4.18
N SER D 125 -65.68 14.10 3.60
CA SER D 125 -66.45 12.88 3.87
C SER D 125 -65.70 11.64 3.42
N GLU D 126 -64.92 11.74 2.34
CA GLU D 126 -64.18 10.60 1.84
C GLU D 126 -63.08 10.19 2.81
N GLU D 127 -62.31 11.17 3.29
CA GLU D 127 -61.25 10.92 4.27
C GLU D 127 -61.80 10.29 5.53
N LEU D 128 -62.93 10.81 6.02
CA LEU D 128 -63.55 10.30 7.25
C LEU D 128 -63.89 8.82 7.12
N GLN D 129 -64.14 8.36 5.89
CA GLN D 129 -64.38 6.96 5.61
C GLN D 129 -63.11 6.23 5.18
N ALA D 130 -61.93 6.77 5.50
CA ALA D 130 -60.69 6.02 5.48
C ALA D 130 -60.21 5.74 6.89
N ASN D 131 -61.10 5.89 7.87
CA ASN D 131 -60.76 5.89 9.29
C ASN D 131 -59.64 6.88 9.59
N LYS D 132 -59.74 8.06 8.99
CA LYS D 132 -58.79 9.13 9.29
C LYS D 132 -59.49 10.46 9.08
N ALA D 133 -58.95 11.51 9.69
CA ALA D 133 -59.54 12.85 9.59
C ALA D 133 -58.46 13.89 9.83
N THR D 134 -58.30 14.83 8.88
CA THR D 134 -57.27 15.85 8.97
C THR D 134 -57.85 17.22 8.66
N LEU D 135 -57.84 18.10 9.66
CA LEU D 135 -58.19 19.50 9.45
C LEU D 135 -57.06 20.21 8.69
N VAL D 136 -57.45 21.07 7.74
CA VAL D 136 -56.50 21.84 6.95
C VAL D 136 -56.81 23.31 7.16
N CYS D 137 -55.89 24.02 7.80
CA CYS D 137 -56.01 25.47 8.03
C CYS D 137 -54.95 26.15 7.17
N LEU D 138 -55.39 26.94 6.20
CA LEU D 138 -54.50 27.56 5.24
C LEU D 138 -54.55 29.07 5.39
N ILE D 139 -53.37 29.67 5.47
CA ILE D 139 -53.18 31.08 5.74
C ILE D 139 -52.53 31.69 4.50
N SER D 140 -52.83 32.96 4.22
CA SER D 140 -52.20 33.59 3.05
C SER D 140 -52.18 35.11 3.21
N ASP D 141 -51.26 35.73 2.46
CA ASP D 141 -51.20 37.18 2.22
C ASP D 141 -51.00 37.96 3.52
N PHE D 142 -49.88 37.71 4.19
CA PHE D 142 -49.53 38.46 5.38
C PHE D 142 -48.06 38.88 5.33
N TYR D 143 -47.80 40.15 5.64
CA TYR D 143 -46.47 40.70 5.84
C TYR D 143 -46.45 41.39 7.19
N PRO D 144 -45.36 41.24 7.98
CA PRO D 144 -44.14 40.45 7.78
C PRO D 144 -44.36 38.93 7.89
N GLY D 145 -43.37 38.18 7.42
CA GLY D 145 -43.49 36.73 7.34
C GLY D 145 -43.14 35.96 8.59
N ALA D 146 -43.71 36.37 9.72
CA ALA D 146 -43.69 35.59 10.95
C ALA D 146 -45.12 35.51 11.47
N VAL D 147 -45.54 34.30 11.84
CA VAL D 147 -46.93 34.06 12.22
C VAL D 147 -46.92 32.95 13.28
N THR D 148 -48.03 32.83 14.00
CA THR D 148 -48.15 31.87 15.09
C THR D 148 -49.49 31.15 14.98
N VAL D 149 -49.47 29.83 15.01
CA VAL D 149 -50.66 29.00 14.84
C VAL D 149 -50.92 28.21 16.11
N ALA D 150 -52.15 28.31 16.62
CA ALA D 150 -52.61 27.51 17.75
C ALA D 150 -53.93 26.85 17.39
N TRP D 151 -54.10 25.62 17.84
CA TRP D 151 -55.30 24.83 17.57
C TRP D 151 -56.10 24.64 18.83
N LYS D 152 -57.43 24.71 18.70
CA LYS D 152 -58.34 24.67 19.84
C LYS D 152 -59.42 23.62 19.59
N ALA D 153 -59.50 22.65 20.47
CA ALA D 153 -60.58 21.65 20.39
C ALA D 153 -61.65 22.12 21.34
N ASP D 154 -62.84 22.39 20.85
CA ASP D 154 -63.82 22.97 21.78
C ASP D 154 -63.14 24.25 22.27
N SER D 155 -62.91 24.39 23.56
CA SER D 155 -62.16 25.56 24.05
C SER D 155 -60.84 25.10 24.60
N SER D 156 -60.43 23.88 24.28
CA SER D 156 -59.23 23.32 24.92
C SER D 156 -58.02 23.25 23.97
N PRO D 157 -56.76 23.43 24.43
CA PRO D 157 -55.59 23.41 23.53
C PRO D 157 -55.30 22.02 22.99
N VAL D 158 -54.75 21.98 21.78
CA VAL D 158 -54.28 20.77 21.15
C VAL D 158 -52.85 20.98 20.68
N LYS D 159 -51.96 20.08 21.08
CA LYS D 159 -50.61 20.01 20.53
C LYS D 159 -50.31 18.67 19.90
N ALA D 160 -51.12 17.64 20.15
CA ALA D 160 -50.88 16.31 19.62
C ALA D 160 -51.48 16.23 18.22
N GLY D 161 -50.61 16.22 17.21
CA GLY D 161 -51.04 16.09 15.83
C GLY D 161 -51.05 17.37 15.02
N VAL D 162 -50.29 18.38 15.42
CA VAL D 162 -50.23 19.65 14.71
C VAL D 162 -48.90 19.72 13.96
N GLU D 163 -48.98 19.75 12.63
CA GLU D 163 -47.81 19.98 11.79
C GLU D 163 -48.07 21.19 10.91
N THR D 164 -47.06 22.04 10.75
CA THR D 164 -47.24 23.36 10.17
C THR D 164 -45.97 23.75 9.41
N THR D 165 -46.14 24.17 8.15
CA THR D 165 -45.00 24.69 7.40
C THR D 165 -44.55 26.03 7.95
N THR D 166 -43.26 26.29 7.77
CA THR D 166 -42.73 27.63 7.95
C THR D 166 -43.26 28.54 6.84
N PRO D 167 -43.44 29.83 7.12
CA PRO D 167 -44.03 30.73 6.11
C PRO D 167 -43.14 30.88 4.88
N SER D 168 -43.81 31.05 3.72
CA SER D 168 -43.14 31.19 2.40
C SER D 168 -43.55 32.52 1.77
N LYS D 169 -42.95 32.95 0.67
CA LYS D 169 -43.17 34.33 0.14
C LYS D 169 -44.11 34.47 -1.07
N GLN D 170 -44.70 33.42 -1.60
CA GLN D 170 -45.70 33.58 -2.67
C GLN D 170 -45.17 34.40 -3.84
N SER D 171 -46.03 35.21 -4.46
CA SER D 171 -45.67 36.01 -5.65
C SER D 171 -46.05 37.47 -5.44
N ASN D 172 -46.83 37.75 -4.42
CA ASN D 172 -47.29 39.13 -4.16
C ASN D 172 -46.24 39.75 -3.25
N ASN D 173 -45.18 39.00 -3.00
CA ASN D 173 -44.11 39.48 -2.10
C ASN D 173 -44.63 39.49 -0.66
N LYS D 174 -45.74 38.82 -0.40
CA LYS D 174 -46.18 38.67 1.01
C LYS D 174 -45.89 37.22 1.38
N TYR D 175 -46.50 36.67 2.42
CA TYR D 175 -46.15 35.33 2.84
C TYR D 175 -47.41 34.50 3.06
N ALA D 176 -47.26 33.18 2.92
CA ALA D 176 -48.35 32.24 3.11
C ALA D 176 -47.83 31.02 3.86
N ALA D 177 -48.70 30.40 4.64
CA ALA D 177 -48.31 29.25 5.45
C ALA D 177 -49.48 28.28 5.55
N SER D 178 -49.16 27.04 5.92
CA SER D 178 -50.12 25.95 5.98
C SER D 178 -50.00 25.21 7.30
N SER D 179 -51.14 24.84 7.89
CA SER D 179 -51.15 24.07 9.13
C SER D 179 -52.20 22.96 9.03
N TYR D 180 -51.80 21.76 9.43
CA TYR D 180 -52.65 20.58 9.36
C TYR D 180 -52.79 19.98 10.75
N LEU D 181 -54.03 19.67 11.15
CA LEU D 181 -54.30 18.97 12.40
C LEU D 181 -54.98 17.64 12.07
N SER D 182 -54.38 16.55 12.52
CA SER D 182 -54.85 15.20 12.20
C SER D 182 -55.52 14.57 13.40
N LEU D 183 -56.70 14.00 13.17
CA LEU D 183 -57.53 13.43 14.23
C LEU D 183 -57.90 12.01 13.88
N THR D 184 -58.58 11.34 14.83
CA THR D 184 -59.39 10.19 14.48
C THR D 184 -60.81 10.66 14.18
N PRO D 185 -61.57 9.93 13.35
CA PRO D 185 -62.97 10.33 13.11
C PRO D 185 -63.83 10.31 14.37
N GLU D 186 -63.50 9.46 15.34
CA GLU D 186 -64.21 9.48 16.62
C GLU D 186 -63.93 10.77 17.39
N GLN D 187 -62.66 11.21 17.40
CA GLN D 187 -62.30 12.46 18.07
C GLN D 187 -62.94 13.66 17.39
N TRP D 188 -63.07 13.61 16.06
CA TRP D 188 -63.68 14.71 15.32
C TRP D 188 -65.17 14.83 15.62
N LYS D 189 -65.86 13.70 15.72
CA LYS D 189 -67.31 13.71 15.96
C LYS D 189 -67.67 13.85 17.44
N SER D 190 -66.71 13.65 18.35
CA SER D 190 -66.99 13.82 19.76
C SER D 190 -66.96 15.29 20.15
N HIS D 191 -65.82 15.96 19.92
CA HIS D 191 -65.69 17.38 20.20
C HIS D 191 -66.62 18.18 19.29
N ARG D 192 -67.31 19.16 19.87
CA ARG D 192 -68.36 19.87 19.17
C ARG D 192 -67.88 21.16 18.52
N SER D 193 -66.56 21.40 18.51
CA SER D 193 -65.96 22.51 17.76
C SER D 193 -64.45 22.30 17.65
N TYR D 194 -63.88 22.71 16.52
CA TYR D 194 -62.44 22.79 16.32
C TYR D 194 -62.12 24.15 15.71
N SER D 195 -60.95 24.69 16.06
CA SER D 195 -60.62 26.04 15.66
C SER D 195 -59.12 26.21 15.44
N CYS D 196 -58.78 26.82 14.31
CA CYS D 196 -57.41 27.24 14.00
C CYS D 196 -57.29 28.72 14.30
N GLN D 197 -56.49 29.08 15.29
CA GLN D 197 -56.28 30.46 15.68
C GLN D 197 -54.89 30.89 15.23
N VAL D 198 -54.85 32.01 14.50
CA VAL D 198 -53.66 32.47 13.79
C VAL D 198 -53.31 33.85 14.30
N THR D 199 -52.05 34.02 14.72
CA THR D 199 -51.60 35.24 15.39
C THR D 199 -50.53 35.93 14.56
N HIS D 200 -50.74 37.21 14.28
CA HIS D 200 -49.80 37.99 13.47
C HIS D 200 -49.71 39.42 14.02
N GLU D 201 -48.51 39.78 14.48
CA GLU D 201 -48.25 41.06 15.17
C GLU D 201 -49.22 41.29 16.32
N GLY D 202 -49.50 40.22 17.08
CA GLY D 202 -50.36 40.31 18.24
C GLY D 202 -51.85 40.21 17.97
N SER D 203 -52.30 40.55 16.77
CA SER D 203 -53.71 40.39 16.42
C SER D 203 -53.98 38.96 15.99
N THR D 204 -55.03 38.37 16.54
CA THR D 204 -55.33 36.95 16.34
C THR D 204 -56.63 36.79 15.57
N VAL D 205 -56.55 36.13 14.42
CA VAL D 205 -57.71 35.75 13.61
C VAL D 205 -58.07 34.31 13.95
N GLU D 206 -59.37 34.00 13.95
CA GLU D 206 -59.84 32.64 14.21
C GLU D 206 -60.75 32.17 13.09
N LYS D 207 -60.58 30.92 12.69
CA LYS D 207 -61.55 30.20 11.87
C LYS D 207 -62.05 28.99 12.64
N THR D 208 -63.35 28.73 12.55
CA THR D 208 -64.02 27.71 13.34
C THR D 208 -64.80 26.78 12.43
N VAL D 209 -64.59 25.46 12.57
CA VAL D 209 -65.38 24.45 11.87
C VAL D 209 -65.72 23.34 12.86
N ALA D 210 -66.94 22.83 12.78
CA ALA D 210 -67.50 21.85 13.70
C ALA D 210 -68.30 20.86 12.87
N PRO D 211 -68.56 19.61 13.43
CA PRO D 211 -69.20 18.56 12.64
C PRO D 211 -70.69 18.76 12.36
N THR D 212 -71.05 19.89 11.77
CA THR D 212 -72.44 20.07 11.38
C THR D 212 -72.84 19.03 10.35
N GLU D 213 -71.96 18.76 9.40
CA GLU D 213 -72.17 17.83 8.31
C GLU D 213 -72.52 16.43 8.81
N GLN E 1 19.10 -25.09 5.50
CA GLN E 1 18.41 -25.66 4.35
C GLN E 1 17.06 -24.98 4.19
N VAL E 2 16.36 -25.15 3.06
CA VAL E 2 15.08 -24.49 2.98
C VAL E 2 14.10 -25.33 3.78
N GLN E 3 13.11 -24.67 4.35
CA GLN E 3 12.14 -25.34 5.20
C GLN E 3 10.75 -24.89 4.80
N LEU E 4 9.89 -25.83 4.47
CA LEU E 4 8.56 -25.54 3.96
C LEU E 4 7.53 -26.00 4.98
N VAL E 5 6.67 -25.07 5.41
CA VAL E 5 5.64 -25.33 6.41
C VAL E 5 4.30 -25.00 5.77
N GLN E 6 3.39 -25.97 5.75
CA GLN E 6 2.12 -25.82 5.07
C GLN E 6 1.00 -25.51 6.05
N SER E 7 -0.12 -25.05 5.50
CA SER E 7 -1.31 -24.78 6.29
C SER E 7 -1.88 -26.08 6.86
N GLY E 8 -2.64 -25.93 7.94
CA GLY E 8 -3.23 -27.09 8.59
C GLY E 8 -4.29 -27.75 7.73
N ALA E 9 -4.62 -28.99 8.11
CA ALA E 9 -5.57 -29.79 7.37
C ALA E 9 -6.97 -29.21 7.44
N GLU E 10 -7.75 -29.45 6.39
CA GLU E 10 -9.10 -28.90 6.31
C GLU E 10 -10.04 -29.93 5.71
N VAL E 11 -11.33 -29.76 6.01
CA VAL E 11 -12.38 -30.66 5.55
C VAL E 11 -13.34 -29.86 4.66
N LYS E 12 -13.74 -30.46 3.54
CA LYS E 12 -14.60 -29.81 2.57
C LYS E 12 -15.70 -30.76 2.13
N LYS E 13 -16.68 -30.20 1.42
CA LYS E 13 -17.81 -30.91 0.85
C LYS E 13 -17.74 -30.81 -0.67
N PRO E 14 -18.42 -31.70 -1.42
CA PRO E 14 -18.35 -31.64 -2.88
C PRO E 14 -18.85 -30.31 -3.46
N GLY E 15 -18.11 -29.81 -4.44
CA GLY E 15 -18.37 -28.54 -5.07
C GLY E 15 -17.59 -27.37 -4.52
N ALA E 16 -16.94 -27.53 -3.36
CA ALA E 16 -16.34 -26.42 -2.65
C ALA E 16 -14.98 -26.05 -3.23
N SER E 17 -14.32 -25.08 -2.58
CA SER E 17 -13.00 -24.61 -2.96
C SER E 17 -12.12 -24.57 -1.72
N VAL E 18 -10.85 -24.95 -1.89
CA VAL E 18 -9.89 -25.06 -0.81
C VAL E 18 -8.62 -24.31 -1.19
N LYS E 19 -7.97 -23.69 -0.20
CA LYS E 19 -6.71 -22.98 -0.41
C LYS E 19 -5.69 -23.43 0.63
N VAL E 20 -4.50 -23.81 0.16
CA VAL E 20 -3.44 -24.35 0.99
C VAL E 20 -2.24 -23.40 0.92
N SER E 21 -1.67 -23.05 2.08
CA SER E 21 -0.51 -22.17 2.11
C SER E 21 0.77 -22.99 2.27
N CYS E 22 1.90 -22.32 2.10
CA CYS E 22 3.21 -22.96 2.20
C CYS E 22 4.23 -21.86 2.49
N LYS E 23 4.75 -21.83 3.72
CA LYS E 23 5.70 -20.81 4.15
C LYS E 23 7.12 -21.34 4.00
N VAL E 24 7.97 -20.59 3.31
CA VAL E 24 9.34 -21.00 3.03
C VAL E 24 10.31 -20.25 3.93
N SER E 25 11.30 -20.98 4.46
CA SER E 25 12.29 -20.43 5.37
C SER E 25 13.68 -20.86 4.90
N GLY E 26 14.70 -20.12 5.33
CA GLY E 26 16.09 -20.42 4.98
C GLY E 26 16.57 -19.80 3.68
N TYR E 27 15.76 -19.88 2.63
CA TYR E 27 15.98 -19.19 1.37
C TYR E 27 14.70 -18.48 0.98
N THR E 28 14.83 -17.33 0.35
CA THR E 28 13.67 -16.52 -0.04
C THR E 28 12.98 -17.11 -1.26
N LEU E 29 11.67 -16.81 -1.39
CA LEU E 29 10.82 -17.45 -2.39
C LEU E 29 11.29 -17.17 -3.82
N ILE E 30 11.82 -15.97 -4.08
CA ILE E 30 12.27 -15.64 -5.44
C ILE E 30 13.56 -16.33 -5.83
N GLU E 31 14.10 -17.20 -4.99
CA GLU E 31 15.32 -17.86 -5.48
C GLU E 31 15.02 -19.32 -5.81
N LEU E 32 13.79 -19.79 -5.56
CA LEU E 32 13.57 -21.23 -5.73
C LEU E 32 12.14 -21.43 -6.24
N SER E 33 11.98 -22.31 -7.22
CA SER E 33 10.69 -22.52 -7.85
C SER E 33 9.81 -23.47 -7.03
N MET E 34 8.50 -23.25 -7.10
CA MET E 34 7.53 -23.93 -6.25
C MET E 34 6.64 -24.85 -7.07
N HIS E 35 6.52 -26.10 -6.62
CA HIS E 35 5.68 -27.09 -7.27
C HIS E 35 4.82 -27.79 -6.23
N TRP E 36 3.58 -28.11 -6.61
CA TRP E 36 2.63 -28.78 -5.73
C TRP E 36 2.25 -30.14 -6.29
N VAL E 37 2.31 -31.17 -5.44
CA VAL E 37 1.90 -32.52 -5.80
C VAL E 37 0.93 -33.02 -4.73
N ARG E 38 0.22 -34.10 -5.07
CA ARG E 38 -0.73 -34.69 -4.13
C ARG E 38 -0.60 -36.20 -4.13
N GLN E 39 -0.94 -36.80 -3.00
CA GLN E 39 -0.91 -38.25 -2.81
C GLN E 39 -2.23 -38.69 -2.18
N ALA E 40 -3.02 -39.44 -2.96
CA ALA E 40 -4.23 -40.06 -2.44
C ALA E 40 -3.86 -41.15 -1.44
N PRO E 41 -4.82 -41.57 -0.55
CA PRO E 41 -4.52 -42.65 0.40
C PRO E 41 -4.00 -43.93 -0.23
N GLY E 42 -2.74 -44.24 0.05
CA GLY E 42 -2.08 -45.42 -0.49
C GLY E 42 -1.52 -45.26 -1.87
N LYS E 43 -2.08 -44.33 -2.65
CA LYS E 43 -1.75 -44.18 -4.06
C LYS E 43 -0.41 -43.47 -4.22
N GLY E 44 -0.04 -43.18 -5.47
CA GLY E 44 1.24 -42.58 -5.75
C GLY E 44 1.22 -41.07 -5.75
N LEU E 45 2.36 -40.49 -6.07
CA LEU E 45 2.49 -39.04 -6.18
C LEU E 45 1.99 -38.58 -7.53
N GLU E 46 1.30 -37.43 -7.55
CA GLU E 46 0.77 -36.86 -8.77
C GLU E 46 1.08 -35.37 -8.81
N TRP E 47 1.79 -34.95 -9.84
CA TRP E 47 2.16 -33.55 -10.00
C TRP E 47 0.94 -32.72 -10.39
N MET E 48 0.62 -31.72 -9.58
CA MET E 48 -0.47 -30.80 -9.91
C MET E 48 0.02 -29.64 -10.76
N GLY E 49 1.14 -29.03 -10.39
CA GLY E 49 1.71 -27.97 -11.19
C GLY E 49 2.92 -27.36 -10.51
N GLY E 50 3.54 -26.43 -11.22
CA GLY E 50 4.71 -25.78 -10.69
C GLY E 50 5.09 -24.54 -11.47
N PHE E 51 6.37 -24.19 -11.37
CA PHE E 51 6.93 -23.00 -11.99
C PHE E 51 8.11 -23.40 -12.87
N ASP E 52 8.07 -23.00 -14.14
CA ASP E 52 9.10 -23.26 -15.15
C ASP E 52 10.20 -22.21 -15.00
N PRO E 53 11.43 -22.59 -14.59
CA PRO E 53 12.46 -21.56 -14.36
C PRO E 53 12.91 -20.81 -15.62
N GLU E 54 13.16 -21.54 -16.68
CA GLU E 54 13.64 -20.91 -17.94
C GLU E 54 12.54 -20.03 -18.51
N ASP E 55 11.32 -20.55 -18.67
CA ASP E 55 10.19 -19.73 -19.17
C ASP E 55 9.39 -19.28 -17.96
N VAL E 56 9.43 -18.01 -17.60
CA VAL E 56 8.81 -17.64 -16.32
C VAL E 56 7.33 -17.74 -16.58
N GLU E 57 6.72 -18.80 -16.07
CA GLU E 57 5.29 -19.02 -16.30
C GLU E 57 4.93 -20.24 -15.48
N THR E 58 3.92 -20.09 -14.66
CA THR E 58 3.52 -21.22 -13.82
C THR E 58 3.02 -22.30 -14.77
N ILE E 59 3.27 -23.59 -14.51
CA ILE E 59 2.71 -24.62 -15.42
C ILE E 59 1.66 -25.44 -14.68
N TYR E 60 0.51 -25.69 -15.30
CA TYR E 60 -0.54 -26.48 -14.69
C TYR E 60 -0.66 -27.80 -15.43
N ALA E 61 -0.77 -28.90 -14.69
CA ALA E 61 -0.92 -30.19 -15.32
C ALA E 61 -2.28 -30.31 -16.00
N GLN E 62 -2.38 -31.26 -16.93
CA GLN E 62 -3.59 -31.45 -17.72
C GLN E 62 -4.79 -31.88 -16.88
N GLN E 63 -4.55 -32.49 -15.71
CA GLN E 63 -5.65 -33.02 -14.91
C GLN E 63 -6.50 -31.90 -14.29
N PHE E 64 -5.89 -30.77 -13.97
CA PHE E 64 -6.54 -29.78 -13.13
C PHE E 64 -6.73 -28.47 -13.88
N GLN E 65 -7.23 -28.54 -15.11
CA GLN E 65 -7.34 -27.37 -15.97
C GLN E 65 -8.52 -26.50 -15.55
N GLY E 66 -8.27 -25.20 -15.36
CA GLY E 66 -9.29 -24.27 -14.91
C GLY E 66 -9.90 -24.62 -13.57
N ARG E 67 -9.20 -25.40 -12.76
CA ARG E 67 -9.74 -25.97 -11.53
C ARG E 67 -8.74 -25.72 -10.42
N VAL E 68 -7.47 -25.60 -10.77
CA VAL E 68 -6.43 -25.27 -9.81
C VAL E 68 -5.87 -23.90 -10.21
N THR E 69 -5.36 -23.16 -9.23
CA THR E 69 -4.78 -21.85 -9.46
C THR E 69 -3.73 -21.62 -8.40
N MET E 70 -2.48 -21.49 -8.81
CA MET E 70 -1.36 -21.38 -7.87
C MET E 70 -0.76 -19.98 -7.93
N THR E 71 -0.66 -19.34 -6.77
CA THR E 71 -0.16 -17.98 -6.65
C THR E 71 0.91 -17.94 -5.56
N GLU E 72 1.80 -16.96 -5.69
CA GLU E 72 2.87 -16.74 -4.72
C GLU E 72 2.88 -15.28 -4.32
N ASP E 73 3.23 -15.03 -3.05
CA ASP E 73 3.44 -13.67 -2.56
C ASP E 73 4.85 -13.60 -2.00
N THR E 74 5.70 -12.81 -2.67
CA THR E 74 7.12 -12.80 -2.35
C THR E 74 7.41 -12.13 -1.02
N SER E 75 6.59 -11.15 -0.63
CA SER E 75 6.81 -10.44 0.62
C SER E 75 6.61 -11.35 1.83
N THR E 76 5.52 -12.10 1.84
CA THR E 76 5.23 -13.03 2.93
C THR E 76 5.98 -14.35 2.80
N ASP E 77 6.71 -14.56 1.69
CA ASP E 77 7.41 -15.81 1.39
C ASP E 77 6.47 -17.01 1.46
N THR E 78 5.29 -16.86 0.88
CA THR E 78 4.23 -17.84 1.03
C THR E 78 3.71 -18.24 -0.35
N ALA E 79 3.59 -19.55 -0.58
CA ALA E 79 3.03 -20.09 -1.80
C ALA E 79 1.61 -20.58 -1.56
N TYR E 80 0.75 -20.37 -2.55
CA TYR E 80 -0.67 -20.65 -2.41
C TYR E 80 -1.15 -21.54 -3.55
N MET E 81 -2.18 -22.34 -3.26
CA MET E 81 -2.74 -23.27 -4.23
C MET E 81 -4.24 -23.38 -3.95
N GLU E 82 -5.06 -22.87 -4.87
CA GLU E 82 -6.50 -22.93 -4.75
C GLU E 82 -7.06 -23.98 -5.69
N LEU E 83 -7.86 -24.90 -5.15
CA LEU E 83 -8.53 -25.92 -5.95
C LEU E 83 -10.03 -25.77 -5.78
N SER E 84 -10.73 -25.53 -6.89
CA SER E 84 -12.19 -25.42 -6.89
C SER E 84 -12.80 -26.74 -7.36
N SER E 85 -14.13 -26.78 -7.34
CA SER E 85 -14.92 -27.91 -7.84
C SER E 85 -14.52 -29.23 -7.19
N LEU E 86 -14.34 -29.19 -5.87
CA LEU E 86 -13.82 -30.35 -5.13
C LEU E 86 -14.78 -31.53 -5.19
N ARG E 87 -14.21 -32.72 -5.28
CA ARG E 87 -14.97 -33.96 -5.28
C ARG E 87 -14.16 -34.97 -4.46
N SER E 88 -14.77 -36.13 -4.20
CA SER E 88 -14.19 -37.16 -3.34
C SER E 88 -12.85 -37.68 -3.83
N GLU E 89 -12.55 -37.57 -5.13
CA GLU E 89 -11.25 -38.01 -5.61
C GLU E 89 -10.12 -37.14 -5.10
N ASP E 90 -10.41 -35.86 -4.85
CA ASP E 90 -9.40 -34.92 -4.37
C ASP E 90 -9.01 -35.14 -2.92
N THR E 91 -9.61 -36.10 -2.21
CA THR E 91 -9.23 -36.41 -0.85
C THR E 91 -7.82 -36.98 -0.84
N ALA E 92 -6.87 -36.17 -0.40
CA ALA E 92 -5.45 -36.52 -0.52
C ALA E 92 -4.64 -35.64 0.42
N VAL E 93 -3.38 -36.00 0.59
CA VAL E 93 -2.40 -35.16 1.26
C VAL E 93 -1.70 -34.32 0.19
N TYR E 94 -1.64 -33.01 0.41
CA TYR E 94 -1.13 -32.08 -0.59
C TYR E 94 0.21 -31.52 -0.10
N TYR E 95 1.26 -31.78 -0.87
CA TYR E 95 2.61 -31.37 -0.54
C TYR E 95 3.06 -30.23 -1.45
N CYS E 96 3.68 -29.21 -0.85
CA CYS E 96 4.43 -28.22 -1.61
C CYS E 96 5.90 -28.63 -1.59
N ALA E 97 6.54 -28.58 -2.76
CA ALA E 97 7.92 -28.99 -2.91
C ALA E 97 8.71 -27.90 -3.63
N THR E 98 10.02 -28.08 -3.71
CA THR E 98 10.86 -27.04 -4.29
C THR E 98 12.10 -27.54 -5.03
N GLY E 99 12.35 -26.85 -6.14
CA GLY E 99 13.56 -27.05 -6.90
C GLY E 99 14.22 -25.71 -7.15
N TRP E 100 15.54 -25.75 -7.27
CA TRP E 100 16.29 -24.54 -7.50
C TRP E 100 15.97 -24.02 -8.89
N ALA E 101 16.08 -22.72 -9.08
CA ALA E 101 15.66 -22.18 -10.37
C ALA E 101 16.85 -22.00 -11.30
N TYR E 102 17.99 -21.60 -10.75
N TYR E 102 18.00 -21.63 -10.74
CA TYR E 102 19.19 -21.36 -11.57
CA TYR E 102 19.17 -21.33 -11.60
C TYR E 102 19.47 -22.62 -12.37
C TYR E 102 19.61 -22.59 -12.37
N LYS E 103 19.75 -23.71 -11.68
CA LYS E 103 20.12 -24.96 -12.36
C LYS E 103 18.97 -25.53 -13.19
N SER E 104 17.74 -25.43 -12.70
CA SER E 104 16.62 -26.09 -13.41
C SER E 104 16.92 -27.57 -13.57
N THR E 105 17.22 -28.32 -12.50
CA THR E 105 17.53 -29.76 -12.73
C THR E 105 16.32 -30.61 -12.37
N TRP E 106 15.17 -29.98 -12.18
CA TRP E 106 13.91 -30.70 -11.93
C TRP E 106 14.07 -31.76 -10.87
N TYR E 107 14.60 -31.38 -9.69
CA TYR E 107 14.77 -32.28 -8.56
C TYR E 107 14.14 -31.62 -7.34
N PHE E 108 13.03 -32.21 -6.87
CA PHE E 108 12.24 -31.62 -5.79
C PHE E 108 12.94 -31.94 -4.46
N GLY E 109 13.93 -31.11 -4.13
CA GLY E 109 14.80 -31.42 -3.00
C GLY E 109 14.10 -31.41 -1.66
N TYR E 110 13.20 -30.46 -1.44
CA TYR E 110 12.66 -30.22 -0.11
C TYR E 110 11.14 -30.20 -0.17
N TRP E 111 10.51 -30.77 0.86
CA TRP E 111 9.09 -31.05 0.86
C TRP E 111 8.45 -30.52 2.14
N GLY E 112 7.18 -30.13 2.03
CA GLY E 112 6.41 -29.81 3.21
C GLY E 112 5.95 -31.06 3.93
N GLN E 113 5.38 -30.85 5.12
CA GLN E 113 4.87 -31.99 5.90
C GLN E 113 3.62 -32.59 5.28
N GLY E 114 2.93 -31.86 4.42
CA GLY E 114 1.70 -32.30 3.82
C GLY E 114 0.48 -31.67 4.47
N THR E 115 -0.55 -31.43 3.65
CA THR E 115 -1.83 -30.93 4.12
C THR E 115 -2.91 -31.89 3.66
N LEU E 116 -3.63 -32.47 4.61
CA LEU E 116 -4.67 -33.45 4.29
C LEU E 116 -5.97 -32.69 4.00
N VAL E 117 -6.41 -32.76 2.75
CA VAL E 117 -7.72 -32.24 2.36
C VAL E 117 -8.66 -33.43 2.27
N THR E 118 -9.75 -33.39 3.04
CA THR E 118 -10.70 -34.49 3.11
C THR E 118 -12.05 -33.99 2.59
N VAL E 119 -12.53 -34.62 1.51
CA VAL E 119 -13.76 -34.20 0.83
C VAL E 119 -14.78 -35.29 1.02
N SER E 120 -15.86 -34.99 1.75
CA SER E 120 -16.94 -35.94 1.97
C SER E 120 -18.17 -35.23 2.49
N SER E 121 -19.31 -35.47 1.85
CA SER E 121 -20.62 -35.16 2.43
C SER E 121 -21.21 -36.47 2.94
N ALA E 122 -20.69 -36.93 4.08
CA ALA E 122 -21.09 -38.20 4.66
C ALA E 122 -21.46 -38.00 6.12
N SER E 123 -22.62 -38.51 6.50
CA SER E 123 -23.08 -38.48 7.89
C SER E 123 -23.20 -39.91 8.40
N THR E 124 -23.49 -40.02 9.70
CA THR E 124 -23.53 -41.32 10.36
C THR E 124 -24.66 -42.18 9.80
N LYS E 125 -24.32 -43.41 9.42
N LYS E 125 -24.32 -43.42 9.44
CA LYS E 125 -25.28 -44.33 8.79
CA LYS E 125 -25.25 -44.33 8.80
C LYS E 125 -24.91 -45.75 9.18
C LYS E 125 -24.91 -45.75 9.19
N GLY E 126 -25.94 -46.54 9.52
CA GLY E 126 -25.75 -47.92 9.86
C GLY E 126 -25.40 -48.77 8.65
N PRO E 127 -24.86 -49.96 8.88
CA PRO E 127 -24.50 -50.83 7.76
C PRO E 127 -25.70 -51.57 7.21
N SER E 128 -25.59 -51.93 5.94
CA SER E 128 -26.56 -52.82 5.31
C SER E 128 -25.84 -54.14 5.06
N VAL E 129 -26.37 -55.22 5.61
CA VAL E 129 -25.64 -56.47 5.80
C VAL E 129 -26.17 -57.51 4.81
N PHE E 130 -25.27 -58.19 4.12
CA PHE E 130 -25.64 -59.20 3.15
C PHE E 130 -24.83 -60.47 3.36
N PRO E 131 -25.41 -61.64 3.06
CA PRO E 131 -24.65 -62.89 3.19
C PRO E 131 -23.80 -63.19 1.96
N LEU E 132 -22.59 -63.67 2.21
CA LEU E 132 -21.70 -64.19 1.18
C LEU E 132 -21.70 -65.71 1.35
N ALA E 133 -22.62 -66.35 0.63
CA ALA E 133 -22.97 -67.76 0.82
C ALA E 133 -21.94 -68.68 0.18
N PRO E 134 -21.77 -69.89 0.71
CA PRO E 134 -20.87 -70.87 0.11
C PRO E 134 -21.60 -71.80 -0.84
N SER E 135 -20.82 -72.58 -1.58
CA SER E 135 -21.32 -73.63 -2.44
C SER E 135 -20.78 -74.97 -1.96
N SER E 136 -21.31 -76.04 -2.53
CA SER E 136 -20.82 -77.39 -2.23
C SER E 136 -19.43 -77.56 -2.83
N LYS E 137 -18.45 -77.89 -1.99
CA LYS E 137 -17.03 -77.93 -2.34
C LYS E 137 -16.57 -76.61 -2.98
N SER E 138 -16.82 -75.52 -2.26
CA SER E 138 -16.56 -74.17 -2.76
C SER E 138 -15.09 -73.90 -3.02
N THR E 139 -14.27 -73.88 -1.97
CA THR E 139 -12.84 -73.64 -2.07
C THR E 139 -12.08 -74.67 -1.26
N SER E 140 -10.91 -75.06 -1.76
CA SER E 140 -9.99 -76.00 -1.09
C SER E 140 -10.62 -77.38 -0.88
N GLY E 141 -11.51 -77.80 -1.78
CA GLY E 141 -12.07 -79.14 -1.69
C GLY E 141 -12.99 -79.35 -0.52
N GLY E 142 -12.51 -80.05 0.51
CA GLY E 142 -13.28 -80.34 1.71
C GLY E 142 -13.45 -79.17 2.66
N THR E 143 -12.94 -78.00 2.32
CA THR E 143 -13.16 -76.76 3.05
C THR E 143 -14.27 -75.98 2.34
N ALA E 144 -14.89 -75.03 3.05
CA ALA E 144 -15.81 -74.08 2.45
C ALA E 144 -15.48 -72.68 2.97
N ALA E 145 -15.79 -71.68 2.14
CA ALA E 145 -15.53 -70.28 2.48
C ALA E 145 -16.82 -69.50 2.43
N LEU E 146 -17.21 -68.95 3.57
CA LEU E 146 -18.50 -68.32 3.81
C LEU E 146 -18.25 -66.94 4.42
N GLY E 147 -19.14 -65.99 4.15
CA GLY E 147 -18.90 -64.64 4.62
C GLY E 147 -20.10 -63.74 4.90
N CYS E 148 -19.83 -62.44 5.01
CA CYS E 148 -20.80 -61.48 5.52
C CYS E 148 -20.34 -60.07 5.15
N LEU E 149 -21.22 -59.29 4.51
CA LEU E 149 -20.84 -58.04 3.89
C LEU E 149 -21.43 -56.86 4.67
N VAL E 150 -20.57 -56.08 5.32
CA VAL E 150 -20.96 -54.84 5.96
C VAL E 150 -20.81 -53.73 4.91
N LYS E 151 -21.95 -53.22 4.40
CA LYS E 151 -21.94 -52.28 3.28
C LYS E 151 -22.42 -50.92 3.71
N ASP E 152 -21.78 -49.88 3.17
CA ASP E 152 -22.23 -48.50 3.29
C ASP E 152 -22.41 -48.10 4.75
N TYR E 153 -21.31 -48.14 5.49
CA TYR E 153 -21.33 -47.79 6.90
C TYR E 153 -20.45 -46.57 7.13
N PHE E 154 -20.90 -45.69 8.03
CA PHE E 154 -20.12 -44.52 8.37
C PHE E 154 -20.56 -44.04 9.75
N PRO E 155 -19.64 -43.59 10.61
CA PRO E 155 -18.19 -43.69 10.41
C PRO E 155 -17.63 -45.02 10.93
N GLU E 156 -16.35 -45.25 10.70
CA GLU E 156 -15.66 -46.42 11.23
C GLU E 156 -15.55 -46.25 12.75
N PRO E 157 -15.58 -47.36 13.53
CA PRO E 157 -15.58 -48.81 13.30
C PRO E 157 -16.88 -49.60 13.47
N VAL E 158 -16.94 -50.71 12.73
CA VAL E 158 -17.85 -51.79 13.02
C VAL E 158 -17.06 -52.92 13.67
N THR E 159 -17.77 -53.79 14.37
CA THR E 159 -17.21 -55.04 14.85
C THR E 159 -18.11 -56.16 14.38
N VAL E 160 -17.50 -57.20 13.83
CA VAL E 160 -18.21 -58.43 13.44
C VAL E 160 -17.76 -59.53 14.38
N SER E 161 -18.72 -60.30 14.88
CA SER E 161 -18.44 -61.58 15.52
C SER E 161 -19.28 -62.64 14.83
N TRP E 162 -18.90 -63.89 15.02
CA TRP E 162 -19.59 -65.01 14.39
C TRP E 162 -20.13 -65.93 15.47
N ASN E 163 -21.44 -66.22 15.38
CA ASN E 163 -22.16 -67.08 16.33
C ASN E 163 -22.03 -66.58 17.76
N SER E 164 -22.09 -65.26 17.91
CA SER E 164 -21.97 -64.55 19.21
C SER E 164 -20.64 -64.84 19.89
N GLY E 165 -19.60 -65.13 19.11
CA GLY E 165 -18.28 -65.41 19.65
C GLY E 165 -17.92 -66.87 19.79
N ALA E 166 -18.80 -67.78 19.36
CA ALA E 166 -18.45 -69.20 19.40
C ALA E 166 -17.36 -69.53 18.40
N LEU E 167 -17.51 -69.06 17.16
CA LEU E 167 -16.50 -69.24 16.13
C LEU E 167 -15.50 -68.08 16.20
N THR E 168 -14.26 -68.42 16.53
CA THR E 168 -13.14 -67.49 16.41
C THR E 168 -12.04 -68.02 15.51
N SER E 169 -11.84 -69.33 15.46
CA SER E 169 -10.90 -69.93 14.53
C SER E 169 -11.52 -70.01 13.15
N GLY E 170 -10.72 -69.69 12.13
CA GLY E 170 -11.18 -69.63 10.76
C GLY E 170 -11.66 -68.26 10.31
N VAL E 171 -11.89 -67.34 11.24
CA VAL E 171 -12.51 -66.06 10.94
C VAL E 171 -11.44 -65.06 10.51
N HIS E 172 -11.69 -64.37 9.40
CA HIS E 172 -10.89 -63.22 8.98
C HIS E 172 -11.84 -62.09 8.64
N THR E 173 -11.78 -61.01 9.41
CA THR E 173 -12.52 -59.79 9.13
C THR E 173 -11.57 -58.79 8.49
N PHE E 174 -11.83 -58.43 7.24
CA PHE E 174 -10.93 -57.60 6.45
C PHE E 174 -11.11 -56.12 6.79
N PRO E 175 -10.12 -55.28 6.50
CA PRO E 175 -10.30 -53.84 6.69
C PRO E 175 -11.28 -53.26 5.68
N ALA E 176 -11.64 -52.00 5.92
CA ALA E 176 -12.69 -51.35 5.16
C ALA E 176 -12.15 -50.65 3.91
N VAL E 177 -12.97 -50.63 2.87
CA VAL E 177 -12.80 -49.69 1.76
C VAL E 177 -13.66 -48.47 2.03
N LEU E 178 -13.01 -47.31 2.10
CA LEU E 178 -13.72 -46.04 2.01
C LEU E 178 -13.91 -45.76 0.53
N GLN E 179 -15.12 -46.01 0.02
CA GLN E 179 -15.39 -45.89 -1.40
C GLN E 179 -15.53 -44.41 -1.77
N SER E 180 -15.92 -44.15 -3.01
CA SER E 180 -16.02 -42.77 -3.49
C SER E 180 -17.14 -42.01 -2.79
N SER E 181 -18.20 -42.71 -2.36
CA SER E 181 -19.36 -42.06 -1.78
C SER E 181 -19.08 -41.46 -0.41
N GLY E 182 -17.93 -41.73 0.20
CA GLY E 182 -17.64 -41.28 1.55
C GLY E 182 -18.04 -42.26 2.63
N LEU E 183 -18.72 -43.33 2.27
CA LEU E 183 -19.10 -44.39 3.21
C LEU E 183 -18.05 -45.49 3.18
N TYR E 184 -17.93 -46.20 4.30
CA TYR E 184 -17.05 -47.36 4.35
C TYR E 184 -17.82 -48.62 3.97
N SER E 185 -17.07 -49.68 3.67
CA SER E 185 -17.63 -51.02 3.48
C SER E 185 -16.54 -52.03 3.76
N LEU E 186 -16.91 -53.12 4.42
CA LEU E 186 -15.98 -54.23 4.62
C LEU E 186 -16.72 -55.56 4.52
N SER E 187 -15.94 -56.63 4.48
CA SER E 187 -16.45 -57.99 4.48
C SER E 187 -15.68 -58.81 5.49
N SER E 188 -16.37 -59.78 6.10
CA SER E 188 -15.77 -60.68 7.08
C SER E 188 -16.12 -62.10 6.71
N VAL E 189 -15.12 -62.97 6.63
CA VAL E 189 -15.31 -64.34 6.16
C VAL E 189 -14.73 -65.33 7.16
N VAL E 190 -15.29 -66.53 7.14
CA VAL E 190 -14.80 -67.67 7.92
C VAL E 190 -14.68 -68.87 7.00
N THR E 191 -13.58 -69.60 7.12
CA THR E 191 -13.37 -70.83 6.36
C THR E 191 -13.63 -72.02 7.27
N VAL E 192 -14.52 -72.90 6.83
CA VAL E 192 -15.09 -73.95 7.69
C VAL E 192 -14.97 -75.29 6.96
N PRO E 193 -15.07 -76.40 7.69
CA PRO E 193 -15.22 -77.69 7.03
C PRO E 193 -16.48 -77.72 6.17
N SER E 194 -16.34 -78.25 4.95
CA SER E 194 -17.51 -78.43 4.10
C SER E 194 -18.41 -79.56 4.60
N SER E 195 -17.88 -80.43 5.45
CA SER E 195 -18.71 -81.43 6.12
C SER E 195 -19.76 -80.77 7.01
N SER E 196 -19.40 -79.66 7.65
CA SER E 196 -20.18 -79.09 8.74
C SER E 196 -21.33 -78.20 8.30
N LEU E 197 -21.51 -77.95 6.99
CA LEU E 197 -22.60 -77.08 6.55
C LEU E 197 -23.97 -77.64 6.90
N GLY E 198 -24.11 -78.97 6.91
CA GLY E 198 -25.41 -79.57 7.17
C GLY E 198 -25.92 -79.31 8.58
N THR E 199 -25.09 -79.56 9.58
CA THR E 199 -25.51 -79.33 10.97
C THR E 199 -25.25 -77.91 11.42
N GLN E 200 -24.01 -77.46 11.30
CA GLN E 200 -23.60 -76.21 11.94
C GLN E 200 -24.22 -75.00 11.27
N THR E 201 -24.58 -74.01 12.08
CA THR E 201 -25.25 -72.80 11.66
C THR E 201 -24.29 -71.63 11.85
N TYR E 202 -24.33 -70.67 10.93
CA TYR E 202 -23.37 -69.57 10.91
C TYR E 202 -24.10 -68.24 10.97
N ILE E 203 -24.09 -67.61 12.15
CA ILE E 203 -24.69 -66.30 12.37
C ILE E 203 -23.60 -65.24 12.27
N CYS E 204 -23.91 -64.13 11.62
CA CYS E 204 -23.02 -62.98 11.51
C CYS E 204 -23.55 -61.86 12.40
N ASN E 205 -22.75 -61.46 13.39
CA ASN E 205 -23.15 -60.48 14.39
C ASN E 205 -22.41 -59.17 14.15
N VAL E 206 -23.01 -58.30 13.36
CA VAL E 206 -22.47 -56.96 13.10
C VAL E 206 -23.01 -56.03 14.18
N ASN E 207 -22.14 -55.18 14.74
CA ASN E 207 -22.58 -54.13 15.65
C ASN E 207 -21.78 -52.85 15.42
N HIS E 208 -22.47 -51.82 14.95
CA HIS E 208 -21.87 -50.55 14.57
C HIS E 208 -22.31 -49.49 15.57
N LYS E 209 -21.48 -49.25 16.58
CA LYS E 209 -21.82 -48.38 17.70
C LYS E 209 -22.05 -46.88 17.41
N PRO E 210 -21.40 -46.25 16.42
CA PRO E 210 -21.80 -44.84 16.12
C PRO E 210 -23.23 -44.67 15.69
N SER E 211 -23.70 -45.45 14.72
CA SER E 211 -25.10 -45.40 14.33
C SER E 211 -26.01 -46.11 15.32
N ASN E 212 -25.44 -46.76 16.33
CA ASN E 212 -26.17 -47.54 17.35
C ASN E 212 -27.00 -48.64 16.70
N THR E 213 -26.30 -49.49 15.95
CA THR E 213 -26.94 -50.51 15.12
C THR E 213 -26.36 -51.88 15.45
N LYS E 214 -27.24 -52.85 15.68
CA LYS E 214 -26.86 -54.23 15.95
C LYS E 214 -27.63 -55.12 14.97
N VAL E 215 -26.93 -55.70 14.01
CA VAL E 215 -27.54 -56.53 12.98
C VAL E 215 -27.01 -57.95 13.13
N ASP E 216 -27.93 -58.91 13.18
CA ASP E 216 -27.60 -60.33 13.19
C ASP E 216 -28.19 -60.97 11.94
N LYS E 217 -27.32 -61.43 11.05
CA LYS E 217 -27.70 -61.99 9.75
C LYS E 217 -27.20 -63.42 9.68
N LYS E 218 -28.10 -64.36 9.40
CA LYS E 218 -27.72 -65.77 9.31
C LYS E 218 -27.43 -66.11 7.85
N VAL E 219 -26.24 -66.67 7.61
CA VAL E 219 -25.78 -67.01 6.28
C VAL E 219 -25.97 -68.51 6.08
N GLU E 220 -26.68 -68.89 5.01
CA GLU E 220 -26.93 -70.29 4.72
C GLU E 220 -26.69 -70.55 3.25
N PRO E 221 -26.36 -71.80 2.89
CA PRO E 221 -26.13 -72.13 1.48
C PRO E 221 -27.34 -71.88 0.60
N LYS E 222 -27.09 -71.35 -0.60
CA LYS E 222 -28.12 -70.95 -1.55
C LYS E 222 -27.49 -70.66 -2.91
N GLN F 1 1.66 -38.60 -12.41
CA GLN F 1 0.53 -39.47 -12.12
C GLN F 1 0.94 -40.93 -12.28
N SER F 2 0.95 -41.40 -13.53
CA SER F 2 1.41 -42.73 -13.88
C SER F 2 2.19 -42.70 -15.19
N ALA F 3 2.80 -41.55 -15.50
CA ALA F 3 3.42 -41.35 -16.81
C ALA F 3 4.61 -42.29 -17.02
N LEU F 4 5.37 -42.54 -15.97
CA LEU F 4 6.50 -43.46 -16.03
C LEU F 4 6.07 -44.82 -15.49
N THR F 5 6.61 -45.88 -16.10
CA THR F 5 6.28 -47.23 -15.72
C THR F 5 7.34 -47.77 -14.78
N GLN F 6 6.89 -48.44 -13.71
CA GLN F 6 7.79 -48.78 -12.62
C GLN F 6 7.14 -49.93 -11.85
N PRO F 7 7.91 -50.95 -11.44
CA PRO F 7 7.30 -52.24 -10.98
C PRO F 7 6.56 -52.10 -9.66
N PRO F 8 5.65 -53.03 -9.33
CA PRO F 8 4.89 -52.87 -8.07
C PRO F 8 5.69 -53.18 -6.81
N SER F 9 6.55 -54.19 -6.84
CA SER F 9 7.27 -54.59 -5.64
C SER F 9 8.70 -54.98 -6.00
N ALA F 10 9.58 -54.90 -5.00
CA ALA F 10 10.98 -55.28 -5.15
C ALA F 10 11.40 -56.07 -3.92
N SER F 11 11.69 -57.35 -4.10
CA SER F 11 12.10 -58.22 -3.01
C SER F 11 13.61 -58.21 -2.86
N GLY F 12 14.07 -58.25 -1.61
CA GLY F 12 15.49 -58.31 -1.34
C GLY F 12 15.81 -58.78 0.07
N SER F 13 16.71 -59.75 0.18
CA SER F 13 17.22 -60.16 1.48
C SER F 13 18.20 -59.11 2.01
N PRO F 14 18.32 -58.97 3.34
CA PRO F 14 19.24 -57.96 3.89
C PRO F 14 20.69 -58.20 3.47
N GLY F 15 21.38 -57.10 3.17
CA GLY F 15 22.74 -57.14 2.66
C GLY F 15 22.86 -57.28 1.16
N GLN F 16 21.78 -57.64 0.46
CA GLN F 16 21.83 -57.84 -0.98
C GLN F 16 21.75 -56.49 -1.70
N SER F 17 21.66 -56.55 -3.03
CA SER F 17 21.47 -55.38 -3.87
C SER F 17 20.18 -55.55 -4.67
N VAL F 18 19.39 -54.47 -4.72
CA VAL F 18 18.11 -54.44 -5.44
C VAL F 18 18.18 -53.34 -6.48
N THR F 19 17.47 -53.53 -7.59
CA THR F 19 17.40 -52.55 -8.66
C THR F 19 15.94 -52.31 -9.05
N ILE F 20 15.47 -51.09 -8.83
CA ILE F 20 14.14 -50.65 -9.25
C ILE F 20 14.29 -49.85 -10.53
N SER F 21 13.59 -50.25 -11.59
CA SER F 21 13.68 -49.59 -12.88
C SER F 21 12.53 -48.63 -13.10
N CYS F 22 12.82 -47.54 -13.80
CA CYS F 22 11.83 -46.53 -14.15
C CYS F 22 11.88 -46.34 -15.67
N THR F 23 10.88 -46.88 -16.37
CA THR F 23 10.89 -46.94 -17.83
C THR F 23 9.97 -45.87 -18.40
N GLY F 24 10.51 -45.06 -19.31
CA GLY F 24 9.74 -44.01 -19.95
C GLY F 24 9.82 -44.01 -21.46
N THR F 25 10.01 -42.83 -22.05
CA THR F 25 10.12 -42.67 -23.50
C THR F 25 11.36 -41.83 -23.82
N SER F 26 11.53 -41.55 -25.10
CA SER F 26 12.62 -40.70 -25.56
C SER F 26 12.35 -39.22 -25.32
N SER F 27 11.15 -38.86 -24.88
CA SER F 27 10.79 -37.47 -24.64
C SER F 27 10.84 -37.08 -23.17
N ASP F 28 10.87 -38.04 -22.24
CA ASP F 28 10.94 -37.71 -20.82
C ASP F 28 12.20 -38.22 -20.14
N VAL F 29 12.46 -39.53 -20.15
CA VAL F 29 13.66 -40.06 -19.53
C VAL F 29 14.78 -40.18 -20.55
N GLY F 30 14.45 -40.51 -21.80
CA GLY F 30 15.46 -40.65 -22.84
C GLY F 30 15.94 -39.36 -23.45
N GLY F 31 15.22 -38.26 -23.24
CA GLY F 31 15.60 -36.99 -23.85
C GLY F 31 16.40 -36.08 -22.95
N TYR F 32 16.30 -36.28 -21.65
CA TYR F 32 16.98 -35.43 -20.67
C TYR F 32 17.73 -36.30 -19.68
N ASN F 33 18.57 -35.64 -18.89
CA ASN F 33 19.21 -36.26 -17.72
C ASN F 33 18.66 -35.65 -16.43
N TYR F 34 17.39 -35.24 -16.46
CA TYR F 34 16.73 -34.60 -15.33
C TYR F 34 15.92 -35.60 -14.49
N VAL F 35 16.38 -36.86 -14.43
CA VAL F 35 15.68 -37.91 -13.69
C VAL F 35 16.04 -37.80 -12.21
N SER F 36 15.08 -38.10 -11.34
CA SER F 36 15.26 -38.05 -9.90
C SER F 36 14.64 -39.28 -9.25
N TRP F 37 14.92 -39.48 -7.97
CA TRP F 37 14.45 -40.64 -7.22
C TRP F 37 14.12 -40.26 -5.78
N TYR F 38 13.00 -40.76 -5.27
CA TYR F 38 12.50 -40.36 -3.96
C TYR F 38 12.07 -41.57 -3.13
N GLN F 39 12.49 -41.59 -1.87
CA GLN F 39 12.06 -42.53 -0.86
C GLN F 39 10.81 -42.00 -0.15
N GLN F 40 9.96 -42.90 0.32
CA GLN F 40 8.82 -42.49 1.14
C GLN F 40 8.46 -43.60 2.12
N HIS F 41 8.67 -43.35 3.40
CA HIS F 41 8.19 -44.20 4.47
C HIS F 41 6.71 -43.91 4.74
N PRO F 42 5.93 -44.91 5.21
CA PRO F 42 4.46 -44.76 5.21
C PRO F 42 3.97 -43.69 6.17
N GLY F 43 3.08 -42.84 5.68
CA GLY F 43 2.55 -41.74 6.47
C GLY F 43 3.51 -40.59 6.66
N LYS F 44 4.63 -40.58 5.95
CA LYS F 44 5.67 -39.57 6.09
C LYS F 44 6.00 -39.00 4.73
N ALA F 45 6.39 -37.72 4.72
CA ALA F 45 6.62 -36.99 3.48
C ALA F 45 7.83 -37.55 2.73
N PRO F 46 7.87 -37.41 1.40
CA PRO F 46 8.96 -38.00 0.62
C PRO F 46 10.31 -37.36 0.91
N LYS F 47 11.37 -38.05 0.47
CA LYS F 47 12.74 -37.66 0.69
C LYS F 47 13.56 -37.93 -0.56
N LEU F 48 14.38 -36.95 -0.96
CA LEU F 48 15.24 -37.10 -2.13
C LEU F 48 16.35 -38.09 -1.87
N MET F 49 16.64 -38.93 -2.86
CA MET F 49 17.71 -39.93 -2.76
C MET F 49 18.74 -39.82 -3.88
N ILE F 50 18.32 -39.61 -5.12
CA ILE F 50 19.21 -39.42 -6.26
C ILE F 50 18.71 -38.24 -7.08
N TYR F 51 19.66 -37.37 -7.42
CA TYR F 51 19.34 -36.18 -8.25
C TYR F 51 20.22 -36.18 -9.49
N GLU F 52 19.75 -35.61 -10.57
CA GLU F 52 20.52 -35.54 -11.83
C GLU F 52 21.03 -36.90 -12.28
N VAL F 53 20.20 -37.94 -12.26
CA VAL F 53 20.57 -39.28 -12.81
C VAL F 53 21.50 -40.08 -11.92
N SER F 54 22.70 -39.58 -11.61
CA SER F 54 23.66 -40.42 -10.87
C SER F 54 24.12 -39.71 -9.62
N LYS F 55 23.75 -38.46 -9.49
CA LYS F 55 24.35 -37.76 -8.36
C LYS F 55 23.58 -38.11 -7.09
N ARG F 56 24.15 -37.83 -5.93
CA ARG F 56 23.53 -38.22 -4.67
C ARG F 56 23.67 -37.06 -3.70
N PRO F 57 22.57 -36.58 -3.10
CA PRO F 57 22.70 -35.55 -2.06
C PRO F 57 23.41 -36.10 -0.84
N SER F 58 24.05 -35.19 -0.10
CA SER F 58 24.78 -35.58 1.09
C SER F 58 23.81 -36.09 2.15
N GLY F 59 24.32 -36.93 3.06
CA GLY F 59 23.52 -37.61 4.04
C GLY F 59 22.90 -38.89 3.52
N VAL F 60 22.70 -39.01 2.22
CA VAL F 60 22.26 -40.27 1.61
C VAL F 60 23.47 -41.20 1.51
N PRO F 61 23.36 -42.45 1.98
CA PRO F 61 24.53 -43.34 2.01
C PRO F 61 24.97 -43.78 0.62
N ASP F 62 26.22 -44.29 0.58
CA ASP F 62 26.86 -44.68 -0.68
C ASP F 62 26.06 -45.71 -1.45
N ARG F 63 25.35 -46.57 -0.73
CA ARG F 63 24.74 -47.77 -1.30
C ARG F 63 23.62 -47.46 -2.29
N PHE F 64 23.05 -46.25 -2.23
CA PHE F 64 22.07 -45.81 -3.22
C PHE F 64 22.81 -45.20 -4.40
N SER F 65 22.58 -45.72 -5.60
CA SER F 65 23.07 -45.06 -6.80
C SER F 65 22.19 -45.42 -7.98
N GLY F 66 21.97 -44.43 -8.85
CA GLY F 66 21.13 -44.60 -10.02
C GLY F 66 21.90 -44.35 -11.32
N SER F 67 21.25 -44.70 -12.42
CA SER F 67 21.77 -44.52 -13.77
C SER F 67 20.59 -44.63 -14.73
N LYS F 68 20.87 -44.45 -16.02
CA LYS F 68 19.83 -44.61 -17.03
C LYS F 68 20.43 -45.18 -18.30
N SER F 69 19.58 -45.85 -19.08
CA SER F 69 19.99 -46.47 -20.34
C SER F 69 18.84 -46.36 -21.32
N GLY F 70 19.05 -45.65 -22.42
CA GLY F 70 18.02 -45.45 -23.42
C GLY F 70 16.83 -44.68 -22.88
N ASN F 71 15.68 -45.34 -22.79
CA ASN F 71 14.46 -44.75 -22.25
C ASN F 71 14.15 -45.25 -20.85
N THR F 72 15.10 -45.92 -20.19
CA THR F 72 14.85 -46.55 -18.91
C THR F 72 15.94 -46.15 -17.92
N ALA F 73 15.53 -45.59 -16.79
CA ALA F 73 16.42 -45.35 -15.66
C ALA F 73 16.23 -46.46 -14.62
N SER F 74 17.13 -46.48 -13.64
CA SER F 74 17.06 -47.51 -12.60
C SER F 74 17.82 -47.04 -11.37
N LEU F 75 17.24 -47.32 -10.19
CA LEU F 75 17.86 -47.04 -8.90
C LEU F 75 18.31 -48.34 -8.26
N THR F 76 19.55 -48.38 -7.79
CA THR F 76 20.14 -49.60 -7.26
C THR F 76 20.54 -49.40 -5.80
N VAL F 77 20.02 -50.25 -4.92
CA VAL F 77 20.23 -50.15 -3.47
C VAL F 77 20.97 -51.39 -3.02
N SER F 78 22.28 -51.25 -2.83
CA SER F 78 23.11 -52.28 -2.25
C SER F 78 23.13 -52.12 -0.74
N GLY F 79 23.82 -53.04 -0.04
CA GLY F 79 23.94 -53.02 1.40
C GLY F 79 22.61 -52.88 2.10
N LEU F 80 21.67 -53.76 1.76
CA LEU F 80 20.29 -53.61 2.20
C LEU F 80 20.20 -53.60 3.71
N GLN F 81 19.59 -52.55 4.23
CA GLN F 81 19.38 -52.36 5.65
C GLN F 81 17.91 -52.00 5.80
N ALA F 82 17.34 -52.29 6.98
CA ALA F 82 15.90 -52.20 7.16
C ALA F 82 15.37 -50.77 6.99
N GLU F 83 16.22 -49.76 7.13
CA GLU F 83 15.84 -48.38 6.86
C GLU F 83 15.34 -48.18 5.43
N ASP F 84 15.67 -49.08 4.52
CA ASP F 84 15.35 -48.96 3.11
C ASP F 84 13.95 -49.48 2.75
N GLU F 85 13.23 -50.15 3.65
CA GLU F 85 11.89 -50.63 3.31
C GLU F 85 10.94 -49.44 3.22
N ALA F 86 10.55 -49.09 2.00
CA ALA F 86 9.73 -47.92 1.73
C ALA F 86 9.15 -48.04 0.32
N ASP F 87 8.39 -47.03 -0.08
CA ASP F 87 8.02 -46.87 -1.48
C ASP F 87 9.02 -45.96 -2.17
N TYR F 88 9.31 -46.25 -3.43
CA TYR F 88 10.32 -45.51 -4.19
C TYR F 88 9.71 -44.99 -5.49
N TYR F 89 9.80 -43.68 -5.68
CA TYR F 89 9.18 -42.97 -6.79
C TYR F 89 10.27 -42.33 -7.64
N CYS F 90 10.22 -42.55 -8.95
CA CYS F 90 11.08 -41.83 -9.88
C CYS F 90 10.33 -40.61 -10.42
N SER F 91 11.10 -39.68 -10.99
CA SER F 91 10.48 -38.51 -11.59
C SER F 91 11.35 -38.01 -12.74
N SER F 92 10.73 -37.30 -13.68
CA SER F 92 11.45 -36.77 -14.82
C SER F 92 10.65 -35.70 -15.55
N TYR F 93 11.36 -34.69 -16.04
CA TYR F 93 10.80 -33.66 -16.91
C TYR F 93 10.35 -34.26 -18.24
N ALA F 94 9.23 -33.78 -18.77
CA ALA F 94 8.72 -34.21 -20.06
C ALA F 94 8.73 -33.10 -21.11
N GLY F 95 9.48 -32.03 -20.86
CA GLY F 95 9.56 -30.90 -21.78
C GLY F 95 8.59 -29.78 -21.49
N SER F 96 7.36 -30.13 -21.11
CA SER F 96 6.35 -29.17 -20.71
C SER F 96 5.78 -29.48 -19.33
N ARG F 97 6.15 -30.60 -18.74
CA ARG F 97 5.53 -31.18 -17.56
C ARG F 97 6.58 -31.98 -16.82
N MET F 98 6.46 -32.05 -15.49
CA MET F 98 7.24 -32.99 -14.69
C MET F 98 6.32 -34.01 -14.08
N GLY F 99 6.52 -35.29 -14.39
CA GLY F 99 5.59 -36.32 -13.93
C GLY F 99 6.23 -37.45 -13.16
N PHE F 100 5.79 -37.64 -11.92
CA PHE F 100 6.19 -38.79 -11.12
C PHE F 100 5.58 -40.05 -11.73
N GLY F 101 6.12 -41.21 -11.35
CA GLY F 101 5.58 -42.41 -11.93
C GLY F 101 5.34 -43.56 -10.99
N GLY F 102 4.08 -43.96 -10.81
CA GLY F 102 3.72 -45.18 -10.09
C GLY F 102 4.29 -45.21 -8.69
N GLY F 103 4.77 -46.38 -8.29
CA GLY F 103 5.50 -46.60 -7.06
C GLY F 103 6.25 -47.92 -7.20
N THR F 104 6.97 -48.28 -6.14
CA THR F 104 7.63 -49.58 -5.98
C THR F 104 7.99 -49.73 -4.52
N LYS F 105 7.68 -50.89 -3.94
CA LYS F 105 7.91 -51.11 -2.52
C LYS F 105 9.08 -52.07 -2.35
N LEU F 106 10.22 -51.55 -1.87
CA LEU F 106 11.26 -52.47 -1.47
C LEU F 106 10.74 -53.22 -0.27
N THR F 107 10.95 -54.52 -0.21
CA THR F 107 10.50 -55.25 0.98
C THR F 107 11.73 -55.96 1.53
N VAL F 108 12.35 -55.39 2.56
CA VAL F 108 13.50 -56.04 3.17
C VAL F 108 13.01 -57.33 3.79
N LEU F 109 13.33 -58.45 3.15
CA LEU F 109 12.69 -59.71 3.47
C LEU F 109 13.15 -60.22 4.83
N GLY F 110 12.20 -60.39 5.74
CA GLY F 110 12.49 -60.99 7.02
C GLY F 110 11.58 -62.18 7.29
N GLN F 111 11.09 -62.79 6.20
CA GLN F 111 10.11 -63.87 6.27
C GLN F 111 10.05 -64.57 4.92
N PRO F 112 9.84 -65.90 4.88
CA PRO F 112 9.76 -66.60 3.59
C PRO F 112 8.61 -66.11 2.73
N LYS F 113 8.79 -66.21 1.42
CA LYS F 113 7.82 -65.68 0.46
C LYS F 113 6.52 -66.46 0.53
N ALA F 114 5.40 -65.73 0.59
CA ALA F 114 4.08 -66.31 0.72
C ALA F 114 3.20 -65.86 -0.44
N ALA F 115 2.60 -66.82 -1.14
CA ALA F 115 1.67 -66.57 -2.22
C ALA F 115 0.27 -66.27 -1.67
N PRO F 116 -0.51 -65.44 -2.36
CA PRO F 116 -1.83 -65.06 -1.82
C PRO F 116 -2.84 -66.19 -1.90
N SER F 117 -3.85 -66.09 -1.03
CA SER F 117 -5.01 -66.97 -1.04
C SER F 117 -6.25 -66.13 -1.30
N VAL F 118 -6.97 -66.43 -2.37
CA VAL F 118 -7.98 -65.53 -2.93
C VAL F 118 -9.33 -66.24 -2.93
N THR F 119 -10.37 -65.48 -2.59
CA THR F 119 -11.75 -65.95 -2.65
C THR F 119 -12.61 -64.89 -3.34
N LEU F 120 -13.41 -65.31 -4.32
CA LEU F 120 -14.31 -64.40 -5.03
C LEU F 120 -15.76 -64.79 -4.74
N PHE F 121 -16.55 -63.80 -4.30
CA PHE F 121 -17.97 -63.98 -4.06
C PHE F 121 -18.79 -63.21 -5.09
N PRO F 122 -19.89 -63.78 -5.57
CA PRO F 122 -20.81 -63.02 -6.43
C PRO F 122 -21.61 -62.04 -5.60
N PRO F 123 -22.34 -61.11 -6.23
CA PRO F 123 -23.32 -60.33 -5.46
C PRO F 123 -24.41 -61.25 -4.94
N SER F 124 -24.83 -60.99 -3.70
CA SER F 124 -25.90 -61.79 -3.13
C SER F 124 -27.21 -61.47 -3.84
N SER F 125 -28.13 -62.45 -3.82
CA SER F 125 -29.46 -62.23 -4.38
C SER F 125 -30.17 -61.12 -3.65
N GLU F 126 -29.97 -61.04 -2.33
CA GLU F 126 -30.57 -59.99 -1.52
C GLU F 126 -30.05 -58.61 -1.89
N GLU F 127 -28.77 -58.51 -2.27
CA GLU F 127 -28.21 -57.22 -2.64
C GLU F 127 -28.81 -56.71 -3.96
N LEU F 128 -28.95 -57.60 -4.94
CA LEU F 128 -29.52 -57.18 -6.22
C LEU F 128 -31.05 -57.18 -6.21
N GLN F 129 -31.67 -57.59 -5.11
CA GLN F 129 -33.05 -57.21 -4.85
C GLN F 129 -33.19 -55.71 -4.60
N ALA F 130 -32.11 -55.05 -4.20
CA ALA F 130 -32.07 -53.61 -4.01
C ALA F 130 -31.47 -52.88 -5.22
N ASN F 131 -31.38 -53.56 -6.37
CA ASN F 131 -30.91 -53.00 -7.64
C ASN F 131 -29.48 -52.46 -7.53
N LYS F 132 -28.64 -53.15 -6.75
CA LYS F 132 -27.21 -52.91 -6.69
C LYS F 132 -26.51 -54.24 -6.64
N ALA F 133 -25.32 -54.35 -7.23
CA ALA F 133 -24.61 -55.62 -7.29
C ALA F 133 -23.12 -55.38 -7.11
N THR F 134 -22.51 -56.09 -6.16
CA THR F 134 -21.11 -55.83 -5.79
C THR F 134 -20.36 -57.14 -5.61
N LEU F 135 -19.39 -57.38 -6.50
CA LEU F 135 -18.45 -58.48 -6.33
C LEU F 135 -17.50 -58.19 -5.18
N VAL F 136 -17.06 -59.24 -4.50
CA VAL F 136 -16.15 -59.14 -3.36
C VAL F 136 -15.00 -60.13 -3.58
N CYS F 137 -13.79 -59.60 -3.75
CA CYS F 137 -12.59 -60.42 -3.96
C CYS F 137 -11.65 -60.15 -2.80
N LEU F 138 -11.49 -61.13 -1.91
CA LEU F 138 -10.69 -61.00 -0.71
C LEU F 138 -9.42 -61.82 -0.84
N ILE F 139 -8.30 -61.21 -0.45
CA ILE F 139 -6.97 -61.76 -0.64
C ILE F 139 -6.30 -61.82 0.73
N SER F 140 -5.66 -62.95 1.06
CA SER F 140 -5.04 -63.02 2.36
C SER F 140 -3.76 -63.84 2.32
N ASP F 141 -2.90 -63.59 3.31
CA ASP F 141 -1.68 -64.35 3.59
C ASP F 141 -0.70 -64.33 2.41
N PHE F 142 -0.20 -63.14 2.10
CA PHE F 142 0.87 -62.98 1.13
C PHE F 142 1.98 -62.09 1.69
N TYR F 143 3.23 -62.49 1.42
CA TYR F 143 4.41 -61.73 1.76
C TYR F 143 5.28 -61.84 0.52
N PRO F 144 5.87 -60.72 0.03
CA PRO F 144 5.88 -59.32 0.47
C PRO F 144 4.54 -58.57 0.39
N GLY F 145 4.57 -57.32 0.82
CA GLY F 145 3.33 -56.59 1.08
C GLY F 145 2.53 -56.26 -0.17
N ALA F 146 3.21 -55.88 -1.25
CA ALA F 146 2.51 -55.32 -2.41
C ALA F 146 1.81 -56.40 -3.22
N VAL F 147 0.64 -56.04 -3.77
CA VAL F 147 -0.15 -56.94 -4.65
C VAL F 147 -0.83 -56.05 -5.70
N THR F 148 -1.25 -56.61 -6.83
CA THR F 148 -1.90 -55.86 -7.93
C THR F 148 -3.16 -56.60 -8.35
N VAL F 149 -4.31 -55.94 -8.29
CA VAL F 149 -5.60 -56.62 -8.57
C VAL F 149 -6.25 -56.04 -9.82
N ALA F 150 -6.64 -56.89 -10.75
CA ALA F 150 -7.31 -56.47 -11.98
C ALA F 150 -8.63 -57.21 -12.08
N TRP F 151 -9.60 -56.59 -12.73
CA TRP F 151 -10.91 -57.18 -12.94
C TRP F 151 -11.14 -57.35 -14.43
N LYS F 152 -11.68 -58.51 -14.78
CA LYS F 152 -11.86 -58.89 -16.18
C LYS F 152 -13.27 -59.42 -16.34
N ALA F 153 -14.06 -58.76 -17.16
CA ALA F 153 -15.44 -59.20 -17.42
C ALA F 153 -15.44 -59.99 -18.70
N ASP F 154 -16.11 -61.13 -18.75
CA ASP F 154 -15.98 -61.94 -19.98
C ASP F 154 -14.46 -62.12 -20.08
N SER F 155 -13.83 -61.72 -21.17
CA SER F 155 -12.35 -61.71 -21.20
C SER F 155 -11.92 -60.28 -21.50
N SER F 156 -12.81 -59.34 -21.23
CA SER F 156 -12.55 -57.91 -21.52
C SER F 156 -12.33 -57.11 -20.23
N PRO F 157 -11.28 -56.28 -20.09
CA PRO F 157 -10.97 -55.62 -18.81
C PRO F 157 -12.11 -54.78 -18.26
N VAL F 158 -12.15 -54.63 -16.93
CA VAL F 158 -13.12 -53.76 -16.27
C VAL F 158 -12.36 -52.60 -15.67
N LYS F 159 -12.36 -51.49 -16.41
CA LYS F 159 -11.67 -50.27 -16.03
C LYS F 159 -12.30 -49.59 -14.80
N ALA F 160 -13.63 -49.58 -14.69
CA ALA F 160 -14.31 -48.67 -13.79
C ALA F 160 -15.15 -49.42 -12.75
N GLY F 161 -15.29 -48.79 -11.59
CA GLY F 161 -16.04 -49.37 -10.49
C GLY F 161 -15.22 -50.15 -9.49
N VAL F 162 -13.89 -50.06 -9.56
CA VAL F 162 -12.99 -50.90 -8.78
C VAL F 162 -12.42 -50.07 -7.64
N GLU F 163 -12.70 -50.48 -6.41
CA GLU F 163 -12.11 -49.87 -5.22
C GLU F 163 -11.47 -50.95 -4.37
N THR F 164 -10.19 -50.77 -4.05
CA THR F 164 -9.38 -51.78 -3.39
C THR F 164 -8.68 -51.19 -2.16
N THR F 165 -8.64 -51.95 -1.07
CA THR F 165 -7.77 -51.58 0.04
C THR F 165 -6.32 -51.72 -0.37
N THR F 166 -5.49 -50.85 0.20
CA THR F 166 -4.07 -51.13 0.28
C THR F 166 -3.85 -52.33 1.19
N PRO F 167 -2.79 -53.11 0.97
CA PRO F 167 -2.53 -54.26 1.83
C PRO F 167 -2.31 -53.85 3.28
N SER F 168 -2.86 -54.63 4.19
CA SER F 168 -2.77 -54.39 5.62
C SER F 168 -2.11 -55.59 6.28
N LYS F 169 -1.13 -55.32 7.14
CA LYS F 169 -0.46 -56.38 7.87
C LYS F 169 -1.43 -57.03 8.85
N GLN F 170 -1.45 -58.36 8.85
CA GLN F 170 -2.38 -59.13 9.66
C GLN F 170 -1.64 -59.75 10.84
N SER F 171 -2.35 -60.61 11.59
CA SER F 171 -1.75 -61.32 12.72
C SER F 171 -0.58 -62.18 12.29
N ASN F 172 -0.66 -62.76 11.09
CA ASN F 172 0.33 -63.70 10.55
C ASN F 172 1.68 -63.06 10.27
N ASN F 173 1.77 -61.73 10.26
CA ASN F 173 2.84 -60.87 9.71
C ASN F 173 2.93 -60.94 8.19
N LYS F 174 2.08 -61.74 7.54
CA LYS F 174 1.85 -61.61 6.11
C LYS F 174 0.82 -60.49 5.91
N TYR F 175 0.39 -60.28 4.68
CA TYR F 175 -0.48 -59.16 4.36
C TYR F 175 -1.75 -59.66 3.71
N ALA F 176 -2.81 -58.87 3.84
CA ALA F 176 -4.11 -59.19 3.27
C ALA F 176 -4.69 -57.96 2.60
N ALA F 177 -5.44 -58.19 1.52
CA ALA F 177 -6.00 -57.11 0.72
C ALA F 177 -7.47 -57.39 0.43
N SER F 178 -8.20 -56.32 0.14
CA SER F 178 -9.63 -56.37 -0.10
C SER F 178 -9.96 -55.56 -1.35
N SER F 179 -10.74 -56.14 -2.25
CA SER F 179 -11.12 -55.47 -3.49
C SER F 179 -12.60 -55.69 -3.78
N TYR F 180 -13.31 -54.61 -4.08
CA TYR F 180 -14.74 -54.66 -4.39
C TYR F 180 -14.98 -54.05 -5.76
N LEU F 181 -15.83 -54.71 -6.55
CA LEU F 181 -16.22 -54.22 -7.87
C LEU F 181 -17.74 -54.07 -7.89
N SER F 182 -18.22 -52.88 -8.23
CA SER F 182 -19.63 -52.55 -8.15
C SER F 182 -20.25 -52.53 -9.54
N LEU F 183 -21.34 -53.29 -9.70
CA LEU F 183 -22.05 -53.41 -10.96
C LEU F 183 -23.50 -52.99 -10.80
N THR F 184 -24.13 -52.68 -11.91
CA THR F 184 -25.58 -52.76 -11.92
C THR F 184 -25.99 -54.23 -12.06
N PRO F 185 -27.16 -54.62 -11.54
CA PRO F 185 -27.63 -56.00 -11.77
C PRO F 185 -27.85 -56.33 -13.24
N GLU F 186 -28.20 -55.32 -14.04
CA GLU F 186 -28.31 -55.48 -15.49
C GLU F 186 -26.98 -55.91 -16.09
N GLN F 187 -25.89 -55.24 -15.71
CA GLN F 187 -24.56 -55.56 -16.24
C GLN F 187 -24.09 -56.93 -15.75
N TRP F 188 -24.40 -57.27 -14.50
CA TRP F 188 -23.94 -58.53 -13.92
C TRP F 188 -24.59 -59.73 -14.59
N LYS F 189 -25.87 -59.61 -14.96
CA LYS F 189 -26.56 -60.70 -15.64
C LYS F 189 -26.28 -60.72 -17.14
N SER F 190 -25.77 -59.62 -17.71
CA SER F 190 -25.49 -59.59 -19.14
C SER F 190 -24.25 -60.41 -19.48
N HIS F 191 -23.11 -60.03 -18.90
CA HIS F 191 -21.85 -60.72 -19.18
C HIS F 191 -21.86 -62.13 -18.58
N ARG F 192 -21.28 -63.08 -19.32
CA ARG F 192 -21.32 -64.48 -18.89
C ARG F 192 -20.23 -64.86 -17.91
N SER F 193 -19.32 -63.96 -17.56
CA SER F 193 -18.29 -64.30 -16.58
C SER F 193 -17.67 -63.02 -16.02
N TYR F 194 -17.32 -63.09 -14.73
CA TYR F 194 -16.51 -62.08 -14.07
C TYR F 194 -15.38 -62.76 -13.31
N SER F 195 -14.27 -62.05 -13.16
CA SER F 195 -13.08 -62.69 -12.59
C SER F 195 -12.19 -61.65 -11.94
N CYS F 196 -11.50 -62.08 -10.87
CA CYS F 196 -10.60 -61.22 -10.09
C CYS F 196 -9.17 -61.68 -10.35
N GLN F 197 -8.46 -60.96 -11.23
CA GLN F 197 -7.05 -61.20 -11.48
C GLN F 197 -6.24 -60.64 -10.31
N VAL F 198 -5.43 -61.49 -9.68
CA VAL F 198 -4.57 -61.09 -8.56
C VAL F 198 -3.15 -61.51 -8.92
N THR F 199 -2.22 -60.56 -8.94
CA THR F 199 -0.85 -60.92 -9.26
C THR F 199 0.13 -60.45 -8.19
N HIS F 200 0.96 -61.39 -7.73
CA HIS F 200 1.90 -61.20 -6.63
C HIS F 200 3.22 -61.81 -7.02
N GLU F 201 4.28 -60.99 -7.06
CA GLU F 201 5.64 -61.40 -7.44
C GLU F 201 5.67 -62.07 -8.81
N GLY F 202 4.93 -61.50 -9.77
CA GLY F 202 4.92 -61.99 -11.13
C GLY F 202 3.89 -63.06 -11.42
N SER F 203 3.53 -63.88 -10.43
CA SER F 203 2.57 -64.94 -10.60
C SER F 203 1.16 -64.40 -10.42
N THR F 204 0.24 -64.84 -11.28
CA THR F 204 -1.14 -64.35 -11.29
C THR F 204 -2.09 -65.49 -10.97
N VAL F 205 -2.86 -65.33 -9.89
CA VAL F 205 -3.94 -66.26 -9.57
C VAL F 205 -5.24 -65.64 -10.04
N GLU F 206 -6.20 -66.50 -10.39
CA GLU F 206 -7.46 -66.05 -10.98
C GLU F 206 -8.62 -66.78 -10.35
N LYS F 207 -9.61 -66.02 -9.88
CA LYS F 207 -10.86 -66.56 -9.36
C LYS F 207 -11.99 -66.06 -10.25
N THR F 208 -12.86 -66.97 -10.69
CA THR F 208 -13.88 -66.66 -11.70
C THR F 208 -15.25 -67.08 -11.20
N VAL F 209 -16.21 -66.14 -11.24
CA VAL F 209 -17.60 -66.38 -10.84
C VAL F 209 -18.53 -65.82 -11.90
N ALA F 210 -19.61 -66.54 -12.19
CA ALA F 210 -20.57 -66.22 -13.23
C ALA F 210 -21.99 -66.44 -12.70
N PRO F 211 -23.01 -65.74 -13.27
CA PRO F 211 -24.39 -65.98 -12.84
C PRO F 211 -24.99 -67.27 -13.40
N THR F 212 -24.81 -68.40 -12.70
CA THR F 212 -25.43 -69.61 -13.20
C THR F 212 -26.91 -69.74 -12.82
N GLU F 213 -27.40 -68.94 -11.88
CA GLU F 213 -28.83 -68.61 -11.84
C GLU F 213 -29.00 -67.16 -12.30
#